data_9HN4
#
_entry.id   9HN4
#
_cell.length_a   1.00
_cell.length_b   1.00
_cell.length_c   1.00
_cell.angle_alpha   90.00
_cell.angle_beta   90.00
_cell.angle_gamma   90.00
#
_symmetry.space_group_name_H-M   'P 1'
#
loop_
_entity.id
_entity.type
_entity.pdbx_description
1 polymer 'Double-strand-break repair protein rad21 homolog'
2 polymer Separin
3 non-polymer 'ZINC ION'
#
loop_
_entity_poly.entity_id
_entity_poly.type
_entity_poly.pdbx_seq_one_letter_code
_entity_poly.pdbx_strand_id
1 'polypeptide(L)'
;DITVKETKAKRKRKLIVDSVKELDSKTIRAQLSDYSDIVTTLDLAPPTKKLMMWKETGGVEKLFSLPAQPLWNNRLLKLF
TRCLTPLVPEDLRKRRKGGEADNLDEFLKEFENPEVPREDQQQQHQQRDVIDEPIIEEPSRLQE(SEP)VMEASRTNIDE
SAMPPPPPQGVKRKAGQIDPEPVMPPQQVEQMEIPPVELPPEEPPNICQLIPELELLPEKEKEKEKEKEDDEEEEDEDAS
GGDQD
;
A
2 'polypeptide(L)'
;MDYKDHDGDYKDHDIDYKDDDDKSGPGGSGGSGGGSGGGSGENLYFQGGGSGGSGMRSFKRVNFGTLLSSQKEAEELLPD
LKEFLSNPPAGFPSSRSDAERRQACDAILRACNQQLTAKLACPRHLGSLLELAELACDGYLVSTPQRPPLYLERILFVLL
RNAAAQGSPEVTLRLAQPLHACLVQCSREAAPQDYEAVARGSFSLLWKGAEALLERRAAFAARLKALSFLVLLEDESTPC
EVPHFASPTACRAVAAHQLFDASGHGLNEADADFLDDLLSRHVIRALVGERGSSSGLLSPQRALCLLELTLEHCRRFCWS
RHHDKAISAVEKAHSYLRNTNLAPSLQLCQLGVKLLQVGEEGPQAVAKLLIKASAVLSKSMEAPSPPLRALYESCQFFLS
GLERGTKRRYRLDAILSLFAFLGGYCSLLQQLRDDGVYGGSSKQQQSFLQMYFQGLHLYTVVVYDFAQGCQIVDLADLTQ
LVDSCKSTVVWMLEALEGLSGQELTDHMGMTASYTSNLAYSFYSHKLYAEACAISEPLCQHLGLVKPGTYPEVPPEKLHR
CFRLQVESLKKLGKQAQGCKMVILWLAALQPCSPEHMAEPVTFWVRVKMDAARAGDKELQLKTLRDSLSGWDPETLALLL
REELQAYKAVRADTGQERFNIICDLLELSPEETPAGAWARATHLVELAQVLCYHDFTQQTNCSALDAIREALQLLDSVRP
EAQARDQLLDDKAQALLWLYICTLEAKMQEGIERDRRAQAPGNLEEFEVNDLNYEDKLQEDRFLYSNIAFNLAADAAQSK
CLDQALALWKELLTKGQAPAVRCLQQTAASLQILAALYQLVAKPMQALEVLLLLRIVSERLKDHSKAAGSSCHITQLLLT
LGCPSYAQLHLEEAASSLKHLDQTTDTYLLLSLTCDLLRSQLYWTHQKVTKGVSLLLSVLRDPALQKSSKAWYLLRVQVL
QLVAAYLSLPSNNLSHSLWEQLCAQGWQTPEIALIDSHKLLRSIILLLMGSDILSTQKAAVETSFLDYGENLVQKWQVLS
EVLSCSEKLVCHLGRLGSVSEAKAFCLEALKLTTKLQIPRQCALFLVLKGELELARNDIDLCQSDLQQVLFLLESCTEFG
GVTQHLDSVKKVHLQKGKQQAQVPCPPQLPEEELFLRGPALELVATVAKEPGPIAPSTNSSPVLKTKPQPIPNFLSHSPT
CDCSLCASPVLTAVCLRWVLVTAGVRLAMGHQAQGLDLLQVVLKGCPEAAERLTQALQASLNHKTPPSLVPSLLDEILAQ
AYTLLALEGLNQPSNESLQKVLQSGLKFVAARIPHLEPWRASLLLIWALTKLGGLSCCTTQLFASSWGWQPPLIKSVPGS
EPSKTQGQKRSGRGRQKLASAPLSLNNTSQKGLEGRGLPCTPKPPDRIRQAGPHVPFTVFEEVCPTESKPEVPQAPRVQQ
RVQTRLKVNFSDDSDLEDPVSAEAWLAEEPKRRGTASRGRGRARKGLSLKTDAVVAPGSAPGNPGLNGRSRRAKKVASRH
CEERRPQRASDQARPGGLEVLFQGPGSGDSSKKKLPSPCPDKESDKDLGPRLQLPSAPVATGLSTLDSICDSLSVAFRGI
SHCPPSGLYAHLCRFLALCLGHRDPYATAFLVTESVSITCRHQLLTHLHRQLSKAQKHRGSLEIADQLQGLSLQEMPGDV
PLARIQRLFSFRALESGHFPQPEKESFQERLALIPSGVTVCVLALATLQPGTVGNTLLLTRLEKDSPPVSVQIPTGQNKL
HLRSVLNEFDAIQKAQKENSSCTDKREWWTGRLALDHRMEVLIASLEKSVLGCWKGLLLPSSEEPGPAQEASRLQELLQD
CGWKYPDRTLLKIMLSGAGALTPQDIQALAYGLCPTQPERAQELLNEAVGRLQGLTVPSNSHLVLVLDKDLQKLPWESMP
SLQALPVTRLPSFRFLLSYSIIKEYGASPVLSQGVDPRSTFYVLNPHNNLSSTEEQFRANFSSEAGWRGVVGEVPRPEQV
QEALTKHDLYIYAGHGAGARFLDGQAVLRLSCRAVALLFGSSSAALAVHGNLEGAGIVLKYIMAGCPLFLGNLWDVTDRD
IDRYTEALLQGWLGAGPGAPLLYYVNQARQAPRLKYLIGAAPIAYGLPVSLRSSLAEENLYFQSWSHPQFEKGGGSGGGS
GGGSWSHPQFEK
;
B
#
loop_
_chem_comp.id
_chem_comp.type
_chem_comp.name
_chem_comp.formula
ZN non-polymer 'ZINC ION' 'Zn 2'
#
# COMPACT_ATOMS: atom_id res chain seq x y z
N GLU A 110 -44.69 37.88 -29.43
CA GLU A 110 -45.20 38.01 -28.07
C GLU A 110 -44.40 37.14 -27.10
N PHE A 111 -45.03 36.79 -25.98
CA PHE A 111 -44.41 35.94 -24.97
C PHE A 111 -44.75 34.48 -25.27
N GLU A 112 -43.72 33.66 -25.44
CA GLU A 112 -43.90 32.24 -25.65
C GLU A 112 -43.88 31.49 -24.31
N ASN A 113 -44.05 30.18 -24.37
CA ASN A 113 -44.06 29.38 -23.16
C ASN A 113 -42.65 29.30 -22.55
N PRO A 114 -42.57 29.07 -21.24
CA PRO A 114 -41.25 28.93 -20.61
C PRO A 114 -40.50 27.72 -21.14
N GLU A 115 -39.18 27.81 -21.12
CA GLU A 115 -38.30 26.74 -21.57
C GLU A 115 -37.79 25.95 -20.38
N VAL A 116 -37.90 24.63 -20.46
CA VAL A 116 -37.46 23.76 -19.37
C VAL A 116 -35.93 23.76 -19.31
N PRO A 117 -35.34 23.59 -18.14
CA PRO A 117 -33.88 23.58 -18.04
C PRO A 117 -33.28 22.27 -18.54
N ARG A 118 -32.00 22.34 -18.88
CA ARG A 118 -31.25 21.19 -19.37
C ARG A 118 -30.40 20.55 -18.27
N GLU A 119 -30.57 20.97 -17.02
CA GLU A 119 -29.87 20.33 -15.91
C GLU A 119 -30.47 18.94 -15.67
N ASP A 120 -29.63 18.04 -15.14
CA ASP A 120 -30.07 16.67 -14.92
C ASP A 120 -31.25 16.60 -13.95
N GLN A 121 -31.11 17.25 -12.79
CA GLN A 121 -32.15 17.30 -11.76
C GLN A 121 -32.62 15.90 -11.38
N GLN A 122 -31.68 15.09 -10.92
CA GLN A 122 -31.97 13.72 -10.51
C GLN A 122 -32.92 13.67 -9.32
N PRO A 134 -13.64 8.80 -7.17
CA PRO A 134 -12.33 8.22 -7.42
C PRO A 134 -12.36 6.73 -7.21
N ILE A 135 -11.83 5.96 -8.17
CA ILE A 135 -11.91 4.48 -8.08
C ILE A 135 -10.66 3.92 -7.39
N ILE A 136 -10.85 3.05 -6.39
CA ILE A 136 -9.68 2.36 -5.78
C ILE A 136 -9.43 1.13 -6.66
N GLU A 137 -8.24 1.01 -7.25
CA GLU A 137 -7.98 -0.10 -8.22
C GLU A 137 -8.43 -1.45 -7.67
N GLU A 138 -9.06 -2.28 -8.50
CA GLU A 138 -9.52 -3.62 -8.06
C GLU A 138 -8.30 -4.47 -7.63
N PRO A 139 -8.39 -5.21 -6.51
CA PRO A 139 -7.24 -5.96 -6.02
C PRO A 139 -6.66 -6.89 -7.08
N SER A 140 -5.33 -6.90 -7.19
CA SER A 140 -4.65 -7.75 -8.21
C SER A 140 -4.55 -9.19 -7.70
N ARG A 141 -4.10 -10.11 -8.57
CA ARG A 141 -3.95 -11.52 -8.15
C ARG A 141 -2.48 -11.77 -7.77
N LEU A 142 -2.20 -11.98 -6.49
CA LEU A 142 -0.81 -12.25 -6.04
C LEU A 142 -0.53 -13.77 -6.17
N GLN A 143 0.68 -14.13 -6.57
CA GLN A 143 1.01 -15.58 -6.80
C GLN A 143 1.04 -16.32 -5.45
N GLU A 144 0.80 -17.62 -5.47
CA GLU A 144 0.73 -18.41 -4.21
C GLU A 144 2.14 -18.67 -3.69
N SEP A 145 2.28 -18.98 -2.39
CA SEP A 145 3.60 -19.30 -1.80
CB SEP A 145 3.46 -19.61 -0.33
OG SEP A 145 3.09 -18.42 0.38
C SEP A 145 4.25 -20.47 -2.56
O SEP A 145 3.53 -21.45 -2.83
P SEP A 145 2.89 -18.54 1.96
O1P SEP A 145 3.14 -17.16 2.55
O2P SEP A 145 1.47 -19.02 2.17
O3P SEP A 145 3.93 -19.54 2.42
N VAL A 146 5.54 -20.38 -2.86
CA VAL A 146 6.24 -21.44 -3.64
C VAL A 146 6.57 -22.60 -2.68
N MET A 147 6.04 -23.80 -2.96
CA MET A 147 6.26 -24.94 -2.04
C MET A 147 7.77 -25.15 -1.87
N GLU A 148 8.30 -24.84 -0.68
CA GLU A 148 9.76 -24.96 -0.44
C GLU A 148 10.13 -26.45 -0.31
N ALA A 149 11.28 -26.84 -0.85
CA ALA A 149 11.72 -28.25 -0.76
C ALA A 149 11.78 -28.68 0.71
N SER A 150 11.21 -29.84 1.02
CA SER A 150 11.21 -30.34 2.42
C SER A 150 12.65 -30.31 2.98
N ALA A 158 17.42 -34.27 3.71
CA ALA A 158 18.14 -33.81 4.92
C ALA A 158 18.58 -35.01 5.75
N MET A 159 18.43 -36.22 5.19
CA MET A 159 18.82 -37.45 5.92
C MET A 159 20.32 -37.39 6.25
N PRO A 160 20.73 -37.43 7.53
CA PRO A 160 22.13 -37.30 7.88
C PRO A 160 22.86 -38.64 7.95
N PRO A 161 24.21 -38.64 7.96
CA PRO A 161 24.97 -39.89 8.12
C PRO A 161 24.81 -40.43 9.53
N PRO A 162 25.15 -41.72 9.77
CA PRO A 162 25.09 -42.28 11.12
C PRO A 162 25.53 -41.28 12.17
N GLY B 362 47.00 -54.95 -4.47
CA GLY B 362 47.17 -55.43 -5.85
C GLY B 362 46.10 -56.45 -6.20
N PRO B 363 45.49 -56.38 -7.40
CA PRO B 363 44.40 -57.30 -7.71
C PRO B 363 44.85 -58.74 -7.59
N GLN B 364 45.98 -59.06 -8.24
CA GLN B 364 46.53 -60.44 -8.17
C GLN B 364 46.90 -60.77 -6.71
N ALA B 365 47.52 -59.81 -6.01
CA ALA B 365 47.92 -60.02 -4.60
C ALA B 365 46.67 -60.26 -3.76
N VAL B 366 45.64 -59.43 -3.96
CA VAL B 366 44.36 -59.59 -3.20
C VAL B 366 43.76 -60.97 -3.55
N ALA B 367 43.82 -61.35 -4.83
CA ALA B 367 43.31 -62.67 -5.26
C ALA B 367 44.10 -63.77 -4.55
N LYS B 368 45.43 -63.62 -4.50
CA LYS B 368 46.28 -64.63 -3.80
C LYS B 368 45.89 -64.66 -2.32
N LEU B 369 45.70 -63.47 -1.71
CA LEU B 369 45.28 -63.40 -0.29
C LEU B 369 43.90 -64.05 -0.15
N LEU B 370 42.99 -63.74 -1.08
CA LEU B 370 41.63 -64.33 -1.06
C LEU B 370 41.77 -65.85 -1.23
N ILE B 371 42.66 -66.28 -2.14
CA ILE B 371 42.88 -67.74 -2.36
C ILE B 371 43.38 -68.35 -1.04
N LYS B 372 44.32 -67.67 -0.38
CA LYS B 372 44.85 -68.16 0.92
C LYS B 372 43.68 -68.28 1.91
N ALA B 373 42.86 -67.22 2.00
CA ALA B 373 41.70 -67.24 2.92
C ALA B 373 40.76 -68.39 2.53
N SER B 374 40.47 -68.52 1.24
CA SER B 374 39.56 -69.60 0.75
C SER B 374 40.18 -70.96 1.07
N ALA B 375 41.47 -71.13 0.78
CA ALA B 375 42.14 -72.43 1.04
C ALA B 375 42.11 -72.71 2.54
N VAL B 376 42.37 -71.68 3.35
CA VAL B 376 42.34 -71.84 4.83
C VAL B 376 40.92 -72.28 5.22
N LEU B 377 39.91 -71.61 4.67
CA LEU B 377 38.49 -71.96 4.98
C LEU B 377 38.22 -73.39 4.53
N SER B 378 38.69 -73.76 3.34
CA SER B 378 38.49 -75.14 2.82
C SER B 378 39.18 -76.14 3.76
N LYS B 379 40.42 -75.83 4.16
CA LYS B 379 41.15 -76.72 5.10
C LYS B 379 40.37 -76.76 6.43
N SER B 380 39.87 -75.60 6.88
CA SER B 380 39.10 -75.53 8.14
C SER B 380 37.83 -76.38 8.01
N MET B 381 37.18 -76.34 6.84
CA MET B 381 35.96 -77.15 6.61
C MET B 381 36.34 -78.64 6.77
N GLU B 382 37.46 -79.04 6.18
CA GLU B 382 37.92 -80.45 6.29
C GLU B 382 38.53 -80.68 7.69
N ALA B 383 38.70 -79.62 8.48
CA ALA B 383 39.36 -79.76 9.81
C ALA B 383 38.33 -80.18 10.86
N PRO B 384 38.22 -81.49 11.18
CA PRO B 384 37.31 -81.91 12.24
C PRO B 384 37.81 -81.48 13.60
N SER B 385 39.12 -81.65 13.84
CA SER B 385 39.72 -81.28 15.15
C SER B 385 39.56 -79.78 15.39
N PRO B 386 39.30 -79.33 16.64
CA PRO B 386 39.07 -77.90 16.89
C PRO B 386 40.15 -77.04 16.25
N PRO B 387 39.77 -76.02 15.46
CA PRO B 387 40.76 -75.11 14.90
C PRO B 387 41.02 -73.94 15.84
N LEU B 388 41.22 -74.25 17.13
CA LEU B 388 41.52 -73.17 18.11
C LEU B 388 42.79 -72.43 17.65
N ARG B 389 43.81 -73.17 17.21
CA ARG B 389 45.05 -72.55 16.70
C ARG B 389 44.69 -71.70 15.47
N ALA B 390 43.81 -72.22 14.61
CA ALA B 390 43.39 -71.46 13.41
C ALA B 390 42.68 -70.17 13.85
N LEU B 391 41.90 -70.25 14.92
CA LEU B 391 41.21 -69.04 15.44
C LEU B 391 42.27 -68.00 15.83
N TYR B 392 43.34 -68.44 16.50
CA TYR B 392 44.44 -67.51 16.88
C TYR B 392 45.07 -66.94 15.61
N GLU B 393 45.31 -67.81 14.62
CA GLU B 393 45.91 -67.35 13.34
C GLU B 393 44.94 -66.36 12.67
N SER B 394 43.64 -66.64 12.76
CA SER B 394 42.62 -65.72 12.16
C SER B 394 42.71 -64.35 12.84
N CYS B 395 42.92 -64.35 14.16
CA CYS B 395 43.06 -63.07 14.91
C CYS B 395 44.25 -62.28 14.32
N GLN B 396 45.36 -62.97 14.04
CA GLN B 396 46.55 -62.30 13.45
C GLN B 396 46.17 -61.73 12.07
N PHE B 397 45.46 -62.52 11.26
CA PHE B 397 45.03 -62.04 9.92
C PHE B 397 44.14 -60.82 10.08
N PHE B 398 43.23 -60.86 11.05
CA PHE B 398 42.32 -59.72 11.30
C PHE B 398 43.15 -58.50 11.68
N LEU B 399 44.18 -58.71 12.51
CA LEU B 399 45.06 -57.60 12.92
C LEU B 399 45.72 -56.99 11.68
N SER B 400 46.18 -57.83 10.75
CA SER B 400 46.77 -57.32 9.49
C SER B 400 45.72 -56.47 8.75
N GLY B 401 44.49 -56.96 8.67
CA GLY B 401 43.41 -56.20 8.01
C GLY B 401 43.18 -54.88 8.70
N LEU B 402 43.24 -54.86 10.04
CA LEU B 402 43.01 -53.62 10.82
C LEU B 402 44.11 -52.59 10.48
N GLU B 403 45.37 -53.04 10.44
CA GLU B 403 46.48 -52.13 10.07
C GLU B 403 46.23 -51.60 8.67
N ARG B 404 45.79 -52.48 7.75
CA ARG B 404 45.48 -52.04 6.36
C ARG B 404 44.18 -51.23 6.38
N GLY B 405 43.38 -51.36 7.44
CA GLY B 405 42.10 -50.64 7.54
C GLY B 405 42.31 -49.14 7.44
N THR B 406 43.47 -48.65 7.90
CA THR B 406 43.78 -47.21 7.77
C THR B 406 43.61 -46.80 6.32
N LYS B 407 44.16 -47.59 5.39
CA LYS B 407 44.06 -47.27 3.94
C LYS B 407 42.62 -47.45 3.46
N ARG B 408 41.96 -48.55 3.84
CA ARG B 408 40.55 -48.80 3.45
C ARG B 408 40.39 -48.76 1.92
N ARG B 409 41.13 -49.61 1.19
CA ARG B 409 40.97 -49.68 -0.29
C ARG B 409 40.87 -51.15 -0.71
N TYR B 410 39.82 -51.52 -1.45
CA TYR B 410 39.62 -52.94 -1.85
C TYR B 410 38.70 -53.03 -3.06
N ARG B 411 38.74 -54.16 -3.78
CA ARG B 411 37.85 -54.38 -4.95
C ARG B 411 36.51 -54.94 -4.44
N LEU B 412 35.76 -55.67 -5.28
CA LEU B 412 34.44 -56.12 -4.78
C LEU B 412 34.52 -57.63 -4.52
N ASP B 413 35.13 -58.39 -5.45
CA ASP B 413 35.33 -59.83 -5.20
C ASP B 413 36.22 -59.97 -3.96
N ALA B 414 37.16 -59.04 -3.79
CA ALA B 414 38.04 -59.06 -2.60
C ALA B 414 37.18 -58.87 -1.35
N ILE B 415 36.28 -57.88 -1.38
CA ILE B 415 35.36 -57.64 -0.23
C ILE B 415 34.49 -58.89 -0.03
N LEU B 416 34.02 -59.48 -1.14
CA LEU B 416 33.18 -60.70 -1.05
C LEU B 416 33.99 -61.82 -0.39
N SER B 417 35.23 -62.00 -0.84
CA SER B 417 36.11 -63.04 -0.24
C SER B 417 36.35 -62.73 1.24
N LEU B 418 36.55 -61.44 1.55
CA LEU B 418 36.74 -61.02 2.96
C LEU B 418 35.49 -61.41 3.76
N PHE B 419 34.31 -61.15 3.20
CA PHE B 419 33.04 -61.50 3.88
C PHE B 419 33.01 -63.02 4.12
N ALA B 420 33.39 -63.79 3.10
CA ALA B 420 33.39 -65.27 3.22
C ALA B 420 34.32 -65.69 4.37
N PHE B 421 35.54 -65.15 4.38
CA PHE B 421 36.51 -65.50 5.45
C PHE B 421 35.96 -65.04 6.79
N LEU B 422 35.39 -63.84 6.83
CA LEU B 422 34.83 -63.30 8.10
C LEU B 422 33.71 -64.24 8.58
N GLY B 423 32.90 -64.74 7.65
CA GLY B 423 31.82 -65.67 8.00
C GLY B 423 32.38 -66.89 8.70
N GLY B 424 33.44 -67.47 8.12
CA GLY B 424 34.09 -68.64 8.76
C GLY B 424 34.59 -68.28 10.14
N TYR B 425 35.17 -67.09 10.28
CA TYR B 425 35.72 -66.65 11.59
C TYR B 425 34.58 -66.59 12.61
N CYS B 426 33.47 -65.97 12.22
CA CYS B 426 32.30 -65.86 13.13
C CYS B 426 31.80 -67.28 13.46
N SER B 427 31.76 -68.16 12.46
CA SER B 427 31.31 -69.56 12.68
C SER B 427 32.21 -70.22 13.72
N LEU B 428 33.54 -70.07 13.57
CA LEU B 428 34.50 -70.67 14.52
C LEU B 428 34.28 -70.05 15.91
N LEU B 429 34.07 -68.74 15.97
CA LEU B 429 33.83 -68.06 17.27
C LEU B 429 32.58 -68.67 17.92
N GLN B 430 31.49 -68.79 17.14
CA GLN B 430 30.24 -69.39 17.66
C GLN B 430 30.50 -70.87 18.01
N GLN B 431 31.24 -71.58 17.17
CA GLN B 431 31.55 -73.01 17.42
C GLN B 431 32.31 -73.12 18.75
N LEU B 432 33.30 -72.25 18.96
CA LEU B 432 34.08 -72.27 20.23
C LEU B 432 33.13 -71.95 21.38
N ARG B 433 32.31 -70.91 21.23
CA ARG B 433 31.35 -70.54 22.30
C ARG B 433 30.46 -71.76 22.60
N ASP B 434 29.97 -72.42 21.55
CA ASP B 434 29.12 -73.63 21.74
C ASP B 434 29.95 -74.73 22.39
N ASP B 435 31.19 -74.91 21.94
CA ASP B 435 32.07 -75.98 22.49
C ASP B 435 32.16 -75.79 24.01
N GLY B 436 32.14 -76.90 24.77
CA GLY B 436 32.19 -76.81 26.24
C GLY B 436 33.35 -75.95 26.70
N VAL B 437 34.42 -75.92 25.91
CA VAL B 437 35.61 -75.08 26.26
C VAL B 437 35.12 -73.66 26.60
N TYR B 438 34.40 -73.02 25.68
CA TYR B 438 33.84 -71.66 25.96
C TYR B 438 32.40 -71.83 26.46
N GLY B 439 31.84 -73.03 26.28
CA GLY B 439 30.50 -73.28 26.85
C GLY B 439 30.57 -73.13 28.35
N GLY B 440 31.54 -73.81 28.98
CA GLY B 440 31.73 -73.63 30.43
C GLY B 440 32.35 -72.27 30.71
N SER B 441 33.32 -71.87 29.90
CA SER B 441 33.96 -70.54 30.07
C SER B 441 33.11 -69.48 29.36
N SER B 442 31.96 -69.14 29.92
CA SER B 442 31.06 -68.14 29.30
C SER B 442 31.82 -66.83 29.06
N LYS B 443 32.80 -66.51 29.92
CA LYS B 443 33.63 -65.30 29.70
C LYS B 443 34.38 -65.44 28.38
N GLN B 444 34.93 -66.64 28.12
CA GLN B 444 35.62 -66.88 26.82
C GLN B 444 34.58 -66.77 25.70
N GLN B 445 33.38 -67.31 25.91
CA GLN B 445 32.30 -67.17 24.91
C GLN B 445 31.99 -65.68 24.73
N GLN B 446 31.94 -64.92 25.84
CA GLN B 446 31.71 -63.46 25.76
C GLN B 446 32.88 -62.82 25.02
N SER B 447 34.11 -63.26 25.33
CA SER B 447 35.30 -62.73 24.62
C SER B 447 35.18 -63.12 23.13
N PHE B 448 34.71 -64.34 22.85
CA PHE B 448 34.51 -64.77 21.44
C PHE B 448 33.49 -63.86 20.80
N LEU B 449 32.43 -63.51 21.55
CA LEU B 449 31.40 -62.59 21.03
C LEU B 449 32.05 -61.22 20.76
N GLN B 450 32.90 -60.76 21.69
CA GLN B 450 33.60 -59.46 21.50
C GLN B 450 34.49 -59.54 20.25
N MET B 451 35.13 -60.69 20.04
CA MET B 451 35.99 -60.88 18.84
C MET B 451 35.10 -60.81 17.58
N TYR B 452 33.95 -61.47 17.61
CA TYR B 452 33.01 -61.41 16.45
C TYR B 452 32.55 -59.96 16.29
N PHE B 453 32.31 -59.28 17.41
CA PHE B 453 31.87 -57.86 17.38
C PHE B 453 32.97 -57.01 16.75
N GLN B 454 34.23 -57.31 17.09
CA GLN B 454 35.37 -56.58 16.49
C GLN B 454 35.35 -56.80 14.97
N GLY B 455 35.14 -58.06 14.55
CA GLY B 455 35.03 -58.35 13.11
C GLY B 455 33.88 -57.58 12.51
N LEU B 456 32.76 -57.49 13.23
CA LEU B 456 31.58 -56.75 12.74
C LEU B 456 31.94 -55.27 12.56
N HIS B 457 32.64 -54.69 13.54
CA HIS B 457 33.06 -53.27 13.43
C HIS B 457 33.95 -53.10 12.19
N LEU B 458 34.86 -54.05 11.98
CA LEU B 458 35.75 -53.99 10.79
C LEU B 458 34.87 -54.05 9.53
N TYR B 459 33.88 -54.93 9.51
CA TYR B 459 33.00 -55.09 8.31
C TYR B 459 32.29 -53.76 8.06
N THR B 460 31.79 -53.14 9.14
CA THR B 460 31.07 -51.85 8.99
C THR B 460 32.00 -50.84 8.35
N VAL B 461 33.23 -50.75 8.86
CA VAL B 461 34.22 -49.78 8.33
C VAL B 461 34.44 -50.06 6.84
N VAL B 462 34.67 -51.33 6.49
CA VAL B 462 34.95 -51.70 5.07
C VAL B 462 33.75 -51.27 4.21
N VAL B 463 32.53 -51.58 4.67
CA VAL B 463 31.32 -51.25 3.87
C VAL B 463 31.26 -49.73 3.65
N TYR B 464 31.47 -48.95 4.71
CA TYR B 464 31.38 -47.48 4.60
C TYR B 464 32.39 -47.00 3.55
N ASP B 465 33.63 -47.50 3.65
CA ASP B 465 34.69 -47.06 2.72
C ASP B 465 34.29 -47.42 1.29
N PHE B 466 33.87 -48.66 1.07
CA PHE B 466 33.50 -49.10 -0.30
C PHE B 466 32.34 -48.24 -0.81
N ALA B 467 31.35 -48.00 0.04
CA ALA B 467 30.17 -47.22 -0.37
C ALA B 467 30.60 -45.81 -0.78
N GLN B 468 31.47 -45.19 0.02
CA GLN B 468 31.91 -43.81 -0.27
C GLN B 468 32.60 -43.79 -1.64
N GLY B 469 33.51 -44.74 -1.88
CA GLY B 469 34.24 -44.80 -3.17
C GLY B 469 33.33 -45.26 -4.29
N CYS B 470 32.25 -45.97 -3.95
CA CYS B 470 31.36 -46.53 -4.99
C CYS B 470 30.84 -45.40 -5.91
N GLN B 471 30.96 -45.58 -7.22
CA GLN B 471 30.42 -44.58 -8.18
C GLN B 471 28.98 -44.98 -8.53
N ILE B 472 28.29 -44.14 -9.31
CA ILE B 472 26.87 -44.42 -9.68
C ILE B 472 26.82 -45.79 -10.40
N VAL B 473 27.75 -46.05 -11.31
CA VAL B 473 27.74 -47.33 -12.10
C VAL B 473 28.03 -48.51 -11.16
N ASP B 474 28.91 -48.32 -10.18
CA ASP B 474 29.32 -49.44 -9.28
C ASP B 474 28.13 -49.94 -8.46
N LEU B 475 27.04 -49.17 -8.40
CA LEU B 475 25.88 -49.52 -7.55
C LEU B 475 25.52 -51.01 -7.71
N ALA B 476 25.82 -51.63 -8.85
CA ALA B 476 25.37 -53.03 -9.04
C ALA B 476 26.13 -53.94 -8.07
N ASP B 477 27.45 -53.76 -7.96
CA ASP B 477 28.25 -54.55 -7.00
C ASP B 477 27.83 -54.15 -5.58
N LEU B 478 27.55 -52.86 -5.36
CA LEU B 478 27.12 -52.39 -4.03
C LEU B 478 25.84 -53.15 -3.63
N THR B 479 24.98 -53.46 -4.60
CA THR B 479 23.76 -54.24 -4.31
C THR B 479 24.16 -55.61 -3.80
N GLN B 480 25.15 -56.24 -4.45
CA GLN B 480 25.63 -57.56 -3.99
C GLN B 480 26.19 -57.42 -2.57
N LEU B 481 26.96 -56.35 -2.33
CA LEU B 481 27.52 -56.11 -0.97
C LEU B 481 26.35 -55.92 0.01
N VAL B 482 25.29 -55.25 -0.42
CA VAL B 482 24.10 -55.01 0.46
C VAL B 482 23.50 -56.36 0.85
N ASP B 483 23.44 -57.31 -0.09
CA ASP B 483 22.92 -58.66 0.23
C ASP B 483 23.77 -59.28 1.34
N SER B 484 25.10 -59.20 1.21
CA SER B 484 26.02 -59.73 2.25
C SER B 484 25.77 -58.98 3.57
N CYS B 485 25.59 -57.66 3.50
CA CYS B 485 25.36 -56.85 4.72
C CYS B 485 24.08 -57.33 5.42
N LYS B 486 23.03 -57.63 4.65
CA LYS B 486 21.77 -58.12 5.24
C LYS B 486 22.05 -59.42 5.99
N SER B 487 22.81 -60.33 5.37
CA SER B 487 23.17 -61.61 6.03
C SER B 487 23.97 -61.31 7.31
N THR B 488 24.89 -60.37 7.25
CA THR B 488 25.71 -60.01 8.42
C THR B 488 24.81 -59.52 9.53
N VAL B 489 23.85 -58.65 9.19
CA VAL B 489 22.90 -58.10 10.21
C VAL B 489 22.14 -59.27 10.84
N VAL B 490 21.67 -60.21 10.01
CA VAL B 490 20.91 -61.39 10.53
C VAL B 490 21.82 -62.17 11.47
N TRP B 491 23.07 -62.42 11.07
CA TRP B 491 24.01 -63.18 11.91
C TRP B 491 24.22 -62.43 13.23
N MET B 492 24.35 -61.10 13.16
CA MET B 492 24.56 -60.28 14.37
C MET B 492 23.35 -60.44 15.31
N LEU B 493 22.14 -60.33 14.78
CA LEU B 493 20.92 -60.45 15.61
C LEU B 493 20.83 -61.88 16.16
N GLU B 494 21.18 -62.88 15.34
CA GLU B 494 21.16 -64.29 15.78
C GLU B 494 22.12 -64.45 16.96
N ALA B 495 23.31 -63.86 16.87
CA ALA B 495 24.29 -63.91 17.98
C ALA B 495 23.72 -63.18 19.20
N LEU B 496 23.04 -62.06 18.95
CA LEU B 496 22.45 -61.26 20.07
C LEU B 496 21.48 -62.15 20.85
N GLU B 497 20.81 -63.08 20.17
CA GLU B 497 19.84 -63.96 20.86
C GLU B 497 20.53 -64.62 22.06
N GLY B 498 19.90 -64.57 23.24
CA GLY B 498 20.46 -65.21 24.44
C GLY B 498 21.20 -64.21 25.31
N LEU B 499 21.50 -63.03 24.77
CA LEU B 499 22.26 -62.01 25.54
C LEU B 499 21.45 -61.65 26.80
N SER B 500 22.11 -61.62 27.96
CA SER B 500 21.43 -61.24 29.22
C SER B 500 22.28 -60.22 29.98
N GLY B 501 21.66 -59.15 30.49
CA GLY B 501 22.41 -58.10 31.21
C GLY B 501 22.45 -56.82 30.40
N GLN B 502 22.53 -55.67 31.07
CA GLN B 502 22.51 -54.37 30.36
C GLN B 502 23.68 -54.32 29.37
N GLU B 503 24.86 -54.79 29.81
CA GLU B 503 26.06 -54.77 28.93
C GLU B 503 25.79 -55.64 27.69
N LEU B 504 25.22 -56.83 27.90
CA LEU B 504 24.91 -57.74 26.76
C LEU B 504 23.93 -57.02 25.82
N THR B 505 22.88 -56.42 26.37
CA THR B 505 21.90 -55.68 25.54
C THR B 505 22.56 -54.46 24.94
N ASP B 506 23.44 -53.80 25.70
CA ASP B 506 24.20 -52.63 25.16
C ASP B 506 25.07 -53.10 24.00
N HIS B 507 25.68 -54.29 24.14
CA HIS B 507 26.51 -54.84 23.04
C HIS B 507 25.62 -55.10 21.82
N MET B 508 24.41 -55.60 22.07
CA MET B 508 23.45 -55.82 20.96
C MET B 508 23.13 -54.46 20.32
N GLY B 509 22.97 -53.43 21.15
CA GLY B 509 22.72 -52.08 20.62
C GLY B 509 23.87 -51.61 19.75
N MET B 510 25.10 -51.94 20.14
CA MET B 510 26.29 -51.57 19.33
C MET B 510 26.19 -52.27 17.97
N THR B 511 25.77 -53.54 17.96
CA THR B 511 25.60 -54.28 16.69
C THR B 511 24.60 -53.55 15.83
N ALA B 512 23.49 -53.13 16.42
CA ALA B 512 22.45 -52.39 15.67
C ALA B 512 23.02 -51.06 15.17
N SER B 513 23.77 -50.37 16.03
CA SER B 513 24.36 -49.06 15.65
C SER B 513 25.30 -49.26 14.45
N TYR B 514 26.11 -50.31 14.48
CA TYR B 514 27.02 -50.61 13.33
C TYR B 514 26.19 -50.81 12.08
N THR B 515 25.12 -51.61 12.20
CA THR B 515 24.23 -51.86 11.05
C THR B 515 23.63 -50.56 10.59
N SER B 516 23.23 -49.71 11.54
CA SER B 516 22.59 -48.41 11.20
C SER B 516 23.56 -47.57 10.36
N ASN B 517 24.85 -47.57 10.72
CA ASN B 517 25.86 -46.82 9.93
C ASN B 517 25.86 -47.37 8.50
N LEU B 518 25.98 -48.68 8.36
CA LEU B 518 25.98 -49.32 7.02
C LEU B 518 24.65 -49.03 6.32
N ALA B 519 23.54 -49.03 7.09
CA ALA B 519 22.20 -48.80 6.50
C ALA B 519 22.17 -47.43 5.83
N TYR B 520 22.73 -46.41 6.49
CA TYR B 520 22.70 -45.04 5.92
C TYR B 520 23.43 -45.04 4.59
N SER B 521 24.56 -45.76 4.55
CA SER B 521 25.35 -45.83 3.29
C SER B 521 24.45 -46.36 2.16
N PHE B 522 23.74 -47.46 2.40
CA PHE B 522 22.84 -48.04 1.37
C PHE B 522 21.71 -47.05 1.07
N TYR B 523 21.20 -46.38 2.11
CA TYR B 523 20.11 -45.40 1.93
C TYR B 523 20.57 -44.31 0.97
N SER B 524 21.76 -43.78 1.21
CA SER B 524 22.31 -42.73 0.33
C SER B 524 22.55 -43.30 -1.07
N HIS B 525 22.79 -44.62 -1.16
CA HIS B 525 23.06 -45.28 -2.46
C HIS B 525 21.72 -45.67 -3.12
N LYS B 526 20.62 -45.06 -2.67
CA LYS B 526 19.29 -45.34 -3.26
C LYS B 526 18.91 -46.82 -3.07
N LEU B 527 19.82 -47.64 -2.53
CA LEU B 527 19.46 -49.05 -2.24
C LEU B 527 18.50 -49.03 -1.05
N TYR B 528 17.41 -48.27 -1.17
CA TYR B 528 16.48 -48.08 -0.03
C TYR B 528 15.82 -49.42 0.28
N ALA B 529 15.46 -50.17 -0.75
CA ALA B 529 14.87 -51.52 -0.54
C ALA B 529 15.87 -52.37 0.25
N GLU B 530 17.13 -52.41 -0.20
CA GLU B 530 18.18 -53.21 0.49
C GLU B 530 18.42 -52.61 1.88
N ALA B 531 18.49 -51.28 1.97
CA ALA B 531 18.71 -50.62 3.28
C ALA B 531 17.55 -51.00 4.21
N CYS B 532 16.32 -50.92 3.71
CA CYS B 532 15.13 -51.27 4.52
C CYS B 532 15.22 -52.76 4.89
N ALA B 533 15.64 -53.61 3.95
CA ALA B 533 15.74 -55.06 4.22
C ALA B 533 16.72 -55.30 5.37
N ILE B 534 17.89 -54.64 5.32
CA ILE B 534 18.90 -54.79 6.40
C ILE B 534 18.28 -54.33 7.72
N SER B 535 17.62 -53.17 7.70
CA SER B 535 17.01 -52.61 8.94
C SER B 535 15.80 -53.47 9.34
N GLU B 536 15.11 -54.07 8.37
CA GLU B 536 13.87 -54.83 8.68
C GLU B 536 14.16 -55.83 9.81
N PRO B 537 15.20 -56.67 9.71
CA PRO B 537 15.41 -57.67 10.76
C PRO B 537 15.54 -56.98 12.11
N LEU B 538 16.43 -56.00 12.19
CA LEU B 538 16.64 -55.26 13.46
C LEU B 538 15.31 -54.62 13.87
N CYS B 539 14.71 -53.83 12.98
CA CYS B 539 13.46 -53.12 13.32
C CYS B 539 12.38 -54.12 13.74
N GLN B 540 12.25 -55.23 13.00
CA GLN B 540 11.21 -56.23 13.33
C GLN B 540 11.43 -56.72 14.77
N HIS B 541 12.67 -57.09 15.10
CA HIS B 541 12.97 -57.56 16.48
C HIS B 541 12.61 -56.47 17.47
N LEU B 542 13.04 -55.23 17.21
CA LEU B 542 12.76 -54.10 18.13
C LEU B 542 11.25 -53.89 18.21
N GLY B 543 10.56 -53.94 17.07
CA GLY B 543 9.10 -53.71 17.05
C GLY B 543 8.36 -54.79 17.81
N LEU B 544 8.78 -56.05 17.66
CA LEU B 544 8.06 -57.18 18.31
C LEU B 544 8.64 -57.42 19.71
N VAL B 545 9.68 -56.67 20.09
CA VAL B 545 10.34 -56.89 21.42
C VAL B 545 9.36 -56.46 22.52
N LYS B 546 9.48 -57.08 23.70
CA LYS B 546 8.56 -56.76 24.82
C LYS B 546 8.97 -55.42 25.46
N PRO B 547 8.09 -54.75 26.23
CA PRO B 547 8.44 -53.51 26.89
C PRO B 547 9.53 -53.70 27.94
N GLY B 548 10.51 -52.79 27.96
CA GLY B 548 11.56 -52.85 29.00
C GLY B 548 12.62 -53.89 28.72
N THR B 549 12.53 -54.59 27.58
CA THR B 549 13.57 -55.56 27.21
C THR B 549 14.86 -54.82 26.94
N TYR B 550 14.79 -53.69 26.24
CA TYR B 550 16.00 -52.90 25.90
C TYR B 550 15.85 -51.49 26.43
N PRO B 551 15.86 -51.27 27.76
CA PRO B 551 15.65 -49.93 28.31
C PRO B 551 16.88 -49.06 28.11
N GLU B 552 18.06 -49.66 28.26
CA GLU B 552 19.33 -48.89 28.13
C GLU B 552 19.43 -48.28 26.72
N VAL B 553 19.06 -49.06 25.70
CA VAL B 553 19.42 -48.71 24.30
C VAL B 553 19.09 -47.23 24.06
N PRO B 554 20.07 -46.38 23.69
CA PRO B 554 19.81 -44.98 23.42
C PRO B 554 18.71 -44.84 22.39
N PRO B 555 17.65 -44.05 22.67
CA PRO B 555 16.52 -43.94 21.76
C PRO B 555 16.93 -43.43 20.38
N GLU B 556 17.80 -42.42 20.34
CA GLU B 556 18.20 -41.81 19.04
C GLU B 556 18.75 -42.91 18.12
N LYS B 557 19.49 -43.88 18.67
CA LYS B 557 19.99 -45.01 17.85
C LYS B 557 18.80 -45.74 17.23
N LEU B 558 17.81 -46.09 18.05
CA LEU B 558 16.60 -46.78 17.53
C LEU B 558 15.93 -45.86 16.49
N HIS B 559 15.83 -44.57 16.81
CA HIS B 559 15.22 -43.60 15.85
C HIS B 559 15.96 -43.71 14.52
N ARG B 560 17.29 -43.55 14.54
CA ARG B 560 18.09 -43.62 13.29
C ARG B 560 17.70 -44.87 12.51
N CYS B 561 17.72 -46.04 13.16
CA CYS B 561 17.44 -47.31 12.45
C CYS B 561 16.05 -47.23 11.79
N PHE B 562 15.04 -46.82 12.56
CA PHE B 562 13.65 -46.74 12.02
C PHE B 562 13.57 -45.62 10.99
N ARG B 563 14.16 -44.46 11.30
CA ARG B 563 14.13 -43.31 10.37
C ARG B 563 14.46 -43.79 8.96
N LEU B 564 15.62 -44.43 8.79
CA LEU B 564 16.07 -44.85 7.44
C LEU B 564 14.96 -45.69 6.78
N GLN B 565 14.50 -46.74 7.48
CA GLN B 565 13.49 -47.65 6.89
C GLN B 565 12.20 -46.84 6.61
N VAL B 566 11.75 -46.06 7.59
CA VAL B 566 10.48 -45.30 7.43
C VAL B 566 10.63 -44.37 6.20
N GLU B 567 11.70 -43.58 6.17
CA GLU B 567 11.91 -42.64 5.03
C GLU B 567 12.00 -43.44 3.73
N SER B 568 12.77 -44.54 3.76
CA SER B 568 12.85 -45.43 2.57
C SER B 568 11.44 -45.88 2.21
N LEU B 569 10.72 -46.47 3.17
CA LEU B 569 9.33 -46.90 2.91
C LEU B 569 8.51 -45.66 2.49
N LYS B 570 8.87 -44.47 2.99
CA LYS B 570 8.16 -43.23 2.59
C LYS B 570 8.50 -42.86 1.14
N LYS B 571 9.79 -42.75 0.80
CA LYS B 571 10.19 -42.31 -0.57
C LYS B 571 9.79 -43.37 -1.61
N LEU B 572 10.04 -44.65 -1.30
CA LEU B 572 9.71 -45.74 -2.26
C LEU B 572 8.21 -45.70 -2.57
N GLY B 573 7.43 -45.01 -1.74
CA GLY B 573 5.97 -44.95 -1.95
C GLY B 573 5.28 -46.06 -1.21
N LYS B 574 6.02 -46.86 -0.44
CA LYS B 574 5.40 -47.93 0.38
C LYS B 574 4.86 -47.30 1.67
N GLN B 575 4.22 -46.14 1.55
CA GLN B 575 3.73 -45.41 2.76
C GLN B 575 2.93 -46.37 3.64
N ALA B 576 1.97 -47.10 3.05
CA ALA B 576 1.20 -48.09 3.82
C ALA B 576 2.17 -48.96 4.62
N GLN B 577 3.08 -49.64 3.93
CA GLN B 577 4.01 -50.53 4.62
C GLN B 577 4.81 -49.77 5.67
N GLY B 578 5.28 -48.57 5.32
CA GLY B 578 6.03 -47.77 6.28
C GLY B 578 5.20 -47.34 7.47
N CYS B 579 3.91 -47.08 7.26
CA CYS B 579 3.04 -46.72 8.36
C CYS B 579 2.96 -47.85 9.38
N LYS B 580 2.90 -49.10 8.91
CA LYS B 580 2.88 -50.23 9.83
C LYS B 580 4.18 -50.32 10.63
N MET B 581 5.32 -50.09 9.97
CA MET B 581 6.58 -50.06 10.70
C MET B 581 6.63 -48.90 11.67
N VAL B 582 5.91 -47.81 11.38
CA VAL B 582 5.77 -46.75 12.36
C VAL B 582 5.06 -47.28 13.61
N ILE B 583 4.05 -48.13 13.42
CA ILE B 583 3.42 -48.78 14.56
C ILE B 583 4.44 -49.64 15.31
N LEU B 584 5.27 -50.38 14.58
CA LEU B 584 6.39 -51.07 15.21
C LEU B 584 7.36 -50.07 15.84
N TRP B 585 7.56 -48.93 15.17
CA TRP B 585 8.35 -47.85 15.78
C TRP B 585 7.68 -47.34 17.04
N LEU B 586 6.35 -47.20 17.02
CA LEU B 586 5.63 -46.87 18.25
C LEU B 586 5.79 -47.98 19.27
N ALA B 587 5.69 -49.24 18.84
CA ALA B 587 5.79 -50.36 19.76
C ALA B 587 7.20 -50.53 20.31
N ALA B 588 8.22 -50.22 19.49
CA ALA B 588 9.59 -50.39 19.95
C ALA B 588 9.90 -49.50 21.15
N LEU B 589 9.43 -48.26 21.11
CA LEU B 589 9.57 -47.35 22.26
C LEU B 589 8.40 -47.50 23.22
N GLN B 590 8.13 -48.74 23.63
CA GLN B 590 7.03 -48.99 24.56
C GLN B 590 7.23 -48.32 25.91
N PRO B 591 8.37 -48.44 26.59
CA PRO B 591 8.55 -47.72 27.85
C PRO B 591 9.15 -46.33 27.70
N CYS B 592 9.64 -45.97 26.51
CA CYS B 592 10.20 -44.65 26.30
C CYS B 592 9.12 -43.58 26.42
N SER B 593 9.49 -42.43 26.98
CA SER B 593 8.54 -41.34 27.13
C SER B 593 8.09 -40.85 25.76
N PRO B 594 6.88 -40.30 25.65
CA PRO B 594 6.37 -39.86 24.34
C PRO B 594 7.20 -38.75 23.72
N GLU B 595 8.11 -38.12 24.46
CA GLU B 595 8.99 -37.13 23.87
C GLU B 595 9.87 -37.74 22.77
N HIS B 596 10.43 -38.92 23.04
CA HIS B 596 11.07 -39.68 21.96
C HIS B 596 10.06 -40.05 20.89
N MET B 597 8.83 -40.37 21.31
CA MET B 597 7.77 -40.77 20.40
C MET B 597 7.25 -39.59 19.58
N ALA B 598 7.66 -38.36 19.91
CA ALA B 598 7.26 -37.21 19.12
C ALA B 598 7.89 -37.19 17.74
N GLU B 599 8.93 -37.99 17.51
CA GLU B 599 9.52 -38.11 16.17
C GLU B 599 8.69 -39.06 15.30
N PRO B 600 8.29 -40.25 15.79
CA PRO B 600 7.36 -41.06 14.99
C PRO B 600 6.08 -40.33 14.66
N VAL B 601 5.58 -39.52 15.59
CA VAL B 601 4.34 -38.78 15.35
C VAL B 601 4.52 -37.81 14.19
N THR B 602 5.63 -37.07 14.19
CA THR B 602 5.90 -36.15 13.09
C THR B 602 6.14 -36.91 11.80
N PHE B 603 6.89 -38.03 11.87
CA PHE B 603 7.07 -38.86 10.69
C PHE B 603 5.75 -39.41 10.19
N TRP B 604 4.86 -39.79 11.11
CA TRP B 604 3.58 -40.37 10.71
C TRP B 604 2.76 -39.37 9.92
N VAL B 605 2.58 -38.17 10.46
CA VAL B 605 1.76 -37.15 9.79
C VAL B 605 2.35 -36.82 8.42
N ARG B 606 3.68 -36.78 8.31
CA ARG B 606 4.31 -36.59 7.01
C ARG B 606 3.97 -37.74 6.07
N VAL B 607 3.96 -38.98 6.59
CA VAL B 607 3.59 -40.12 5.77
C VAL B 607 2.14 -39.98 5.29
N LYS B 608 1.24 -39.61 6.20
CA LYS B 608 -0.17 -39.44 5.84
C LYS B 608 -0.34 -38.30 4.85
N MET B 609 0.44 -37.23 5.00
CA MET B 609 0.35 -36.10 4.08
C MET B 609 0.68 -36.53 2.66
N ASP B 610 1.66 -37.42 2.50
CA ASP B 610 1.96 -37.95 1.17
C ASP B 610 0.77 -38.66 0.57
N ALA B 611 0.03 -39.41 1.39
CA ALA B 611 -1.21 -40.04 0.92
C ALA B 611 -2.23 -38.97 0.54
N ALA B 612 -2.34 -37.91 1.34
CA ALA B 612 -3.30 -36.86 1.05
C ALA B 612 -2.97 -36.14 -0.25
N ARG B 613 -1.68 -35.85 -0.48
CA ARG B 613 -1.29 -35.22 -1.74
C ARG B 613 -1.57 -36.13 -2.92
N ALA B 614 -1.32 -37.43 -2.77
CA ALA B 614 -1.62 -38.40 -3.82
C ALA B 614 -3.09 -38.81 -3.84
N GLY B 615 -3.89 -38.37 -2.88
CA GLY B 615 -5.29 -38.72 -2.83
C GLY B 615 -5.60 -40.07 -2.20
N ASP B 616 -4.60 -40.76 -1.66
CA ASP B 616 -4.83 -42.06 -1.04
C ASP B 616 -5.67 -41.89 0.22
N LYS B 617 -6.64 -42.79 0.39
CA LYS B 617 -7.55 -42.76 1.53
C LYS B 617 -7.27 -43.85 2.55
N GLU B 618 -6.67 -44.98 2.15
CA GLU B 618 -6.46 -46.09 3.07
C GLU B 618 -5.58 -45.68 4.23
N LEU B 619 -4.54 -44.89 3.97
CA LEU B 619 -3.71 -44.38 5.06
C LEU B 619 -4.51 -43.49 6.00
N GLN B 620 -5.33 -42.59 5.44
CA GLN B 620 -6.14 -41.72 6.27
C GLN B 620 -7.15 -42.52 7.11
N LEU B 621 -7.56 -43.67 6.61
CA LEU B 621 -8.48 -44.52 7.37
C LEU B 621 -7.84 -45.03 8.65
N LYS B 622 -6.56 -45.41 8.59
CA LYS B 622 -5.86 -45.94 9.75
C LYS B 622 -5.39 -44.78 10.62
N THR B 623 -6.04 -44.60 11.77
CA THR B 623 -5.66 -43.60 12.75
C THR B 623 -5.05 -44.29 13.96
N LEU B 624 -4.70 -43.47 14.97
CA LEU B 624 -3.99 -44.01 16.13
C LEU B 624 -4.87 -44.95 16.94
N ARG B 625 -6.11 -44.55 17.22
CA ARG B 625 -7.00 -45.44 17.96
C ARG B 625 -7.25 -46.74 17.19
N ASP B 626 -7.34 -46.65 15.86
CA ASP B 626 -7.53 -47.85 15.05
C ASP B 626 -6.26 -48.68 14.98
N SER B 627 -5.10 -48.05 15.05
CA SER B 627 -3.85 -48.77 14.82
C SER B 627 -3.48 -49.63 16.02
N LEU B 628 -3.23 -48.97 17.16
CA LEU B 628 -2.76 -49.69 18.37
C LEU B 628 -3.85 -50.66 18.85
N SER B 629 -5.07 -50.16 19.06
CA SER B 629 -6.21 -50.96 19.50
C SER B 629 -5.87 -51.79 20.74
N GLY B 630 -5.62 -51.09 21.84
CA GLY B 630 -5.30 -51.75 23.08
C GLY B 630 -4.06 -51.28 23.82
N TRP B 631 -3.74 -50.00 23.65
CA TRP B 631 -2.68 -49.42 24.50
C TRP B 631 -3.41 -48.84 25.70
N ASP B 632 -2.70 -48.33 26.67
CA ASP B 632 -3.31 -47.68 27.82
C ASP B 632 -3.93 -46.35 27.40
N PRO B 633 -5.09 -45.99 27.95
CA PRO B 633 -5.78 -44.77 27.48
C PRO B 633 -4.95 -43.50 27.60
N GLU B 634 -4.15 -43.36 28.65
CA GLU B 634 -3.40 -42.12 28.86
C GLU B 634 -2.37 -41.91 27.74
N THR B 635 -1.54 -42.93 27.50
CA THR B 635 -0.51 -42.80 26.46
C THR B 635 -1.14 -42.68 25.09
N LEU B 636 -2.24 -43.40 24.85
CA LEU B 636 -2.90 -43.33 23.56
C LEU B 636 -3.46 -41.93 23.32
N ALA B 637 -4.03 -41.31 24.36
CA ALA B 637 -4.49 -39.94 24.26
C ALA B 637 -3.34 -38.98 24.02
N LEU B 638 -2.20 -39.22 24.69
CA LEU B 638 -1.05 -38.35 24.49
C LEU B 638 -0.54 -38.42 23.05
N LEU B 639 -0.51 -39.61 22.48
CA LEU B 639 -0.10 -39.74 21.08
C LEU B 639 -1.11 -39.11 20.14
N LEU B 640 -2.40 -39.19 20.46
CA LEU B 640 -3.40 -38.48 19.67
C LEU B 640 -3.18 -36.97 19.73
N ARG B 641 -2.86 -36.45 20.92
CA ARG B 641 -2.59 -35.03 21.08
C ARG B 641 -1.38 -34.61 20.26
N GLU B 642 -0.33 -35.42 20.28
CA GLU B 642 0.86 -35.12 19.47
C GLU B 642 0.53 -35.15 17.99
N GLU B 643 -0.29 -36.11 17.57
CA GLU B 643 -0.69 -36.16 16.16
C GLU B 643 -1.47 -34.92 15.76
N LEU B 644 -2.38 -34.47 16.63
CA LEU B 644 -3.13 -33.24 16.36
C LEU B 644 -2.18 -32.05 16.25
N GLN B 645 -1.18 -31.99 17.14
CA GLN B 645 -0.21 -30.90 17.08
C GLN B 645 0.56 -30.93 15.77
N ALA B 646 1.00 -32.11 15.33
CA ALA B 646 1.74 -32.22 14.10
C ALA B 646 0.88 -31.82 12.90
N TYR B 647 -0.41 -32.20 12.93
CA TYR B 647 -1.31 -31.80 11.86
C TYR B 647 -1.48 -30.28 11.83
N LYS B 648 -1.62 -29.66 13.00
CA LYS B 648 -1.74 -28.22 13.06
C LYS B 648 -0.46 -27.51 12.64
N ALA B 649 0.68 -28.20 12.73
CA ALA B 649 1.92 -27.60 12.24
C ALA B 649 1.98 -27.60 10.72
N VAL B 650 1.45 -28.65 10.07
CA VAL B 650 1.58 -28.78 8.63
C VAL B 650 0.62 -27.83 7.92
N ARG B 651 0.86 -27.65 6.63
CA ARG B 651 0.00 -26.70 5.89
C ARG B 651 -1.15 -27.47 5.21
N ALA B 652 -1.74 -26.88 4.18
CA ALA B 652 -2.88 -27.43 3.46
C ALA B 652 -4.08 -27.60 4.39
N ASP B 653 -5.20 -28.06 3.85
CA ASP B 653 -6.42 -28.21 4.63
C ASP B 653 -6.38 -29.51 5.42
N THR B 654 -6.35 -29.41 6.74
CA THR B 654 -6.36 -30.56 7.64
C THR B 654 -7.54 -30.50 8.59
N GLY B 655 -8.67 -29.94 8.13
CA GLY B 655 -9.81 -29.76 9.01
C GLY B 655 -10.40 -31.07 9.49
N GLN B 656 -10.68 -31.99 8.56
CA GLN B 656 -11.37 -33.22 8.93
C GLN B 656 -10.47 -34.15 9.73
N GLU B 657 -9.18 -34.22 9.38
CA GLU B 657 -8.25 -35.03 10.17
C GLU B 657 -8.20 -34.56 11.62
N ARG B 658 -8.02 -33.26 11.82
CA ARG B 658 -8.01 -32.72 13.17
C ARG B 658 -9.34 -32.95 13.86
N PHE B 659 -10.45 -32.81 13.12
CA PHE B 659 -11.76 -33.04 13.70
C PHE B 659 -11.88 -34.48 14.20
N ASN B 660 -11.39 -35.44 13.41
CA ASN B 660 -11.43 -36.83 13.84
C ASN B 660 -10.58 -37.05 15.09
N ILE B 661 -9.38 -36.47 15.12
CA ILE B 661 -8.51 -36.64 16.28
C ILE B 661 -9.19 -36.09 17.53
N ILE B 662 -9.79 -34.90 17.42
CA ILE B 662 -10.49 -34.33 18.57
C ILE B 662 -11.71 -35.16 18.94
N CYS B 663 -12.38 -35.77 17.96
CA CYS B 663 -13.53 -36.61 18.29
C CYS B 663 -13.11 -37.82 19.12
N ASP B 664 -12.02 -38.49 18.72
CA ASP B 664 -11.52 -39.59 19.55
C ASP B 664 -11.03 -39.09 20.91
N LEU B 665 -10.40 -37.91 20.95
CA LEU B 665 -9.97 -37.36 22.23
C LEU B 665 -11.14 -37.10 23.16
N LEU B 666 -12.23 -36.54 22.62
CA LEU B 666 -13.43 -36.29 23.42
C LEU B 666 -14.05 -37.60 23.88
N GLU B 667 -14.07 -38.61 23.01
CA GLU B 667 -14.58 -39.92 23.41
C GLU B 667 -13.76 -40.50 24.56
N LEU B 668 -12.44 -40.35 24.51
CA LEU B 668 -11.59 -40.87 25.56
C LEU B 668 -11.84 -40.18 26.90
N SER B 669 -11.99 -38.86 26.88
CA SER B 669 -12.01 -38.10 28.12
C SER B 669 -13.24 -38.45 28.95
N PRO B 670 -13.08 -38.97 30.16
CA PRO B 670 -14.24 -39.26 31.00
C PRO B 670 -14.69 -38.04 31.79
N GLU B 671 -15.92 -37.57 31.52
CA GLU B 671 -16.38 -36.33 32.13
C GLU B 671 -16.56 -36.43 33.63
N GLU B 672 -16.83 -37.64 34.16
CA GLU B 672 -17.01 -37.78 35.60
C GLU B 672 -15.71 -37.52 36.35
N THR B 673 -14.60 -38.01 35.83
CA THR B 673 -13.31 -37.75 36.46
C THR B 673 -12.90 -36.31 36.24
N PRO B 674 -12.48 -35.59 37.28
CA PRO B 674 -12.07 -34.18 37.08
C PRO B 674 -10.94 -34.00 36.08
N ALA B 675 -9.96 -34.91 36.09
CA ALA B 675 -8.91 -34.86 35.07
C ALA B 675 -9.50 -35.06 33.68
N GLY B 676 -10.48 -35.95 33.57
CA GLY B 676 -11.20 -36.09 32.32
C GLY B 676 -11.96 -34.85 31.95
N ALA B 677 -12.49 -34.13 32.94
CA ALA B 677 -13.15 -32.85 32.65
C ALA B 677 -12.17 -31.85 32.06
N TRP B 678 -10.97 -31.76 32.64
CA TRP B 678 -9.94 -30.88 32.08
C TRP B 678 -9.57 -31.28 30.67
N ALA B 679 -9.39 -32.59 30.44
CA ALA B 679 -9.05 -33.06 29.11
C ALA B 679 -10.14 -32.71 28.10
N ARG B 680 -11.40 -32.87 28.50
CA ARG B 680 -12.50 -32.51 27.63
C ARG B 680 -12.54 -31.01 27.38
N ALA B 681 -12.19 -30.19 28.36
CA ALA B 681 -12.14 -28.76 28.15
C ALA B 681 -11.10 -28.39 27.09
N THR B 682 -9.90 -28.97 27.22
CA THR B 682 -8.86 -28.70 26.22
C THR B 682 -9.27 -29.17 24.84
N HIS B 683 -9.83 -30.38 24.76
CA HIS B 683 -10.27 -30.90 23.47
C HIS B 683 -11.42 -30.09 22.90
N LEU B 684 -12.26 -29.53 23.75
CA LEU B 684 -13.33 -28.67 23.27
C LEU B 684 -12.76 -27.36 22.74
N VAL B 685 -11.68 -26.86 23.32
CA VAL B 685 -11.02 -25.69 22.75
C VAL B 685 -10.49 -26.00 21.36
N GLU B 686 -9.86 -27.17 21.21
CA GLU B 686 -9.38 -27.57 19.87
C GLU B 686 -10.54 -27.72 18.90
N LEU B 687 -11.65 -28.30 19.36
CA LEU B 687 -12.82 -28.47 18.50
C LEU B 687 -13.41 -27.12 18.10
N ALA B 688 -13.39 -26.15 19.02
CA ALA B 688 -13.82 -24.80 18.68
C ALA B 688 -12.91 -24.21 17.61
N GLN B 689 -11.60 -24.41 17.73
CA GLN B 689 -10.68 -23.93 16.70
C GLN B 689 -11.02 -24.54 15.35
N VAL B 690 -11.33 -25.83 15.32
CA VAL B 690 -11.64 -26.49 14.05
C VAL B 690 -12.96 -25.98 13.48
N LEU B 691 -14.00 -25.94 14.31
CA LEU B 691 -15.32 -25.51 13.87
C LEU B 691 -15.38 -24.03 13.52
N CYS B 692 -14.42 -23.25 14.00
CA CYS B 692 -14.48 -21.81 13.88
C CYS B 692 -14.13 -21.33 12.48
N TYR B 693 -13.64 -22.22 11.62
CA TYR B 693 -13.34 -21.90 10.24
C TYR B 693 -13.83 -22.96 9.24
N HIS B 694 -14.54 -23.98 9.70
CA HIS B 694 -15.02 -25.06 8.84
C HIS B 694 -16.49 -25.34 9.12
N ASP B 695 -17.18 -25.87 8.12
CA ASP B 695 -18.61 -26.14 8.21
C ASP B 695 -18.87 -27.58 8.65
N PHE B 696 -18.35 -27.89 9.84
CA PHE B 696 -18.55 -29.21 10.45
C PHE B 696 -19.62 -29.22 11.51
N THR B 697 -20.39 -28.13 11.65
CA THR B 697 -21.41 -28.05 12.68
C THR B 697 -22.50 -29.10 12.48
N GLN B 698 -22.79 -29.45 11.22
CA GLN B 698 -23.86 -30.40 10.93
C GLN B 698 -23.59 -31.75 11.57
N GLN B 699 -22.34 -32.24 11.47
CA GLN B 699 -22.01 -33.53 12.04
C GLN B 699 -21.98 -33.49 13.56
N THR B 700 -21.41 -32.43 14.14
CA THR B 700 -21.26 -32.35 15.59
C THR B 700 -22.45 -31.74 16.29
N ASN B 701 -23.33 -31.03 15.57
CA ASN B 701 -24.54 -30.44 16.14
C ASN B 701 -24.20 -29.50 17.30
N CYS B 702 -23.12 -28.74 17.16
CA CYS B 702 -22.70 -27.80 18.18
C CYS B 702 -21.87 -26.71 17.54
N SER B 703 -22.25 -25.46 17.76
CA SER B 703 -21.50 -24.34 17.20
C SER B 703 -20.17 -24.17 17.91
N ALA B 704 -19.26 -23.44 17.27
CA ALA B 704 -17.95 -23.18 17.86
C ALA B 704 -18.08 -22.39 19.15
N LEU B 705 -18.99 -21.41 19.17
CA LEU B 705 -19.18 -20.62 20.38
C LEU B 705 -19.68 -21.47 21.53
N ASP B 706 -20.61 -22.40 21.24
CA ASP B 706 -21.10 -23.29 22.30
C ASP B 706 -19.97 -24.16 22.85
N ALA B 707 -19.13 -24.69 21.96
CA ALA B 707 -17.99 -25.49 22.40
C ALA B 707 -17.05 -24.69 23.28
N ILE B 708 -16.74 -23.45 22.88
CA ILE B 708 -15.80 -22.66 23.67
C ILE B 708 -16.41 -22.24 25.00
N ARG B 709 -17.72 -21.97 25.05
CA ARG B 709 -18.34 -21.62 26.32
C ARG B 709 -18.38 -22.81 27.27
N GLU B 710 -18.68 -24.00 26.74
CA GLU B 710 -18.62 -25.21 27.56
C GLU B 710 -17.20 -25.45 28.07
N ALA B 711 -16.20 -25.25 27.20
CA ALA B 711 -14.81 -25.43 27.61
C ALA B 711 -14.44 -24.45 28.70
N LEU B 712 -14.89 -23.20 28.58
CA LEU B 712 -14.57 -22.20 29.60
C LEU B 712 -15.24 -22.54 30.92
N GLN B 713 -16.47 -23.03 30.89
CA GLN B 713 -17.14 -23.46 32.12
C GLN B 713 -16.36 -24.59 32.78
N LEU B 714 -15.96 -25.59 31.99
CA LEU B 714 -15.20 -26.71 32.54
C LEU B 714 -13.86 -26.24 33.11
N LEU B 715 -13.22 -25.29 32.44
CA LEU B 715 -11.95 -24.76 32.93
C LEU B 715 -12.13 -24.02 34.25
N ASP B 716 -13.21 -23.24 34.36
CA ASP B 716 -13.48 -22.55 35.61
C ASP B 716 -13.78 -23.54 36.73
N SER B 717 -14.36 -24.69 36.39
CA SER B 717 -14.62 -25.70 37.42
C SER B 717 -13.33 -26.35 37.93
N VAL B 718 -12.32 -26.47 37.06
CA VAL B 718 -11.13 -27.26 37.39
C VAL B 718 -10.27 -26.51 38.41
N ARG B 719 -9.80 -27.24 39.43
CA ARG B 719 -8.85 -26.73 40.41
C ARG B 719 -7.49 -27.34 40.17
N PRO B 720 -6.43 -26.53 40.17
CA PRO B 720 -5.09 -27.07 39.86
C PRO B 720 -4.53 -27.90 41.00
N GLU B 721 -3.48 -28.65 40.68
CA GLU B 721 -2.83 -29.55 41.63
C GLU B 721 -1.48 -28.99 42.12
N ALA B 722 -1.28 -27.68 41.99
CA ALA B 722 -0.08 -26.95 42.39
C ALA B 722 1.12 -27.29 41.50
N GLN B 723 0.98 -28.21 40.56
CA GLN B 723 2.00 -28.50 39.57
C GLN B 723 1.52 -28.34 38.15
N ALA B 724 0.21 -28.44 37.91
CA ALA B 724 -0.40 -28.19 36.61
C ALA B 724 -1.07 -26.82 36.54
N ARG B 725 -0.78 -25.94 37.51
CA ARG B 725 -1.35 -24.60 37.49
C ARG B 725 -0.90 -23.82 36.26
N ASP B 726 0.34 -24.04 35.82
CA ASP B 726 0.84 -23.37 34.62
C ASP B 726 0.02 -23.76 33.40
N GLN B 727 -0.24 -25.06 33.23
CA GLN B 727 -1.05 -25.49 32.10
C GLN B 727 -2.49 -25.05 32.24
N LEU B 728 -3.00 -24.94 33.46
CA LEU B 728 -4.33 -24.39 33.65
C LEU B 728 -4.39 -22.94 33.18
N LEU B 729 -3.38 -22.15 33.53
CA LEU B 729 -3.31 -20.77 33.06
C LEU B 729 -3.28 -20.71 31.54
N ASP B 730 -2.43 -21.55 30.92
CA ASP B 730 -2.31 -21.55 29.47
C ASP B 730 -3.63 -21.92 28.81
N ASP B 731 -4.31 -22.95 29.33
CA ASP B 731 -5.57 -23.39 28.75
C ASP B 731 -6.65 -22.33 28.88
N LYS B 732 -6.74 -21.68 30.04
CA LYS B 732 -7.74 -20.63 30.20
C LYS B 732 -7.47 -19.46 29.26
N ALA B 733 -6.20 -19.07 29.12
CA ALA B 733 -5.87 -17.98 28.20
C ALA B 733 -6.23 -18.34 26.77
N GLN B 734 -5.90 -19.57 26.35
CA GLN B 734 -6.21 -19.99 24.98
C GLN B 734 -7.73 -20.03 24.76
N ALA B 735 -8.48 -20.52 25.74
CA ALA B 735 -9.92 -20.58 25.61
C ALA B 735 -10.52 -19.18 25.46
N LEU B 736 -10.06 -18.24 26.27
CA LEU B 736 -10.55 -16.86 26.15
C LEU B 736 -10.21 -16.26 24.79
N LEU B 737 -8.97 -16.46 24.33
CA LEU B 737 -8.58 -15.90 23.05
C LEU B 737 -9.43 -16.46 21.91
N TRP B 738 -9.68 -17.77 21.92
CA TRP B 738 -10.44 -18.36 20.83
C TRP B 738 -11.93 -18.05 20.94
N LEU B 739 -12.45 -17.83 22.15
CA LEU B 739 -13.78 -17.27 22.29
C LEU B 739 -13.88 -15.93 21.58
N TYR B 740 -12.90 -15.05 21.82
CA TYR B 740 -12.90 -13.76 21.13
C TYR B 740 -12.84 -13.96 19.63
N ILE B 741 -11.95 -14.84 19.17
CA ILE B 741 -11.75 -15.00 17.73
C ILE B 741 -13.02 -15.50 17.07
N CYS B 742 -13.71 -16.46 17.69
CA CYS B 742 -14.90 -17.02 17.07
C CYS B 742 -16.07 -16.05 17.10
N THR B 743 -16.20 -15.28 18.18
CA THR B 743 -17.24 -14.26 18.19
C THR B 743 -16.96 -13.18 17.15
N LEU B 744 -15.68 -12.83 16.96
CA LEU B 744 -15.33 -11.88 15.91
C LEU B 744 -15.65 -12.42 14.53
N GLU B 745 -15.41 -13.72 14.31
CA GLU B 745 -15.76 -14.33 13.04
C GLU B 745 -17.27 -14.28 12.81
N ALA B 746 -18.06 -14.57 13.85
CA ALA B 746 -19.51 -14.45 13.72
C ALA B 746 -19.93 -13.02 13.40
N LYS B 747 -19.31 -12.04 14.06
CA LYS B 747 -19.63 -10.64 13.79
C LYS B 747 -19.29 -10.27 12.35
N MET B 748 -18.14 -10.71 11.85
CA MET B 748 -17.78 -10.43 10.47
C MET B 748 -18.75 -11.07 9.50
N GLN B 749 -19.16 -12.31 9.78
CA GLN B 749 -20.11 -12.99 8.90
C GLN B 749 -21.45 -12.27 8.87
N GLU B 750 -21.94 -11.84 10.04
CA GLU B 750 -23.22 -11.13 10.07
C GLU B 750 -23.10 -9.76 9.42
N GLY B 751 -21.94 -9.11 9.53
CA GLY B 751 -21.74 -7.86 8.82
C GLY B 751 -21.75 -8.03 7.32
N ILE B 752 -21.10 -9.08 6.83
CA ILE B 752 -21.12 -9.37 5.40
C ILE B 752 -22.54 -9.65 4.93
N GLU B 753 -23.30 -10.43 5.70
CA GLU B 753 -24.68 -10.71 5.33
C GLU B 753 -25.54 -9.46 5.33
N ARG B 754 -25.35 -8.60 6.33
CA ARG B 754 -26.11 -7.36 6.41
C ARG B 754 -25.81 -6.44 5.23
N ASP B 755 -24.52 -6.31 4.88
CA ASP B 755 -24.16 -5.48 3.74
C ASP B 755 -24.65 -6.09 2.43
N ARG B 756 -24.68 -7.42 2.32
CA ARG B 756 -25.21 -8.06 1.14
C ARG B 756 -26.71 -7.80 0.99
N ARG B 757 -27.45 -7.88 2.11
CA ARG B 757 -28.88 -7.57 2.06
C ARG B 757 -29.11 -6.11 1.71
N ALA B 758 -28.32 -5.21 2.28
CA ALA B 758 -28.48 -3.79 2.00
C ALA B 758 -28.17 -3.46 0.56
N GLN B 759 -27.19 -4.15 -0.03
CA GLN B 759 -26.79 -3.91 -1.42
C GLN B 759 -27.92 -4.23 -2.39
N PHE B 783 -25.28 2.73 5.04
CA PHE B 783 -24.13 3.47 5.55
C PHE B 783 -24.58 4.57 6.50
N LEU B 784 -23.65 5.07 7.32
CA LEU B 784 -23.82 6.18 8.24
C LEU B 784 -24.71 5.81 9.44
N TYR B 785 -25.25 4.61 9.49
CA TYR B 785 -26.09 4.14 10.58
C TYR B 785 -25.36 3.14 11.48
N SER B 786 -24.85 2.07 10.86
CA SER B 786 -24.05 1.11 11.65
C SER B 786 -22.85 1.86 12.22
N ASN B 787 -22.30 2.81 11.46
CA ASN B 787 -21.08 3.55 11.88
C ASN B 787 -21.22 4.09 13.31
N ILE B 788 -22.45 4.38 13.75
CA ILE B 788 -22.66 5.00 15.10
C ILE B 788 -23.16 3.94 16.09
N ALA B 789 -23.34 2.70 15.62
CA ALA B 789 -23.91 1.64 16.49
C ALA B 789 -22.89 0.53 16.76
N PHE B 790 -21.60 0.84 16.62
CA PHE B 790 -20.53 -0.17 16.86
C PHE B 790 -20.41 -0.45 18.35
N ASN B 791 -20.24 0.60 19.16
CA ASN B 791 -19.98 0.40 20.61
C ASN B 791 -21.21 -0.24 21.29
N LEU B 792 -21.05 -1.47 21.80
CA LEU B 792 -22.14 -2.14 22.54
C LEU B 792 -21.50 -2.85 23.73
N ALA B 793 -22.27 -3.23 24.76
CA ALA B 793 -21.61 -3.96 25.84
C ALA B 793 -20.78 -5.13 25.32
N ALA B 794 -21.09 -5.61 24.11
CA ALA B 794 -20.34 -6.72 23.55
C ALA B 794 -18.88 -6.35 23.34
N ASP B 795 -18.61 -5.11 22.90
CA ASP B 795 -17.23 -4.67 22.71
C ASP B 795 -16.47 -4.69 24.03
N ALA B 796 -17.10 -4.18 25.09
CA ALA B 796 -16.47 -4.19 26.42
C ALA B 796 -16.25 -5.64 26.85
N ALA B 797 -17.29 -6.46 26.72
CA ALA B 797 -17.17 -7.90 27.07
C ALA B 797 -16.13 -8.56 26.17
N GLN B 798 -16.23 -8.37 24.85
CA GLN B 798 -15.29 -9.02 23.91
C GLN B 798 -13.84 -8.63 24.27
N SER B 799 -13.61 -7.35 24.57
CA SER B 799 -12.24 -6.89 24.90
C SER B 799 -11.80 -7.48 26.25
N LYS B 800 -12.64 -7.39 27.27
CA LYS B 800 -12.26 -7.87 28.62
C LYS B 800 -11.63 -9.25 28.44
N CYS B 801 -12.24 -10.06 27.61
CA CYS B 801 -11.75 -11.40 27.29
C CYS B 801 -10.28 -11.36 26.88
N LEU B 802 -9.95 -10.47 25.95
CA LEU B 802 -8.56 -10.40 25.48
C LEU B 802 -7.61 -9.98 26.58
N ASP B 803 -8.01 -9.00 27.41
CA ASP B 803 -7.14 -8.57 28.50
C ASP B 803 -6.96 -9.67 29.53
N GLN B 804 -7.99 -10.48 29.78
CA GLN B 804 -7.83 -11.61 30.69
C GLN B 804 -6.85 -12.63 30.14
N ALA B 805 -6.93 -12.91 28.83
CA ALA B 805 -5.97 -13.82 28.22
C ALA B 805 -4.54 -13.29 28.34
N LEU B 806 -4.36 -11.99 28.07
CA LEU B 806 -3.04 -11.38 28.19
C LEU B 806 -2.53 -11.45 29.62
N ALA B 807 -3.39 -11.16 30.60
CA ALA B 807 -2.97 -11.21 31.99
C ALA B 807 -2.57 -12.61 32.40
N LEU B 808 -3.32 -13.62 31.94
CA LEU B 808 -3.00 -15.00 32.29
C LEU B 808 -1.65 -15.40 31.70
N TRP B 809 -1.42 -15.10 30.42
CA TRP B 809 -0.16 -15.45 29.79
C TRP B 809 1.01 -14.69 30.42
N LYS B 810 0.80 -13.42 30.75
CA LYS B 810 1.85 -12.63 31.38
C LYS B 810 2.20 -13.18 32.76
N GLU B 811 1.20 -13.57 33.53
CA GLU B 811 1.46 -14.20 34.82
C GLU B 811 2.24 -15.51 34.65
N LEU B 812 1.88 -16.30 33.63
CA LEU B 812 2.57 -17.56 33.40
C LEU B 812 4.04 -17.34 33.02
N LEU B 813 4.31 -16.37 32.14
CA LEU B 813 5.64 -16.26 31.54
C LEU B 813 6.57 -15.29 32.25
N THR B 814 6.04 -14.34 33.02
CA THR B 814 6.89 -13.30 33.59
C THR B 814 7.79 -13.81 34.71
N LYS B 815 7.46 -14.94 35.31
CA LYS B 815 8.30 -15.47 36.38
C LYS B 815 9.56 -16.12 35.78
N GLY B 816 10.56 -16.31 36.65
CA GLY B 816 11.83 -16.84 36.20
C GLY B 816 11.75 -18.27 35.70
N GLN B 817 10.91 -19.08 36.34
CA GLN B 817 10.85 -20.51 36.03
C GLN B 817 10.34 -20.74 34.62
N ALA B 818 10.89 -21.74 33.95
CA ALA B 818 10.41 -22.12 32.64
C ALA B 818 9.01 -22.72 32.76
N PRO B 819 8.03 -22.22 32.02
CA PRO B 819 6.66 -22.74 32.15
C PRO B 819 6.60 -24.24 31.88
N ALA B 820 5.81 -24.94 32.70
CA ALA B 820 5.63 -26.37 32.58
C ALA B 820 4.36 -26.68 31.78
N VAL B 821 4.38 -26.26 30.52
CA VAL B 821 3.27 -26.47 29.63
C VAL B 821 3.55 -27.69 28.76
N ARG B 822 2.56 -28.13 28.01
CA ARG B 822 2.79 -29.26 27.07
C ARG B 822 3.57 -28.73 25.86
N CYS B 823 2.94 -27.89 25.04
CA CYS B 823 3.60 -27.33 23.83
C CYS B 823 3.79 -25.81 24.01
N LEU B 824 5.03 -25.38 24.25
CA LEU B 824 5.32 -23.93 24.42
C LEU B 824 5.27 -23.30 23.03
N GLN B 825 5.22 -24.13 21.99
CA GLN B 825 5.12 -23.61 20.61
C GLN B 825 3.70 -23.05 20.41
N GLN B 826 2.72 -23.63 21.11
CA GLN B 826 1.32 -23.11 21.00
C GLN B 826 1.21 -21.81 21.81
N THR B 827 1.88 -21.70 22.95
CA THR B 827 1.88 -20.42 23.67
C THR B 827 2.46 -19.38 22.74
N ALA B 828 3.47 -19.74 21.95
CA ALA B 828 4.11 -18.79 21.01
C ALA B 828 3.16 -18.41 19.88
N ALA B 829 2.53 -19.41 19.24
CA ALA B 829 1.64 -19.13 18.10
C ALA B 829 0.44 -18.30 18.55
N SER B 830 -0.12 -18.59 19.71
CA SER B 830 -1.28 -17.88 20.24
C SER B 830 -0.92 -16.48 20.67
N LEU B 831 0.29 -16.29 21.21
CA LEU B 831 0.74 -14.94 21.52
C LEU B 831 0.86 -14.10 20.25
N GLN B 832 1.35 -14.71 19.16
CA GLN B 832 1.41 -14.00 17.89
C GLN B 832 0.01 -13.55 17.44
N ILE B 833 -0.96 -14.48 17.53
CA ILE B 833 -2.33 -14.15 17.12
C ILE B 833 -2.90 -13.05 18.00
N LEU B 834 -2.61 -13.11 19.30
CA LEU B 834 -3.11 -12.09 20.22
C LEU B 834 -2.51 -10.72 19.93
N ALA B 835 -1.22 -10.68 19.59
CA ALA B 835 -0.60 -9.41 19.22
C ALA B 835 -1.22 -8.85 17.95
N ALA B 836 -1.47 -9.71 16.96
CA ALA B 836 -2.13 -9.26 15.74
C ALA B 836 -3.52 -8.71 16.03
N LEU B 837 -4.28 -9.40 16.88
CA LEU B 837 -5.60 -8.92 17.29
C LEU B 837 -5.52 -7.57 17.97
N TYR B 838 -4.56 -7.41 18.88
CA TYR B 838 -4.44 -6.16 19.63
C TYR B 838 -4.08 -5.00 18.70
N GLN B 839 -3.22 -5.26 17.71
CA GLN B 839 -2.92 -4.21 16.75
C GLN B 839 -4.11 -3.89 15.86
N LEU B 840 -4.90 -4.91 15.50
CA LEU B 840 -6.06 -4.68 14.63
C LEU B 840 -7.10 -3.80 15.31
N VAL B 841 -7.35 -4.02 16.60
CA VAL B 841 -8.40 -3.30 17.31
C VAL B 841 -7.87 -1.97 17.82
N ALA B 842 -6.69 -1.58 17.35
CA ALA B 842 -6.08 -0.28 17.66
C ALA B 842 -5.75 -0.17 19.16
N LYS B 843 -5.02 -1.15 19.66
CA LYS B 843 -4.46 -1.12 21.02
C LYS B 843 -3.00 -1.52 20.93
N PRO B 844 -2.14 -0.63 20.42
CA PRO B 844 -0.74 -1.03 20.14
C PRO B 844 0.07 -1.33 21.39
N MET B 845 -0.26 -0.74 22.53
CA MET B 845 0.54 -0.93 23.73
C MET B 845 0.44 -2.36 24.24
N GLN B 846 -0.76 -2.90 24.28
CA GLN B 846 -0.93 -4.28 24.70
C GLN B 846 -0.32 -5.24 23.68
N ALA B 847 -0.31 -4.86 22.40
CA ALA B 847 0.40 -5.64 21.40
C ALA B 847 1.90 -5.65 21.68
N LEU B 848 2.45 -4.51 22.13
CA LEU B 848 3.85 -4.45 22.52
C LEU B 848 4.13 -5.37 23.70
N GLU B 849 3.23 -5.38 24.70
CA GLU B 849 3.40 -6.28 25.82
C GLU B 849 3.37 -7.74 25.39
N VAL B 850 2.44 -8.09 24.51
CA VAL B 850 2.35 -9.45 24.01
C VAL B 850 3.61 -9.83 23.25
N LEU B 851 4.14 -8.90 22.46
CA LEU B 851 5.36 -9.18 21.70
C LEU B 851 6.57 -9.36 22.62
N LEU B 852 6.62 -8.61 23.72
CA LEU B 852 7.68 -8.84 24.70
C LEU B 852 7.56 -10.23 25.31
N LEU B 853 6.34 -10.67 25.63
CA LEU B 853 6.17 -12.03 26.14
C LEU B 853 6.59 -13.07 25.10
N LEU B 854 6.28 -12.80 23.83
CA LEU B 854 6.70 -13.70 22.76
C LEU B 854 8.21 -13.77 22.66
N ARG B 855 8.89 -12.63 22.83
CA ARG B 855 10.35 -12.62 22.84
C ARG B 855 10.89 -13.45 24.00
N ILE B 856 10.26 -13.34 25.17
CA ILE B 856 10.67 -14.15 26.32
C ILE B 856 10.54 -15.63 26.00
N VAL B 857 9.41 -16.02 25.41
CA VAL B 857 9.19 -17.42 25.06
C VAL B 857 10.23 -17.90 24.06
N SER B 858 10.49 -17.10 23.02
CA SER B 858 11.44 -17.51 22.00
C SER B 858 12.85 -17.67 22.57
N GLU B 859 13.25 -16.77 23.47
CA GLU B 859 14.52 -16.96 24.16
C GLU B 859 14.52 -18.24 24.98
N ARG B 860 13.41 -18.51 25.67
CA ARG B 860 13.32 -19.75 26.44
C ARG B 860 13.28 -20.98 25.53
N LEU B 861 12.67 -20.87 24.35
CA LEU B 861 12.58 -21.97 23.42
C LEU B 861 13.84 -22.17 22.60
N LYS B 862 14.79 -21.25 22.69
CA LYS B 862 16.02 -21.27 21.89
C LYS B 862 15.70 -21.33 20.41
N ASP B 863 14.62 -20.66 20.01
CA ASP B 863 14.25 -20.50 18.61
C ASP B 863 14.56 -19.05 18.22
N HIS B 864 15.57 -18.88 17.37
CA HIS B 864 16.08 -17.55 17.07
C HIS B 864 15.31 -16.87 15.94
N SER B 865 14.69 -17.64 15.04
CA SER B 865 13.85 -17.03 14.02
C SER B 865 12.69 -16.27 14.65
N LYS B 866 12.01 -16.88 15.62
CA LYS B 866 10.92 -16.21 16.29
C LYS B 866 11.41 -15.01 17.09
N ALA B 867 12.58 -15.12 17.72
CA ALA B 867 13.13 -13.99 18.46
C ALA B 867 13.40 -12.81 17.55
N ALA B 868 14.01 -13.07 16.38
CA ALA B 868 14.29 -11.99 15.44
C ALA B 868 13.00 -11.39 14.90
N GLY B 869 12.02 -12.24 14.58
CA GLY B 869 10.75 -11.72 14.08
C GLY B 869 10.02 -10.87 15.10
N SER B 870 10.00 -11.31 16.36
CA SER B 870 9.36 -10.53 17.41
C SER B 870 10.10 -9.22 17.64
N SER B 871 11.43 -9.24 17.60
CA SER B 871 12.19 -7.99 17.76
C SER B 871 11.92 -7.02 16.61
N CYS B 872 11.82 -7.55 15.38
CA CYS B 872 11.47 -6.68 14.26
C CYS B 872 10.08 -6.10 14.42
N HIS B 873 9.13 -6.90 14.89
CA HIS B 873 7.78 -6.39 15.12
C HIS B 873 7.77 -5.30 16.18
N ILE B 874 8.53 -5.51 17.26
CA ILE B 874 8.61 -4.50 18.32
C ILE B 874 9.22 -3.21 17.79
N THR B 875 10.29 -3.33 16.99
CA THR B 875 10.93 -2.13 16.43
C THR B 875 9.97 -1.38 15.52
N GLN B 876 9.26 -2.10 14.65
CA GLN B 876 8.31 -1.45 13.74
C GLN B 876 7.19 -0.77 14.50
N LEU B 877 6.65 -1.44 15.53
CA LEU B 877 5.59 -0.84 16.32
C LEU B 877 6.08 0.39 17.05
N LEU B 878 7.29 0.35 17.61
CA LEU B 878 7.81 1.50 18.33
C LEU B 878 8.09 2.67 17.38
N LEU B 879 8.53 2.38 16.17
CA LEU B 879 8.68 3.43 15.17
C LEU B 879 7.33 4.04 14.81
N THR B 880 6.29 3.21 14.71
CA THR B 880 4.95 3.74 14.41
C THR B 880 4.48 4.68 15.53
N LEU B 881 4.71 4.30 16.79
CA LEU B 881 4.33 5.16 17.90
C LEU B 881 5.11 6.47 17.88
N GLY B 882 6.41 6.41 17.58
CA GLY B 882 7.19 7.62 17.42
C GLY B 882 8.46 7.69 18.24
N CYS B 883 8.88 6.58 18.84
CA CYS B 883 10.08 6.57 19.67
C CYS B 883 11.19 5.84 18.93
N PRO B 884 12.20 6.54 18.41
CA PRO B 884 13.24 5.87 17.63
C PRO B 884 14.30 5.17 18.46
N SER B 885 14.54 5.60 19.70
CA SER B 885 15.63 5.01 20.49
C SER B 885 15.33 3.56 20.85
N TYR B 886 14.13 3.29 21.37
CA TYR B 886 13.75 1.92 21.70
C TYR B 886 13.71 1.06 20.45
N ALA B 887 13.29 1.65 19.33
CA ALA B 887 13.35 0.94 18.05
C ALA B 887 14.78 0.55 17.70
N GLN B 888 15.74 1.44 17.96
CA GLN B 888 17.14 1.13 17.70
C GLN B 888 17.63 -0.01 18.58
N LEU B 889 17.27 0.02 19.86
CA LEU B 889 17.68 -1.06 20.76
C LEU B 889 17.12 -2.40 20.30
N HIS B 890 15.84 -2.42 19.93
CA HIS B 890 15.23 -3.68 19.52
C HIS B 890 15.70 -4.13 18.15
N LEU B 891 16.10 -3.19 17.28
CA LEU B 891 16.73 -3.58 16.02
C LEU B 891 18.09 -4.22 16.25
N GLU B 892 18.86 -3.70 17.20
CA GLU B 892 20.12 -4.34 17.56
C GLU B 892 19.87 -5.74 18.12
N GLU B 893 18.84 -5.89 18.94
CA GLU B 893 18.48 -7.21 19.44
C GLU B 893 18.12 -8.15 18.30
N ALA B 894 17.35 -7.65 17.32
CA ALA B 894 16.98 -8.47 16.18
C ALA B 894 18.21 -8.92 15.40
N ALA B 895 19.16 -8.02 15.15
CA ALA B 895 20.37 -8.41 14.43
C ALA B 895 21.17 -9.43 15.21
N SER B 896 21.30 -9.23 16.52
CA SER B 896 22.05 -10.18 17.34
C SER B 896 21.43 -11.56 17.29
N SER B 897 20.10 -11.64 17.37
CA SER B 897 19.44 -12.93 17.21
C SER B 897 19.60 -13.47 15.80
N LEU B 898 19.70 -12.58 14.82
CA LEU B 898 19.81 -12.98 13.42
C LEU B 898 21.14 -13.65 13.12
N LYS B 899 22.19 -13.31 13.88
CA LYS B 899 23.49 -13.93 13.63
C LYS B 899 23.44 -15.46 13.78
N HIS B 900 22.55 -15.98 14.62
CA HIS B 900 22.55 -17.42 14.91
C HIS B 900 22.00 -18.23 13.75
N LEU B 901 20.98 -17.73 13.06
CA LEU B 901 20.31 -18.53 12.04
C LEU B 901 21.26 -18.87 10.90
N ASP B 902 20.98 -20.00 10.25
CA ASP B 902 21.71 -20.36 9.05
C ASP B 902 21.47 -19.31 7.96
N GLN B 903 22.53 -18.93 7.26
CA GLN B 903 22.48 -17.85 6.29
C GLN B 903 22.03 -18.33 4.91
N THR B 904 21.37 -19.48 4.84
CA THR B 904 20.84 -20.00 3.59
C THR B 904 19.32 -20.08 3.57
N THR B 905 18.69 -20.30 4.72
CA THR B 905 17.24 -20.45 4.77
C THR B 905 16.54 -19.15 4.37
N ASP B 906 15.34 -19.31 3.80
CA ASP B 906 14.56 -18.15 3.36
C ASP B 906 14.23 -17.22 4.52
N THR B 907 14.05 -17.78 5.72
CA THR B 907 13.75 -16.95 6.89
C THR B 907 14.89 -15.98 7.18
N TYR B 908 16.14 -16.43 6.99
CA TYR B 908 17.27 -15.54 7.18
C TYR B 908 17.22 -14.36 6.21
N LEU B 909 16.91 -14.63 4.94
CA LEU B 909 16.82 -13.55 3.97
C LEU B 909 15.70 -12.58 4.32
N LEU B 910 14.54 -13.13 4.72
CA LEU B 910 13.43 -12.28 5.15
C LEU B 910 13.84 -11.37 6.29
N LEU B 911 14.42 -11.94 7.33
CA LEU B 911 14.75 -11.15 8.52
C LEU B 911 15.88 -10.17 8.25
N SER B 912 16.85 -10.54 7.41
CA SER B 912 17.92 -9.61 7.06
C SER B 912 17.38 -8.42 6.28
N LEU B 913 16.52 -8.67 5.30
CA LEU B 913 15.93 -7.57 4.54
C LEU B 913 15.05 -6.70 5.44
N THR B 914 14.30 -7.32 6.35
CA THR B 914 13.49 -6.54 7.28
C THR B 914 14.35 -5.68 8.19
N CYS B 915 15.48 -6.22 8.65
CA CYS B 915 16.39 -5.45 9.49
C CYS B 915 17.00 -4.28 8.73
N ASP B 916 17.37 -4.50 7.47
CA ASP B 916 17.87 -3.40 6.65
C ASP B 916 16.80 -2.33 6.45
N LEU B 917 15.55 -2.75 6.23
CA LEU B 917 14.47 -1.79 6.07
C LEU B 917 14.26 -0.97 7.34
N LEU B 918 14.31 -1.63 8.49
CA LEU B 918 14.13 -0.91 9.75
C LEU B 918 15.30 0.04 10.02
N ARG B 919 16.51 -0.36 9.65
CA ARG B 919 17.66 0.54 9.77
C ARG B 919 17.51 1.73 8.84
N SER B 920 17.00 1.51 7.63
CA SER B 920 16.74 2.60 6.71
C SER B 920 15.73 3.57 7.30
N GLN B 921 14.66 3.05 7.90
CA GLN B 921 13.67 3.93 8.53
C GLN B 921 14.26 4.70 9.70
N LEU B 922 15.09 4.04 10.50
CA LEU B 922 15.72 4.71 11.63
C LEU B 922 16.64 5.84 11.17
N TYR B 923 17.42 5.58 10.12
CA TYR B 923 18.27 6.64 9.57
C TYR B 923 17.43 7.78 9.01
N TRP B 924 16.32 7.46 8.35
CA TRP B 924 15.40 8.49 7.87
C TRP B 924 14.87 9.33 9.02
N THR B 925 14.67 8.73 10.18
CA THR B 925 14.22 9.48 11.34
C THR B 925 15.34 10.31 11.95
N HIS B 926 16.56 9.79 11.96
CA HIS B 926 17.70 10.43 12.61
C HIS B 926 18.50 11.32 11.67
N GLN B 927 17.90 11.78 10.58
CA GLN B 927 18.54 12.71 9.64
C GLN B 927 19.86 12.14 9.11
N LYS B 928 19.85 10.84 8.82
CA LYS B 928 20.99 10.18 8.19
C LYS B 928 20.55 9.67 6.82
N VAL B 929 19.80 10.50 6.11
CA VAL B 929 19.19 10.08 4.81
C VAL B 929 20.22 9.43 3.88
N THR B 930 21.36 10.08 3.62
CA THR B 930 22.30 9.53 2.62
C THR B 930 22.50 8.04 2.81
N LYS B 931 22.93 7.63 4.01
CA LYS B 931 23.19 6.18 4.27
C LYS B 931 21.87 5.40 4.17
N GLY B 932 20.78 5.95 4.71
CA GLY B 932 19.49 5.25 4.71
C GLY B 932 19.02 4.94 3.30
N VAL B 933 19.16 5.90 2.38
CA VAL B 933 18.70 5.69 0.98
C VAL B 933 19.49 4.51 0.39
N SER B 934 20.80 4.46 0.66
CA SER B 934 21.64 3.37 0.11
C SER B 934 21.10 2.02 0.58
N LEU B 935 20.73 1.91 1.86
CA LEU B 935 20.15 0.65 2.40
C LEU B 935 18.85 0.34 1.64
N LEU B 936 17.99 1.34 1.47
CA LEU B 936 16.69 1.12 0.77
C LEU B 936 16.97 0.64 -0.66
N LEU B 937 17.88 1.31 -1.35
CA LEU B 937 18.24 0.91 -2.74
C LEU B 937 18.79 -0.52 -2.71
N SER B 938 19.59 -0.87 -1.70
CA SER B 938 20.08 -2.24 -1.58
C SER B 938 18.94 -3.21 -1.35
N VAL B 939 17.97 -2.83 -0.51
CA VAL B 939 16.81 -3.68 -0.25
C VAL B 939 15.99 -3.85 -1.52
N LEU B 940 15.73 -2.75 -2.23
CA LEU B 940 14.90 -2.81 -3.43
C LEU B 940 15.57 -3.61 -4.54
N ARG B 941 16.88 -3.44 -4.70
CA ARG B 941 17.61 -4.16 -5.75
C ARG B 941 17.86 -5.62 -5.42
N ASP B 942 17.60 -6.04 -4.19
CA ASP B 942 17.78 -7.44 -3.81
C ASP B 942 16.74 -8.29 -4.51
N PRO B 943 17.14 -9.28 -5.31
CA PRO B 943 16.14 -10.11 -6.01
C PRO B 943 15.25 -10.92 -5.08
N ALA B 944 15.67 -11.14 -3.84
CA ALA B 944 14.88 -11.94 -2.91
C ALA B 944 13.57 -11.28 -2.53
N LEU B 945 13.45 -9.97 -2.69
CA LEU B 945 12.24 -9.26 -2.29
C LEU B 945 11.05 -9.63 -3.16
N GLN B 946 11.29 -10.14 -4.36
CA GLN B 946 10.22 -10.43 -5.31
C GLN B 946 9.86 -11.90 -5.39
N LYS B 947 10.13 -12.66 -4.33
CA LYS B 947 9.71 -14.05 -4.29
C LYS B 947 8.20 -14.15 -4.12
N SER B 948 7.67 -15.35 -4.39
CA SER B 948 6.23 -15.58 -4.36
C SER B 948 5.87 -16.23 -3.02
N SER B 949 5.72 -15.39 -2.01
CA SER B 949 5.26 -15.82 -0.70
C SER B 949 4.56 -14.65 -0.02
N LYS B 950 3.68 -14.97 0.94
CA LYS B 950 2.92 -13.92 1.60
C LYS B 950 3.81 -13.07 2.50
N ALA B 951 4.86 -13.65 3.07
CA ALA B 951 5.78 -12.88 3.90
C ALA B 951 6.54 -11.85 3.07
N TRP B 952 6.98 -12.24 1.87
CA TRP B 952 7.64 -11.28 0.98
C TRP B 952 6.69 -10.18 0.55
N TYR B 953 5.42 -10.53 0.27
CA TYR B 953 4.45 -9.52 -0.13
C TYR B 953 4.23 -8.51 0.98
N LEU B 954 4.15 -8.97 2.22
CA LEU B 954 3.99 -8.04 3.34
C LEU B 954 5.22 -7.18 3.54
N LEU B 955 6.41 -7.72 3.24
CA LEU B 955 7.62 -6.91 3.32
C LEU B 955 7.63 -5.82 2.26
N ARG B 956 7.20 -6.15 1.04
CA ARG B 956 7.18 -5.17 -0.03
C ARG B 956 6.30 -3.98 0.31
N VAL B 957 5.24 -4.20 1.08
CA VAL B 957 4.35 -3.12 1.48
C VAL B 957 5.12 -2.09 2.30
N GLN B 958 5.89 -2.56 3.28
CA GLN B 958 6.69 -1.65 4.09
C GLN B 958 7.79 -0.99 3.27
N VAL B 959 8.34 -1.70 2.29
CA VAL B 959 9.32 -1.09 1.39
C VAL B 959 8.69 0.09 0.66
N LEU B 960 7.46 -0.08 0.16
CA LEU B 960 6.80 1.00 -0.55
C LEU B 960 6.45 2.16 0.38
N GLN B 961 6.04 1.84 1.61
CA GLN B 961 5.76 2.91 2.57
C GLN B 961 7.02 3.69 2.91
N LEU B 962 8.16 3.01 3.04
CA LEU B 962 9.42 3.71 3.28
C LEU B 962 9.84 4.52 2.06
N VAL B 963 9.56 4.01 0.86
CA VAL B 963 9.82 4.77 -0.35
C VAL B 963 9.00 6.06 -0.33
N ALA B 964 7.74 5.97 0.08
CA ALA B 964 6.92 7.17 0.21
C ALA B 964 7.49 8.13 1.25
N ALA B 965 7.96 7.59 2.38
CA ALA B 965 8.53 8.43 3.42
C ALA B 965 9.76 9.18 2.92
N TYR B 966 10.61 8.50 2.15
CA TYR B 966 11.78 9.18 1.59
C TYR B 966 11.38 10.19 0.51
N LEU B 967 10.38 9.83 -0.31
CA LEU B 967 9.94 10.72 -1.38
C LEU B 967 9.20 11.95 -0.86
N SER B 968 8.76 11.92 0.40
CA SER B 968 8.12 13.09 0.98
C SER B 968 9.12 14.15 1.43
N LEU B 969 10.42 13.87 1.37
CA LEU B 969 11.44 14.78 1.84
C LEU B 969 11.76 15.85 0.80
N PRO B 970 12.23 17.02 1.23
CA PRO B 970 12.66 18.04 0.28
C PRO B 970 13.88 17.60 -0.51
N SER B 971 14.29 18.42 -1.49
CA SER B 971 15.42 18.05 -2.38
C SER B 971 16.78 18.29 -1.71
N ASN B 972 16.86 19.25 -0.79
CA ASN B 972 18.12 19.55 -0.06
C ASN B 972 18.61 18.31 0.68
N ASN B 973 17.71 17.39 1.02
CA ASN B 973 18.07 16.21 1.85
C ASN B 973 19.04 15.28 1.11
N LEU B 974 18.72 14.92 -0.14
CA LEU B 974 19.55 13.93 -0.87
C LEU B 974 20.12 14.55 -2.16
N SER B 975 21.23 14.00 -2.66
CA SER B 975 21.84 14.50 -3.91
C SER B 975 20.95 14.19 -5.11
N HIS B 976 21.14 14.89 -6.23
CA HIS B 976 20.32 14.68 -7.44
C HIS B 976 20.49 13.23 -7.90
N SER B 977 21.73 12.74 -7.92
CA SER B 977 22.00 11.36 -8.40
C SER B 977 21.13 10.37 -7.64
N LEU B 978 21.12 10.47 -6.30
CA LEU B 978 20.35 9.49 -5.49
C LEU B 978 18.85 9.73 -5.67
N TRP B 979 18.43 10.99 -5.82
CA TRP B 979 17.00 11.28 -6.11
C TRP B 979 16.60 10.59 -7.42
N GLU B 980 17.41 10.72 -8.47
CA GLU B 980 17.11 10.04 -9.72
C GLU B 980 17.10 8.53 -9.53
N GLN B 981 18.04 8.00 -8.75
CA GLN B 981 18.07 6.56 -8.51
C GLN B 981 16.83 6.11 -7.76
N LEU B 982 16.39 6.87 -6.76
CA LEU B 982 15.19 6.49 -6.01
C LEU B 982 13.94 6.57 -6.87
N CYS B 983 13.81 7.62 -7.69
CA CYS B 983 12.63 7.73 -8.54
C CYS B 983 12.67 6.77 -9.71
N ALA B 984 13.84 6.24 -10.06
CA ALA B 984 13.95 5.29 -11.16
C ALA B 984 13.43 3.91 -10.81
N GLN B 985 13.11 3.65 -9.55
CA GLN B 985 12.64 2.32 -9.16
C GLN B 985 11.21 2.07 -9.63
N GLY B 986 10.41 3.13 -9.77
CA GLY B 986 9.07 2.96 -10.29
C GLY B 986 8.02 3.84 -9.63
N TRP B 987 8.37 4.54 -8.56
CA TRP B 987 7.43 5.38 -7.83
C TRP B 987 7.99 6.79 -7.75
N GLN B 988 7.16 7.77 -8.09
CA GLN B 988 7.58 9.16 -8.23
C GLN B 988 7.08 10.05 -7.09
N THR B 989 5.79 10.03 -6.82
CA THR B 989 5.03 10.74 -5.81
C THR B 989 4.79 9.84 -4.60
N PRO B 990 4.83 10.38 -3.38
CA PRO B 990 4.51 9.54 -2.21
C PRO B 990 3.14 8.91 -2.28
N GLU B 991 2.16 9.63 -2.84
CA GLU B 991 0.82 9.07 -2.99
C GLU B 991 0.83 7.85 -3.90
N ILE B 992 1.71 7.83 -4.91
CA ILE B 992 1.80 6.67 -5.79
C ILE B 992 2.27 5.45 -5.03
N ALA B 993 3.33 5.60 -4.23
CA ALA B 993 3.84 4.48 -3.44
C ALA B 993 2.81 4.01 -2.42
N LEU B 994 2.13 4.95 -1.77
CA LEU B 994 1.12 4.55 -0.78
C LEU B 994 -0.06 3.84 -1.44
N ILE B 995 -0.48 4.30 -2.61
CA ILE B 995 -1.55 3.62 -3.34
C ILE B 995 -1.13 2.23 -3.75
N ASP B 996 0.13 2.09 -4.18
CA ASP B 996 0.65 0.75 -4.54
C ASP B 996 0.66 -0.15 -3.29
N SER B 997 1.08 0.41 -2.15
CA SER B 997 1.06 -0.37 -0.88
C SER B 997 -0.38 -0.81 -0.58
N HIS B 998 -1.35 0.10 -0.76
CA HIS B 998 -2.77 -0.23 -0.49
C HIS B 998 -3.21 -1.37 -1.42
N LYS B 999 -2.87 -1.28 -2.70
CA LYS B 999 -3.28 -2.30 -3.66
C LYS B 999 -2.67 -3.65 -3.32
N LEU B 1000 -1.39 -3.66 -2.93
CA LEU B 1000 -0.74 -4.92 -2.56
C LEU B 1000 -1.39 -5.52 -1.33
N LEU B 1001 -1.74 -4.67 -0.36
CA LEU B 1001 -2.40 -5.15 0.89
C LEU B 1001 -3.73 -5.81 0.53
N ARG B 1002 -4.54 -5.15 -0.31
CA ARG B 1002 -5.86 -5.70 -0.71
C ARG B 1002 -5.64 -7.01 -1.49
N SER B 1003 -4.61 -7.05 -2.35
CA SER B 1003 -4.28 -8.30 -3.09
C SER B 1003 -4.00 -9.42 -2.09
N ILE B 1004 -3.25 -9.12 -1.02
CA ILE B 1004 -2.97 -10.12 0.01
C ILE B 1004 -4.26 -10.54 0.70
N ILE B 1005 -5.15 -9.59 0.99
CA ILE B 1005 -6.45 -9.94 1.56
C ILE B 1005 -7.20 -10.88 0.63
N LEU B 1006 -7.19 -10.58 -0.66
CA LEU B 1006 -7.85 -11.45 -1.64
C LEU B 1006 -7.25 -12.84 -1.64
N LEU B 1007 -5.92 -12.93 -1.57
CA LEU B 1007 -5.26 -14.23 -1.60
C LEU B 1007 -5.49 -15.02 -0.33
N LEU B 1008 -5.72 -14.33 0.79
CA LEU B 1008 -5.83 -14.99 2.09
C LEU B 1008 -7.28 -15.36 2.43
N MET B 1009 -8.14 -14.35 2.53
CA MET B 1009 -9.50 -14.53 3.04
C MET B 1009 -10.58 -14.33 1.99
N GLY B 1010 -10.22 -14.14 0.73
CA GLY B 1010 -11.21 -13.86 -0.29
C GLY B 1010 -11.52 -12.38 -0.39
N SER B 1011 -12.68 -12.08 -0.97
CA SER B 1011 -13.08 -10.71 -1.26
C SER B 1011 -14.34 -10.27 -0.53
N ASP B 1012 -14.91 -11.11 0.33
CA ASP B 1012 -16.14 -10.73 1.03
C ASP B 1012 -15.90 -9.56 1.98
N ILE B 1013 -14.76 -9.56 2.66
CA ILE B 1013 -14.49 -8.52 3.65
C ILE B 1013 -14.22 -7.17 2.99
N LEU B 1014 -13.93 -7.14 1.70
CA LEU B 1014 -13.70 -5.89 0.97
C LEU B 1014 -14.91 -5.46 0.16
N SER B 1015 -15.46 -6.35 -0.66
CA SER B 1015 -16.61 -6.06 -1.50
C SER B 1015 -17.81 -6.86 -1.03
N THR B 1016 -18.99 -6.23 -1.10
CA THR B 1016 -20.23 -6.83 -0.63
C THR B 1016 -21.03 -7.49 -1.75
N GLN B 1017 -20.35 -7.96 -2.80
CA GLN B 1017 -21.03 -8.59 -3.92
C GLN B 1017 -21.62 -9.93 -3.51
N LYS B 1018 -22.76 -10.26 -4.12
CA LYS B 1018 -23.45 -11.51 -3.83
C LYS B 1018 -22.60 -12.69 -4.30
N ALA B 1019 -22.09 -13.47 -3.35
CA ALA B 1019 -21.26 -14.64 -3.62
C ALA B 1019 -20.09 -14.29 -4.53
N ALA B 1020 -19.31 -13.30 -4.08
CA ALA B 1020 -18.16 -12.84 -4.86
C ALA B 1020 -17.14 -13.95 -5.06
N VAL B 1021 -16.71 -14.58 -3.96
CA VAL B 1021 -15.75 -15.67 -4.02
C VAL B 1021 -15.82 -16.42 -2.69
N GLU B 1022 -15.40 -17.68 -2.71
CA GLU B 1022 -15.49 -18.56 -1.54
C GLU B 1022 -14.17 -19.30 -1.32
N THR B 1023 -13.06 -18.55 -1.36
CA THR B 1023 -11.76 -19.15 -1.08
C THR B 1023 -11.66 -19.53 0.39
N SER B 1024 -11.19 -20.75 0.66
CA SER B 1024 -11.01 -21.21 2.03
C SER B 1024 -9.89 -20.43 2.69
N PHE B 1025 -10.04 -20.17 4.00
CA PHE B 1025 -9.02 -19.43 4.73
C PHE B 1025 -7.72 -20.22 4.81
N LEU B 1026 -7.82 -21.54 4.99
CA LEU B 1026 -6.66 -22.42 5.10
C LEU B 1026 -5.77 -22.01 6.29
N ASP B 1027 -6.36 -22.12 7.48
CA ASP B 1027 -5.66 -21.75 8.70
C ASP B 1027 -4.60 -22.79 9.03
N TYR B 1028 -3.34 -22.36 9.06
CA TYR B 1028 -2.23 -23.23 9.42
C TYR B 1028 -1.25 -22.49 10.33
N GLY B 1029 -1.77 -21.69 11.24
CA GLY B 1029 -0.92 -20.98 12.20
C GLY B 1029 -0.47 -19.62 11.69
N GLU B 1030 0.40 -19.61 10.69
CA GLU B 1030 0.87 -18.35 10.13
C GLU B 1030 -0.24 -17.61 9.42
N ASN B 1031 -1.17 -18.33 8.81
CA ASN B 1031 -2.29 -17.70 8.11
C ASN B 1031 -3.16 -16.91 9.08
N LEU B 1032 -3.40 -17.45 10.28
CA LEU B 1032 -4.23 -16.76 11.25
C LEU B 1032 -3.61 -15.44 11.66
N VAL B 1033 -2.30 -15.41 11.90
CA VAL B 1033 -1.64 -14.16 12.24
C VAL B 1033 -1.66 -13.19 11.05
N GLN B 1034 -1.40 -13.71 9.85
CA GLN B 1034 -1.33 -12.84 8.68
C GLN B 1034 -2.67 -12.21 8.35
N LYS B 1035 -3.78 -12.90 8.61
CA LYS B 1035 -5.10 -12.33 8.36
C LYS B 1035 -5.26 -11.01 9.12
N TRP B 1036 -5.02 -11.05 10.43
CA TRP B 1036 -5.21 -9.88 11.27
C TRP B 1036 -4.15 -8.83 10.99
N GLN B 1037 -2.93 -9.27 10.69
CA GLN B 1037 -1.85 -8.34 10.37
C GLN B 1037 -2.16 -7.55 9.11
N VAL B 1038 -2.65 -8.24 8.07
CA VAL B 1038 -2.99 -7.57 6.83
C VAL B 1038 -4.17 -6.63 7.03
N LEU B 1039 -5.17 -7.02 7.84
CA LEU B 1039 -6.27 -6.10 8.07
C LEU B 1039 -5.79 -4.83 8.77
N SER B 1040 -4.93 -4.97 9.79
CA SER B 1040 -4.41 -3.81 10.49
C SER B 1040 -3.58 -2.94 9.55
N GLU B 1041 -2.77 -3.55 8.70
CA GLU B 1041 -1.93 -2.78 7.79
C GLU B 1041 -2.77 -2.07 6.73
N VAL B 1042 -3.86 -2.71 6.30
CA VAL B 1042 -4.79 -2.04 5.33
C VAL B 1042 -5.34 -0.78 6.02
N LEU B 1043 -5.78 -0.91 7.27
CA LEU B 1043 -6.35 0.25 7.96
C LEU B 1043 -5.32 1.36 8.12
N SER B 1044 -4.08 1.01 8.52
CA SER B 1044 -3.05 2.02 8.71
C SER B 1044 -2.68 2.70 7.39
N CYS B 1045 -2.54 1.92 6.31
CA CYS B 1045 -2.22 2.50 5.01
C CYS B 1045 -3.36 3.38 4.51
N SER B 1046 -4.61 2.99 4.79
CA SER B 1046 -5.74 3.84 4.41
C SER B 1046 -5.69 5.16 5.17
N GLU B 1047 -5.24 5.15 6.42
CA GLU B 1047 -5.09 6.43 7.18
C GLU B 1047 -4.05 7.34 6.51
N LYS B 1048 -2.84 6.82 6.23
CA LYS B 1048 -1.77 7.62 5.60
C LYS B 1048 -2.24 8.14 4.23
N LEU B 1049 -2.87 7.28 3.43
CA LEU B 1049 -3.41 7.73 2.13
C LEU B 1049 -4.43 8.87 2.35
N VAL B 1050 -5.36 8.73 3.31
CA VAL B 1050 -6.37 9.76 3.49
C VAL B 1050 -5.73 11.06 3.97
N CYS B 1051 -4.85 10.96 4.96
CA CYS B 1051 -4.21 12.17 5.49
C CYS B 1051 -3.35 12.85 4.41
N HIS B 1052 -2.56 12.07 3.68
CA HIS B 1052 -1.68 12.66 2.67
C HIS B 1052 -2.47 13.30 1.54
N LEU B 1053 -3.57 12.65 1.10
CA LEU B 1053 -4.34 13.21 -0.02
C LEU B 1053 -5.13 14.43 0.42
N GLY B 1054 -5.72 14.40 1.62
CA GLY B 1054 -6.41 15.57 2.12
C GLY B 1054 -5.48 16.74 2.37
N ARG B 1055 -4.25 16.45 2.77
CA ARG B 1055 -3.27 17.53 2.96
C ARG B 1055 -2.94 18.21 1.64
N LEU B 1056 -2.92 17.45 0.55
CA LEU B 1056 -2.56 17.99 -0.76
C LEU B 1056 -3.72 18.70 -1.45
N GLY B 1057 -4.93 18.59 -0.93
CA GLY B 1057 -6.09 19.19 -1.56
C GLY B 1057 -6.92 18.24 -2.40
N SER B 1058 -6.42 17.03 -2.65
CA SER B 1058 -7.17 16.01 -3.39
C SER B 1058 -8.15 15.36 -2.40
N VAL B 1059 -9.33 15.96 -2.27
CA VAL B 1059 -10.27 15.54 -1.24
C VAL B 1059 -11.21 14.43 -1.74
N SER B 1060 -11.45 14.35 -3.05
CA SER B 1060 -12.35 13.31 -3.56
C SER B 1060 -11.76 11.91 -3.36
N GLU B 1061 -10.50 11.72 -3.75
CA GLU B 1061 -9.85 10.42 -3.52
C GLU B 1061 -9.71 10.13 -2.04
N ALA B 1062 -9.40 11.16 -1.24
CA ALA B 1062 -9.29 10.98 0.20
C ALA B 1062 -10.60 10.49 0.79
N LYS B 1063 -11.72 11.08 0.35
CA LYS B 1063 -13.03 10.62 0.82
C LYS B 1063 -13.34 9.22 0.34
N ALA B 1064 -12.92 8.86 -0.88
CA ALA B 1064 -13.13 7.51 -1.36
C ALA B 1064 -12.43 6.49 -0.47
N PHE B 1065 -11.17 6.78 -0.12
CA PHE B 1065 -10.41 5.86 0.77
C PHE B 1065 -11.02 5.87 2.17
N CYS B 1066 -11.46 7.04 2.66
CA CYS B 1066 -12.05 7.14 4.02
C CYS B 1066 -13.33 6.29 4.08
N LEU B 1067 -14.13 6.30 3.01
CA LEU B 1067 -15.41 5.56 3.00
C LEU B 1067 -15.13 4.04 2.88
N GLU B 1068 -14.13 3.67 2.09
CA GLU B 1068 -13.75 2.23 1.96
C GLU B 1068 -13.28 1.72 3.32
N ALA B 1069 -12.56 2.54 4.07
CA ALA B 1069 -12.04 2.15 5.39
C ALA B 1069 -13.19 2.09 6.40
N LEU B 1070 -14.11 3.04 6.32
CA LEU B 1070 -15.30 3.02 7.22
C LEU B 1070 -16.13 1.76 6.92
N LYS B 1071 -16.29 1.39 5.65
CA LYS B 1071 -17.03 0.17 5.35
C LYS B 1071 -16.33 -1.05 5.95
N LEU B 1072 -15.00 -1.11 5.80
CA LEU B 1072 -14.26 -2.23 6.37
C LEU B 1072 -14.40 -2.27 7.89
N THR B 1073 -14.34 -1.09 8.52
CA THR B 1073 -14.45 -1.02 9.99
C THR B 1073 -15.86 -1.39 10.42
N THR B 1074 -16.86 -1.07 9.59
CA THR B 1074 -18.26 -1.41 9.90
C THR B 1074 -18.42 -2.92 9.93
N LYS B 1075 -17.85 -3.60 8.93
CA LYS B 1075 -17.91 -5.09 8.90
C LYS B 1075 -17.22 -5.64 10.14
N LEU B 1076 -16.03 -5.14 10.46
CA LEU B 1076 -15.29 -5.70 11.58
C LEU B 1076 -15.81 -5.24 12.93
N GLN B 1077 -16.61 -4.17 12.96
CA GLN B 1077 -17.21 -3.65 14.19
C GLN B 1077 -16.15 -3.27 15.21
N ILE B 1078 -15.33 -2.29 14.85
CA ILE B 1078 -14.29 -1.76 15.71
C ILE B 1078 -14.55 -0.27 15.90
N PRO B 1079 -15.10 0.14 17.05
CA PRO B 1079 -15.43 1.56 17.25
C PRO B 1079 -14.26 2.51 17.14
N ARG B 1080 -13.04 2.09 17.53
CA ARG B 1080 -11.91 3.00 17.55
C ARG B 1080 -11.52 3.45 16.14
N GLN B 1081 -11.34 2.49 15.24
CA GLN B 1081 -10.98 2.84 13.87
C GLN B 1081 -12.10 3.58 13.16
N CYS B 1082 -13.36 3.23 13.47
CA CYS B 1082 -14.48 3.98 12.91
C CYS B 1082 -14.45 5.43 13.38
N ALA B 1083 -14.13 5.67 14.66
CA ALA B 1083 -14.04 7.04 15.15
C ALA B 1083 -12.92 7.80 14.45
N LEU B 1084 -11.76 7.15 14.29
CA LEU B 1084 -10.64 7.82 13.62
C LEU B 1084 -11.00 8.20 12.19
N PHE B 1085 -11.57 7.26 11.44
CA PHE B 1085 -11.88 7.53 10.04
C PHE B 1085 -13.05 8.50 9.91
N LEU B 1086 -13.97 8.51 10.88
CA LEU B 1086 -15.03 9.50 10.88
C LEU B 1086 -14.48 10.90 11.12
N VAL B 1087 -13.48 11.04 11.99
CA VAL B 1087 -12.85 12.33 12.18
C VAL B 1087 -12.15 12.78 10.91
N LEU B 1088 -11.45 11.87 10.24
CA LEU B 1088 -10.79 12.21 8.98
C LEU B 1088 -11.82 12.65 7.94
N LYS B 1089 -12.95 11.93 7.86
CA LYS B 1089 -13.99 12.29 6.91
C LYS B 1089 -14.59 13.66 7.24
N GLY B 1090 -14.77 13.96 8.53
CA GLY B 1090 -15.24 15.28 8.91
C GLY B 1090 -14.27 16.38 8.52
N GLU B 1091 -12.96 16.11 8.66
CA GLU B 1091 -11.97 17.07 8.20
C GLU B 1091 -12.07 17.29 6.69
N LEU B 1092 -12.25 16.21 5.94
CA LEU B 1092 -12.39 16.34 4.48
C LEU B 1092 -13.64 17.14 4.12
N GLU B 1093 -14.75 16.89 4.82
CA GLU B 1093 -15.98 17.62 4.52
C GLU B 1093 -15.87 19.09 4.89
N LEU B 1094 -15.14 19.41 5.96
CA LEU B 1094 -14.83 20.81 6.26
C LEU B 1094 -14.00 21.42 5.15
N ALA B 1095 -13.05 20.65 4.61
CA ALA B 1095 -12.25 21.14 3.49
C ALA B 1095 -13.12 21.45 2.28
N ARG B 1096 -14.09 20.59 1.99
CA ARG B 1096 -15.04 20.84 0.90
C ARG B 1096 -16.12 21.85 1.25
N ASN B 1097 -16.08 22.39 2.46
CA ASN B 1097 -17.13 23.36 2.94
C ASN B 1097 -18.51 22.71 2.89
N ASP B 1098 -18.74 21.68 3.69
CA ASP B 1098 -20.09 21.07 3.82
C ASP B 1098 -20.34 20.92 5.32
N ILE B 1099 -20.59 22.03 6.01
CA ILE B 1099 -20.70 22.01 7.51
C ILE B 1099 -21.72 20.98 8.00
N ASP B 1100 -22.85 20.80 7.32
CA ASP B 1100 -23.87 19.90 7.87
C ASP B 1100 -23.35 18.47 7.98
N LEU B 1101 -22.76 17.96 6.89
CA LEU B 1101 -22.25 16.59 6.92
C LEU B 1101 -21.07 16.47 7.87
N CYS B 1102 -20.21 17.48 7.92
CA CYS B 1102 -19.10 17.48 8.87
C CYS B 1102 -19.60 17.43 10.31
N GLN B 1103 -20.64 18.20 10.62
CA GLN B 1103 -21.20 18.19 11.97
C GLN B 1103 -21.85 16.86 12.28
N SER B 1104 -22.48 16.23 11.29
CA SER B 1104 -23.02 14.89 11.49
C SER B 1104 -21.92 13.89 11.84
N ASP B 1105 -20.83 13.92 11.08
CA ASP B 1105 -19.72 13.01 11.35
C ASP B 1105 -19.10 13.28 12.73
N LEU B 1106 -18.96 14.55 13.09
CA LEU B 1106 -18.41 14.89 14.40
C LEU B 1106 -19.33 14.41 15.52
N GLN B 1107 -20.64 14.50 15.31
CA GLN B 1107 -21.58 14.00 16.31
C GLN B 1107 -21.46 12.48 16.46
N GLN B 1108 -21.29 11.77 15.35
CA GLN B 1108 -21.07 10.33 15.45
C GLN B 1108 -19.78 10.02 16.21
N VAL B 1109 -18.73 10.79 15.95
CA VAL B 1109 -17.48 10.62 16.70
C VAL B 1109 -17.73 10.85 18.19
N LEU B 1110 -18.52 11.86 18.52
CA LEU B 1110 -18.80 12.15 19.92
C LEU B 1110 -19.56 11.01 20.58
N PHE B 1111 -20.54 10.44 19.87
CA PHE B 1111 -21.24 9.28 20.42
C PHE B 1111 -20.29 8.11 20.64
N LEU B 1112 -19.42 7.83 19.67
CA LEU B 1112 -18.50 6.71 19.83
C LEU B 1112 -17.54 6.94 21.00
N LEU B 1113 -17.03 8.16 21.14
CA LEU B 1113 -16.11 8.45 22.24
C LEU B 1113 -16.81 8.37 23.59
N GLU B 1114 -18.02 8.95 23.70
CA GLU B 1114 -18.75 8.90 24.96
C GLU B 1114 -19.16 7.49 25.32
N SER B 1115 -19.38 6.63 24.32
CA SER B 1115 -19.67 5.23 24.62
C SER B 1115 -18.42 4.47 25.02
N CYS B 1116 -17.28 4.78 24.37
CA CYS B 1116 -16.03 4.09 24.71
C CYS B 1116 -15.57 4.43 26.12
N THR B 1117 -15.68 5.69 26.53
CA THR B 1117 -15.28 6.05 27.89
C THR B 1117 -16.24 5.45 28.91
N GLU B 1118 -17.53 5.37 28.57
CA GLU B 1118 -18.49 4.75 29.48
C GLU B 1118 -18.32 3.24 29.53
N PHE B 1119 -18.14 2.61 28.38
CA PHE B 1119 -17.98 1.16 28.31
C PHE B 1119 -16.54 0.79 27.98
N ILE B 1191 -19.75 21.77 25.59
CA ILE B 1191 -18.40 21.26 25.77
C ILE B 1191 -18.45 19.78 26.15
N PRO B 1192 -17.77 18.93 25.37
CA PRO B 1192 -17.75 17.50 25.68
C PRO B 1192 -17.01 17.22 26.98
N ASN B 1193 -17.39 16.12 27.62
CA ASN B 1193 -16.85 15.77 28.93
C ASN B 1193 -15.48 15.11 28.86
N PHE B 1194 -15.03 14.67 27.68
CA PHE B 1194 -13.71 14.05 27.61
C PHE B 1194 -12.59 15.07 27.75
N LEU B 1195 -12.89 16.37 27.62
CA LEU B 1195 -11.93 17.41 27.95
C LEU B 1195 -11.95 17.62 29.46
N SER B 1196 -11.24 18.65 29.93
CA SER B 1196 -11.16 18.98 31.35
C SER B 1196 -10.67 17.79 32.18
N HIS B 1197 -9.67 17.08 31.67
CA HIS B 1197 -9.02 15.99 32.37
C HIS B 1197 -7.68 16.45 32.93
N SER B 1198 -7.18 15.70 33.90
CA SER B 1198 -5.86 15.95 34.42
C SER B 1198 -4.81 15.64 33.36
N PRO B 1199 -3.64 16.31 33.41
CA PRO B 1199 -2.57 15.96 32.47
C PRO B 1199 -2.16 14.50 32.57
N THR B 1200 -2.27 13.89 33.75
CA THR B 1200 -2.03 12.46 33.94
C THR B 1200 -3.38 11.81 34.24
N CYS B 1201 -3.82 10.92 33.37
CA CYS B 1201 -5.10 10.19 33.59
C CYS B 1201 -5.06 8.81 32.92
N ASP B 1202 -5.91 7.87 33.34
CA ASP B 1202 -5.84 6.48 32.80
C ASP B 1202 -7.18 6.05 32.20
N CYS B 1203 -8.07 6.99 31.88
CA CYS B 1203 -9.35 6.62 31.22
C CYS B 1203 -9.04 5.97 29.85
N SER B 1204 -9.91 5.08 29.38
CA SER B 1204 -9.68 4.46 28.08
C SER B 1204 -9.14 5.45 27.07
N LEU B 1205 -9.63 6.69 27.12
CA LEU B 1205 -9.19 7.71 26.17
C LEU B 1205 -7.79 8.19 26.47
N CYS B 1206 -7.49 8.43 27.75
CA CYS B 1206 -6.17 8.96 28.12
C CYS B 1206 -5.08 7.91 28.07
N ALA B 1207 -5.40 6.65 28.34
CA ALA B 1207 -4.39 5.60 28.29
C ALA B 1207 -4.10 5.11 26.88
N SER B 1208 -4.89 5.53 25.89
CA SER B 1208 -4.70 5.09 24.51
C SER B 1208 -4.25 6.27 23.66
N PRO B 1209 -3.06 6.20 23.05
CA PRO B 1209 -2.65 7.29 22.14
C PRO B 1209 -3.59 7.47 20.95
N VAL B 1210 -4.16 6.38 20.44
CA VAL B 1210 -5.05 6.47 19.28
C VAL B 1210 -6.29 7.29 19.61
N LEU B 1211 -6.92 6.99 20.76
CA LEU B 1211 -8.12 7.73 21.14
C LEU B 1211 -7.79 9.18 21.46
N THR B 1212 -6.62 9.44 22.05
CA THR B 1212 -6.24 10.82 22.31
C THR B 1212 -6.05 11.60 21.02
N ALA B 1213 -5.44 10.97 20.02
CA ALA B 1213 -5.32 11.60 18.71
C ALA B 1213 -6.69 11.86 18.09
N VAL B 1214 -7.61 10.90 18.23
CA VAL B 1214 -8.96 11.07 17.69
C VAL B 1214 -9.65 12.25 18.37
N CYS B 1215 -9.53 12.36 19.68
CA CYS B 1215 -10.16 13.46 20.40
C CYS B 1215 -9.55 14.80 20.00
N LEU B 1216 -8.23 14.87 19.89
CA LEU B 1216 -7.58 16.12 19.53
C LEU B 1216 -7.96 16.53 18.10
N ARG B 1217 -8.04 15.57 17.19
CA ARG B 1217 -8.48 15.87 15.83
C ARG B 1217 -9.94 16.31 15.81
N TRP B 1218 -10.77 15.73 16.66
CA TRP B 1218 -12.16 16.16 16.79
C TRP B 1218 -12.22 17.62 17.23
N VAL B 1219 -11.43 17.98 18.23
CA VAL B 1219 -11.39 19.37 18.69
C VAL B 1219 -10.93 20.29 17.57
N LEU B 1220 -9.93 19.87 16.81
CA LEU B 1220 -9.41 20.67 15.71
C LEU B 1220 -10.49 20.91 14.64
N VAL B 1221 -11.21 19.86 14.25
CA VAL B 1221 -12.24 20.00 13.22
C VAL B 1221 -13.41 20.81 13.73
N THR B 1222 -13.77 20.66 15.00
CA THR B 1222 -14.83 21.50 15.56
C THR B 1222 -14.42 22.96 15.58
N ALA B 1223 -13.15 23.23 15.89
CA ALA B 1223 -12.66 24.61 15.82
C ALA B 1223 -12.75 25.15 14.41
N GLY B 1224 -12.40 24.33 13.42
CA GLY B 1224 -12.54 24.75 12.04
C GLY B 1224 -13.97 25.06 11.66
N VAL B 1225 -14.91 24.25 12.15
CA VAL B 1225 -16.32 24.50 11.87
C VAL B 1225 -16.78 25.81 12.51
N ARG B 1226 -16.39 26.04 13.76
CA ARG B 1226 -16.77 27.29 14.42
C ARG B 1226 -16.19 28.49 13.69
N LEU B 1227 -14.95 28.41 13.25
CA LEU B 1227 -14.35 29.50 12.48
C LEU B 1227 -15.06 29.70 11.15
N ALA B 1228 -15.44 28.60 10.49
CA ALA B 1228 -16.17 28.70 9.22
C ALA B 1228 -17.55 29.33 9.43
N MET B 1229 -18.25 28.93 10.48
CA MET B 1229 -19.59 29.44 10.75
C MET B 1229 -19.58 30.82 11.38
N GLY B 1230 -18.44 31.50 11.40
CA GLY B 1230 -18.36 32.84 11.94
C GLY B 1230 -18.24 32.91 13.44
N HIS B 1231 -18.16 31.78 14.13
CA HIS B 1231 -18.07 31.77 15.60
C HIS B 1231 -16.61 31.76 16.00
N GLN B 1232 -16.01 32.95 16.01
CA GLN B 1232 -14.69 33.12 16.61
C GLN B 1232 -14.83 33.09 18.13
N ALA B 1233 -13.68 33.17 18.81
CA ALA B 1233 -13.60 33.14 20.26
C ALA B 1233 -14.06 31.81 20.84
N GLN B 1234 -14.47 30.88 19.96
CA GLN B 1234 -14.73 29.50 20.34
C GLN B 1234 -13.83 28.52 19.60
N GLY B 1235 -13.72 28.66 18.28
CA GLY B 1235 -12.72 27.91 17.55
C GLY B 1235 -11.31 28.21 18.04
N LEU B 1236 -11.06 29.47 18.38
CA LEU B 1236 -9.77 29.82 18.97
C LEU B 1236 -9.54 29.08 20.29
N ASP B 1237 -10.58 29.00 21.12
CA ASP B 1237 -10.45 28.29 22.39
C ASP B 1237 -10.18 26.81 22.17
N LEU B 1238 -10.85 26.20 21.19
CA LEU B 1238 -10.59 24.79 20.89
C LEU B 1238 -9.16 24.61 20.39
N LEU B 1239 -8.66 25.55 19.60
CA LEU B 1239 -7.28 25.46 19.14
C LEU B 1239 -6.29 25.56 20.30
N GLN B 1240 -6.57 26.43 21.27
CA GLN B 1240 -5.73 26.47 22.46
C GLN B 1240 -5.82 25.17 23.26
N VAL B 1241 -7.01 24.54 23.26
CA VAL B 1241 -7.13 23.23 23.90
C VAL B 1241 -6.23 22.22 23.23
N VAL B 1242 -6.19 22.21 21.90
CA VAL B 1242 -5.29 21.30 21.18
C VAL B 1242 -3.84 21.60 21.50
N LEU B 1243 -3.49 22.89 21.55
CA LEU B 1243 -2.12 23.30 21.88
C LEU B 1243 -1.72 22.80 23.25
N LYS B 1244 -2.61 22.91 24.24
CA LYS B 1244 -2.30 22.45 25.58
C LYS B 1244 -2.30 20.94 25.67
N GLY B 1245 -3.09 20.26 24.85
CA GLY B 1245 -3.27 18.84 24.97
C GLY B 1245 -2.23 17.98 24.30
N CYS B 1246 -1.68 18.42 23.17
CA CYS B 1246 -0.72 17.58 22.46
C CYS B 1246 0.53 17.26 23.27
N PRO B 1247 1.23 18.23 23.88
CA PRO B 1247 2.39 17.86 24.72
C PRO B 1247 2.04 16.96 25.90
N GLU B 1248 0.87 17.16 26.52
CA GLU B 1248 0.47 16.30 27.63
C GLU B 1248 0.29 14.86 27.17
N ALA B 1249 -0.35 14.67 26.02
CA ALA B 1249 -0.50 13.32 25.48
C ALA B 1249 0.86 12.72 25.13
N ALA B 1250 1.77 13.53 24.60
CA ALA B 1250 3.11 13.03 24.30
C ALA B 1250 3.82 12.56 25.58
N GLU B 1251 3.69 13.34 26.65
CA GLU B 1251 4.34 12.96 27.90
C GLU B 1251 3.73 11.68 28.47
N ARG B 1252 2.41 11.52 28.35
CA ARG B 1252 1.79 10.30 28.83
C ARG B 1252 2.22 9.10 28.00
N LEU B 1253 2.34 9.26 26.68
CA LEU B 1253 2.84 8.18 25.85
C LEU B 1253 4.27 7.81 26.23
N THR B 1254 5.11 8.81 26.51
CA THR B 1254 6.47 8.53 26.94
C THR B 1254 6.50 7.75 28.24
N GLN B 1255 5.73 8.21 29.24
CA GLN B 1255 5.69 7.51 30.52
C GLN B 1255 5.19 6.08 30.37
N ALA B 1256 4.16 5.89 29.54
CA ALA B 1256 3.59 4.55 29.40
C ALA B 1256 4.54 3.61 28.66
N LEU B 1257 5.24 4.10 27.64
CA LEU B 1257 6.26 3.27 26.99
C LEU B 1257 7.36 2.91 27.96
N GLN B 1258 7.77 3.88 28.79
CA GLN B 1258 8.78 3.61 29.81
C GLN B 1258 8.32 2.53 30.77
N ALA B 1259 7.06 2.58 31.19
CA ALA B 1259 6.52 1.56 32.08
C ALA B 1259 6.47 0.20 31.40
N SER B 1260 6.07 0.16 30.12
CA SER B 1260 5.89 -1.11 29.43
C SER B 1260 7.23 -1.80 29.17
N LEU B 1261 8.21 -1.07 28.62
CA LEU B 1261 9.44 -1.71 28.20
C LEU B 1261 10.47 -1.85 29.31
N ASN B 1262 10.24 -1.24 30.47
CA ASN B 1262 11.09 -1.40 31.65
C ASN B 1262 12.55 -1.02 31.34
N HIS B 1263 12.71 0.25 31.00
CA HIS B 1263 14.03 0.85 30.85
C HIS B 1263 14.25 1.88 31.95
N LYS B 1264 15.52 2.16 32.23
CA LYS B 1264 15.84 3.21 33.19
C LYS B 1264 15.95 4.58 32.55
N THR B 1265 16.60 4.67 31.40
CA THR B 1265 16.75 5.95 30.72
C THR B 1265 15.48 6.31 29.96
N PRO B 1266 14.88 7.47 30.21
CA PRO B 1266 13.73 7.90 29.42
C PRO B 1266 14.16 8.19 27.99
N PRO B 1267 13.24 8.13 27.03
CA PRO B 1267 13.60 8.42 25.64
C PRO B 1267 14.15 9.83 25.50
N SER B 1268 15.12 9.98 24.59
CA SER B 1268 15.76 11.27 24.40
C SER B 1268 14.76 12.34 23.97
N LEU B 1269 13.81 11.97 23.12
CA LEU B 1269 12.77 12.87 22.66
C LEU B 1269 11.41 12.20 22.80
N VAL B 1270 10.39 13.03 23.02
CA VAL B 1270 9.01 12.56 23.12
C VAL B 1270 8.61 12.01 21.76
N PRO B 1271 7.67 11.07 21.69
CA PRO B 1271 7.27 10.53 20.39
C PRO B 1271 6.74 11.62 19.46
N SER B 1272 7.14 11.53 18.19
CA SER B 1272 6.72 12.50 17.18
C SER B 1272 5.56 11.93 16.38
N LEU B 1273 4.39 11.91 17.02
CA LEU B 1273 3.17 11.46 16.39
C LEU B 1273 2.04 12.49 16.43
N LEU B 1274 2.06 13.41 17.37
CA LEU B 1274 1.11 14.50 17.44
C LEU B 1274 1.68 15.80 16.90
N ASP B 1275 2.85 15.76 16.26
CA ASP B 1275 3.45 16.96 15.72
C ASP B 1275 2.61 17.56 14.59
N GLU B 1276 2.00 16.70 13.77
CA GLU B 1276 1.18 17.20 12.67
C GLU B 1276 -0.05 17.93 13.18
N ILE B 1277 -0.72 17.39 14.20
CA ILE B 1277 -1.90 18.04 14.77
C ILE B 1277 -1.52 19.38 15.37
N LEU B 1278 -0.42 19.42 16.12
CA LEU B 1278 -0.01 20.66 16.76
C LEU B 1278 0.41 21.70 15.73
N ALA B 1279 1.06 21.26 14.65
CA ALA B 1279 1.45 22.18 13.60
C ALA B 1279 0.24 22.72 12.86
N GLN B 1280 -0.77 21.89 12.62
CA GLN B 1280 -2.01 22.37 12.00
C GLN B 1280 -2.71 23.38 12.89
N ALA B 1281 -2.75 23.12 14.20
CA ALA B 1281 -3.34 24.08 15.12
C ALA B 1281 -2.59 25.40 15.11
N TYR B 1282 -1.25 25.34 15.09
CA TYR B 1282 -0.44 26.55 15.00
C TYR B 1282 -0.74 27.31 13.71
N THR B 1283 -0.87 26.58 12.60
CA THR B 1283 -1.16 27.20 11.32
C THR B 1283 -2.50 27.92 11.35
N LEU B 1284 -3.52 27.27 11.91
CA LEU B 1284 -4.84 27.90 11.97
C LEU B 1284 -4.82 29.12 12.89
N LEU B 1285 -4.11 29.03 14.02
CA LEU B 1285 -4.03 30.17 14.92
C LEU B 1285 -3.34 31.35 14.28
N ALA B 1286 -2.23 31.12 13.56
CA ALA B 1286 -1.55 32.20 12.88
C ALA B 1286 -2.39 32.78 11.75
N LEU B 1287 -3.11 31.92 11.01
CA LEU B 1287 -3.97 32.39 9.94
C LEU B 1287 -5.10 33.26 10.48
N GLU B 1288 -5.64 32.90 11.65
CA GLU B 1288 -6.65 33.76 12.28
C GLU B 1288 -6.02 35.05 12.78
N GLY B 1289 -4.80 34.98 13.31
CA GLY B 1289 -4.11 36.19 13.73
C GLY B 1289 -3.86 37.16 12.60
N LEU B 1290 -3.76 36.64 11.37
CA LEU B 1290 -3.71 37.52 10.21
C LEU B 1290 -4.91 38.46 10.17
N ASN B 1291 -6.10 37.94 10.43
CA ASN B 1291 -7.31 38.76 10.42
C ASN B 1291 -7.34 39.79 11.54
N GLN B 1292 -6.59 39.56 12.62
CA GLN B 1292 -6.65 40.41 13.81
C GLN B 1292 -5.24 40.85 14.17
N PRO B 1293 -4.69 41.83 13.44
CA PRO B 1293 -3.36 42.35 13.81
C PRO B 1293 -3.33 43.04 15.16
N SER B 1294 -4.48 43.48 15.67
CA SER B 1294 -4.50 44.16 16.97
C SER B 1294 -4.09 43.23 18.10
N ASN B 1295 -4.54 41.97 18.04
CA ASN B 1295 -4.23 41.01 19.10
C ASN B 1295 -2.79 40.56 18.98
N GLU B 1296 -1.97 40.88 19.98
CA GLU B 1296 -0.56 40.50 19.97
C GLU B 1296 -0.33 39.03 20.28
N SER B 1297 -1.28 38.38 20.96
CA SER B 1297 -1.08 37.00 21.36
C SER B 1297 -0.88 36.10 20.16
N LEU B 1298 -1.69 36.28 19.12
CA LEU B 1298 -1.53 35.47 17.91
C LEU B 1298 -0.23 35.82 17.19
N GLN B 1299 0.24 37.06 17.33
CA GLN B 1299 1.56 37.41 16.81
C GLN B 1299 2.64 36.60 17.50
N LYS B 1300 2.52 36.40 18.82
CA LYS B 1300 3.47 35.51 19.50
C LYS B 1300 3.28 34.07 19.07
N VAL B 1301 2.05 33.65 18.79
CA VAL B 1301 1.79 32.28 18.35
C VAL B 1301 2.48 32.01 17.03
N LEU B 1302 2.54 33.00 16.15
CA LEU B 1302 3.25 32.84 14.89
C LEU B 1302 4.71 32.44 15.11
N GLN B 1303 5.42 33.18 15.96
CA GLN B 1303 6.82 32.86 16.23
C GLN B 1303 6.96 31.53 16.96
N SER B 1304 6.05 31.24 17.90
CA SER B 1304 6.10 29.97 18.61
C SER B 1304 5.97 28.80 17.64
N GLY B 1305 5.02 28.89 16.73
CA GLY B 1305 4.87 27.84 15.72
C GLY B 1305 6.07 27.75 14.81
N LEU B 1306 6.68 28.89 14.47
CA LEU B 1306 7.86 28.88 13.63
C LEU B 1306 9.02 28.14 14.31
N LYS B 1307 9.25 28.42 15.60
CA LYS B 1307 10.28 27.67 16.33
C LYS B 1307 9.93 26.19 16.39
N PHE B 1308 8.65 25.88 16.63
CA PHE B 1308 8.24 24.49 16.74
C PHE B 1308 8.51 23.73 15.45
N VAL B 1309 8.23 24.33 14.30
CA VAL B 1309 8.40 23.62 13.04
C VAL B 1309 9.86 23.64 12.59
N ALA B 1310 10.63 24.67 12.98
CA ALA B 1310 12.04 24.72 12.63
C ALA B 1310 12.87 23.76 13.46
N ALA B 1311 12.42 23.45 14.68
CA ALA B 1311 13.09 22.46 15.50
C ALA B 1311 12.90 21.04 14.98
N ARG B 1312 12.00 20.83 14.02
CA ARG B 1312 11.73 19.52 13.45
C ARG B 1312 11.85 19.63 11.93
N ILE B 1313 13.07 19.45 11.43
CA ILE B 1313 13.35 19.48 10.00
C ILE B 1313 13.95 18.13 9.63
N PRO B 1314 13.55 17.52 8.50
CA PRO B 1314 12.59 17.98 7.50
C PRO B 1314 11.24 17.30 7.60
N HIS B 1315 10.65 17.21 8.78
CA HIS B 1315 9.40 16.48 8.95
C HIS B 1315 8.18 17.36 8.70
N LEU B 1316 8.06 18.46 9.42
CA LEU B 1316 6.92 19.35 9.30
C LEU B 1316 7.27 20.52 8.38
N GLU B 1317 7.48 20.19 7.10
CA GLU B 1317 7.83 21.17 6.09
C GLU B 1317 6.61 21.93 5.56
N PRO B 1318 5.49 21.27 5.23
CA PRO B 1318 4.32 22.04 4.77
C PRO B 1318 3.83 23.08 5.77
N TRP B 1319 3.81 22.74 7.06
CA TRP B 1319 3.37 23.70 8.06
C TRP B 1319 4.39 24.81 8.23
N ARG B 1320 5.68 24.50 8.12
CA ARG B 1320 6.70 25.53 8.14
C ARG B 1320 6.54 26.48 6.96
N ALA B 1321 6.22 25.95 5.79
CA ALA B 1321 5.98 26.79 4.62
C ALA B 1321 4.77 27.69 4.83
N SER B 1322 3.69 27.14 5.39
CA SER B 1322 2.50 27.95 5.67
C SER B 1322 2.83 29.06 6.66
N LEU B 1323 3.59 28.74 7.70
CA LEU B 1323 3.93 29.75 8.69
C LEU B 1323 4.86 30.82 8.11
N LEU B 1324 5.77 30.43 7.22
CA LEU B 1324 6.61 31.42 6.54
C LEU B 1324 5.77 32.34 5.66
N LEU B 1325 4.79 31.78 4.95
CA LEU B 1325 3.91 32.61 4.13
C LEU B 1325 3.12 33.59 4.99
N ILE B 1326 2.60 33.12 6.13
CA ILE B 1326 1.86 34.01 7.02
C ILE B 1326 2.79 35.08 7.61
N TRP B 1327 4.03 34.72 7.90
CA TRP B 1327 5.01 35.69 8.39
C TRP B 1327 5.28 36.76 7.34
N ALA B 1328 5.43 36.36 6.08
CA ALA B 1328 5.64 37.32 5.00
C ALA B 1328 4.43 38.25 4.87
N LEU B 1329 3.22 37.68 4.93
CA LEU B 1329 2.03 38.51 4.85
C LEU B 1329 1.94 39.49 6.00
N THR B 1330 2.33 39.06 7.20
CA THR B 1330 2.35 39.96 8.35
C THR B 1330 3.36 41.08 8.14
N LYS B 1331 4.53 40.76 7.60
CA LYS B 1331 5.51 41.81 7.31
C LYS B 1331 5.08 42.72 6.18
N LEU B 1332 4.15 42.28 5.34
CA LEU B 1332 3.65 43.14 4.27
C LEU B 1332 2.96 44.38 4.82
N GLY B 1333 2.08 44.18 5.81
CA GLY B 1333 1.33 45.29 6.38
C GLY B 1333 2.17 46.22 7.22
N THR B 1340 1.96 51.87 -4.55
CA THR B 1340 1.04 51.80 -3.41
C THR B 1340 1.36 50.61 -2.52
N GLN B 1341 2.17 49.68 -3.04
CA GLN B 1341 2.59 48.49 -2.31
C GLN B 1341 4.09 48.32 -2.45
N LEU B 1342 4.62 47.35 -1.71
CA LEU B 1342 6.04 47.03 -1.82
C LEU B 1342 6.39 46.37 -3.14
N PHE B 1343 5.39 45.87 -3.86
CA PHE B 1343 5.61 45.23 -5.16
C PHE B 1343 5.68 46.24 -6.30
N ALA B 1344 5.31 47.50 -6.05
CA ALA B 1344 5.26 48.49 -7.12
C ALA B 1344 6.65 48.72 -7.72
N SER B 1345 7.68 48.70 -6.88
CA SER B 1345 9.04 48.94 -7.35
C SER B 1345 9.57 47.82 -8.23
N SER B 1346 8.93 46.65 -8.24
CA SER B 1346 9.39 45.51 -9.01
C SER B 1346 8.65 45.32 -10.32
N TRP B 1347 7.76 46.24 -10.68
CA TRP B 1347 6.99 46.15 -11.91
C TRP B 1347 7.14 47.44 -12.70
N GLY B 1348 7.09 47.31 -14.02
CA GLY B 1348 7.30 48.45 -14.90
C GLY B 1348 6.10 49.34 -15.10
N TRP B 1349 4.91 48.85 -14.80
CA TRP B 1349 3.68 49.61 -15.02
C TRP B 1349 2.89 49.70 -13.73
N GLN B 1350 2.43 50.90 -13.40
CA GLN B 1350 1.59 51.12 -12.24
C GLN B 1350 0.30 51.82 -12.64
N PRO B 1351 -0.78 51.60 -11.90
CA PRO B 1351 -2.03 52.28 -12.18
C PRO B 1351 -1.83 53.78 -12.35
N PRO B 1352 -2.46 54.39 -13.38
CA PRO B 1352 -2.41 55.84 -13.57
C PRO B 1352 -3.36 56.58 -12.64
N THR B 1581 19.55 40.88 8.95
CA THR B 1581 18.35 41.71 8.87
C THR B 1581 17.60 41.46 7.56
N GLY B 1582 18.24 40.73 6.65
CA GLY B 1582 17.62 40.45 5.37
C GLY B 1582 17.53 41.63 4.44
N LEU B 1583 18.37 42.64 4.62
CA LEU B 1583 18.39 43.86 3.81
C LEU B 1583 17.01 44.52 3.94
N SER B 1584 16.35 44.90 2.85
CA SER B 1584 15.05 45.52 2.93
C SER B 1584 13.97 44.47 3.18
N THR B 1585 12.73 44.93 3.36
CA THR B 1585 11.63 44.02 3.64
C THR B 1585 11.39 43.07 2.47
N LEU B 1586 11.47 43.59 1.24
CA LEU B 1586 11.14 42.77 0.08
C LEU B 1586 12.12 41.61 -0.09
N ASP B 1587 13.41 41.87 0.13
CA ASP B 1587 14.40 40.80 0.00
C ASP B 1587 14.18 39.71 1.06
N SER B 1588 13.86 40.12 2.29
CA SER B 1588 13.58 39.14 3.33
C SER B 1588 12.34 38.32 3.00
N ILE B 1589 11.31 38.96 2.45
CA ILE B 1589 10.11 38.24 2.04
C ILE B 1589 10.45 37.24 0.95
N CYS B 1590 11.27 37.66 -0.02
CA CYS B 1590 11.65 36.75 -1.10
C CYS B 1590 12.43 35.56 -0.56
N ASP B 1591 13.34 35.80 0.39
CA ASP B 1591 14.11 34.70 0.97
C ASP B 1591 13.22 33.71 1.72
N SER B 1592 12.30 34.22 2.55
CA SER B 1592 11.40 33.34 3.28
C SER B 1592 10.51 32.55 2.32
N LEU B 1593 9.97 33.21 1.29
CA LEU B 1593 9.15 32.52 0.32
C LEU B 1593 9.94 31.49 -0.47
N SER B 1594 11.22 31.77 -0.75
CA SER B 1594 12.06 30.78 -1.43
C SER B 1594 12.27 29.56 -0.56
N VAL B 1595 12.50 29.77 0.74
CA VAL B 1595 12.64 28.64 1.66
C VAL B 1595 11.38 27.80 1.67
N ALA B 1596 10.22 28.49 1.72
CA ALA B 1596 8.93 27.78 1.73
C ALA B 1596 8.75 27.00 0.43
N PHE B 1597 9.14 27.60 -0.70
CA PHE B 1597 8.93 26.94 -2.02
C PHE B 1597 9.75 25.66 -2.06
N ARG B 1598 11.04 25.74 -1.71
CA ARG B 1598 11.92 24.55 -1.78
C ARG B 1598 11.56 23.62 -0.61
N GLY B 1599 10.63 24.05 0.25
CA GLY B 1599 10.16 23.19 1.34
C GLY B 1599 8.96 22.40 0.85
N ILE B 1600 8.30 22.87 -0.21
CA ILE B 1600 7.10 22.16 -0.67
C ILE B 1600 7.15 21.77 -2.14
N SER B 1601 8.13 22.27 -2.89
CA SER B 1601 8.12 22.09 -4.35
C SER B 1601 8.07 20.63 -4.78
N HIS B 1602 8.57 19.71 -3.96
CA HIS B 1602 8.67 18.32 -4.35
C HIS B 1602 7.31 17.61 -4.36
N CYS B 1603 6.41 18.02 -3.49
CA CYS B 1603 5.05 17.46 -3.41
C CYS B 1603 4.14 18.53 -2.82
N PRO B 1604 3.73 19.51 -3.62
CA PRO B 1604 3.12 20.71 -3.05
C PRO B 1604 1.64 20.54 -2.81
N PRO B 1605 1.11 21.08 -1.72
CA PRO B 1605 -0.33 21.24 -1.59
C PRO B 1605 -0.88 22.18 -2.65
N SER B 1606 -2.12 21.95 -3.05
CA SER B 1606 -2.69 22.68 -4.18
C SER B 1606 -2.82 24.17 -3.90
N GLY B 1607 -3.22 24.54 -2.69
CA GLY B 1607 -3.46 25.94 -2.39
C GLY B 1607 -2.23 26.71 -1.96
N LEU B 1608 -1.44 26.10 -1.07
CA LEU B 1608 -0.25 26.76 -0.57
C LEU B 1608 0.76 27.01 -1.68
N TYR B 1609 0.88 26.07 -2.62
CA TYR B 1609 1.81 26.26 -3.74
C TYR B 1609 1.40 27.45 -4.57
N ALA B 1610 0.11 27.56 -4.89
CA ALA B 1610 -0.36 28.70 -5.67
C ALA B 1610 -0.15 30.01 -4.92
N HIS B 1611 -0.43 30.02 -3.62
CA HIS B 1611 -0.22 31.22 -2.82
C HIS B 1611 1.24 31.66 -2.85
N LEU B 1612 2.16 30.72 -2.57
CA LEU B 1612 3.57 31.06 -2.56
C LEU B 1612 4.04 31.51 -3.93
N CYS B 1613 3.62 30.81 -4.98
CA CYS B 1613 4.07 31.15 -6.33
C CYS B 1613 3.62 32.55 -6.72
N ARG B 1614 2.36 32.89 -6.45
CA ARG B 1614 1.86 34.20 -6.88
C ARG B 1614 2.42 35.32 -6.00
N PHE B 1615 2.57 35.09 -4.70
CA PHE B 1615 3.18 36.09 -3.84
C PHE B 1615 4.64 36.33 -4.24
N LEU B 1616 5.39 35.26 -4.53
CA LEU B 1616 6.78 35.40 -4.94
C LEU B 1616 6.88 36.08 -6.30
N ALA B 1617 5.97 35.78 -7.21
CA ALA B 1617 5.95 36.47 -8.50
C ALA B 1617 5.70 37.96 -8.32
N LEU B 1618 4.77 38.31 -7.41
CA LEU B 1618 4.55 39.72 -7.12
C LEU B 1618 5.81 40.38 -6.57
N CYS B 1619 6.50 39.70 -5.65
CA CYS B 1619 7.68 40.29 -5.04
C CYS B 1619 8.81 40.43 -6.06
N LEU B 1620 8.93 39.49 -6.98
CA LEU B 1620 10.02 39.51 -7.95
C LEU B 1620 9.74 40.50 -9.08
N GLY B 1621 8.67 40.27 -9.83
CA GLY B 1621 8.33 41.20 -10.90
C GLY B 1621 9.25 41.06 -12.08
N HIS B 1622 9.61 42.20 -12.67
CA HIS B 1622 10.51 42.23 -13.82
C HIS B 1622 11.97 42.15 -13.42
N ARG B 1623 12.27 42.08 -12.13
CA ARG B 1623 13.65 41.86 -11.70
C ARG B 1623 14.18 40.53 -12.20
N ASP B 1624 13.35 39.48 -12.14
CA ASP B 1624 13.66 38.18 -12.70
C ASP B 1624 12.46 37.73 -13.54
N PRO B 1625 12.35 38.21 -14.77
CA PRO B 1625 11.15 37.92 -15.57
C PRO B 1625 10.88 36.45 -15.76
N TYR B 1626 11.93 35.65 -16.01
CA TYR B 1626 11.73 34.23 -16.22
C TYR B 1626 11.23 33.55 -14.95
N ALA B 1627 11.75 33.96 -13.78
CA ALA B 1627 11.27 33.42 -12.53
C ALA B 1627 9.80 33.76 -12.30
N THR B 1628 9.42 35.00 -12.59
CA THR B 1628 8.02 35.40 -12.42
C THR B 1628 7.10 34.60 -13.34
N ALA B 1629 7.50 34.44 -14.60
CA ALA B 1629 6.69 33.67 -15.54
C ALA B 1629 6.59 32.21 -15.10
N PHE B 1630 7.69 31.62 -14.66
CA PHE B 1630 7.67 30.24 -14.18
C PHE B 1630 6.75 30.09 -12.97
N LEU B 1631 6.82 31.04 -12.04
CA LEU B 1631 5.99 30.98 -10.84
C LEU B 1631 4.51 31.11 -11.18
N VAL B 1632 4.17 32.01 -12.10
CA VAL B 1632 2.77 32.17 -12.49
C VAL B 1632 2.28 30.91 -13.22
N THR B 1633 3.15 30.30 -14.02
CA THR B 1633 2.78 29.07 -14.70
C THR B 1633 2.58 27.93 -13.71
N GLU B 1634 3.36 27.91 -12.62
CA GLU B 1634 3.33 26.81 -11.66
C GLU B 1634 2.37 27.05 -10.51
N SER B 1635 1.30 27.82 -10.74
CA SER B 1635 0.29 28.06 -9.71
C SER B 1635 -1.11 27.73 -10.20
N VAL B 1636 -1.24 27.07 -11.35
CA VAL B 1636 -2.54 26.73 -11.93
C VAL B 1636 -2.59 25.23 -12.17
N SER B 1637 -3.68 24.61 -11.73
CA SER B 1637 -3.95 23.19 -11.96
C SER B 1637 -2.84 22.31 -11.39
N ILE B 1638 -2.69 22.36 -10.07
CA ILE B 1638 -1.74 21.49 -9.37
C ILE B 1638 -2.36 20.14 -9.05
N THR B 1639 -3.63 20.13 -8.63
CA THR B 1639 -4.32 18.87 -8.39
C THR B 1639 -4.43 18.07 -9.67
N CYS B 1640 -4.68 18.77 -10.79
CA CYS B 1640 -4.67 18.10 -12.09
C CYS B 1640 -3.30 17.48 -12.37
N ARG B 1641 -2.22 18.16 -11.96
CA ARG B 1641 -0.87 17.64 -12.14
C ARG B 1641 -0.66 16.36 -11.34
N HIS B 1642 -1.10 16.36 -10.07
CA HIS B 1642 -0.98 15.16 -9.25
C HIS B 1642 -1.80 14.01 -9.83
N GLN B 1643 -3.03 14.30 -10.25
CA GLN B 1643 -3.88 13.27 -10.83
C GLN B 1643 -3.28 12.71 -12.11
N LEU B 1644 -2.67 13.57 -12.93
CA LEU B 1644 -2.04 13.09 -14.15
C LEU B 1644 -0.82 12.23 -13.83
N LEU B 1645 -0.06 12.58 -12.80
CA LEU B 1645 1.06 11.74 -12.40
C LEU B 1645 0.59 10.35 -11.98
N THR B 1646 -0.46 10.30 -11.16
CA THR B 1646 -1.00 9.02 -10.72
C THR B 1646 -1.54 8.22 -11.91
N HIS B 1647 -2.25 8.91 -12.82
CA HIS B 1647 -2.79 8.23 -13.99
C HIS B 1647 -1.70 7.69 -14.89
N LEU B 1648 -0.62 8.45 -15.07
CA LEU B 1648 0.50 7.98 -15.87
C LEU B 1648 1.17 6.77 -15.23
N HIS B 1649 1.20 6.72 -13.90
CA HIS B 1649 1.75 5.50 -13.25
C HIS B 1649 0.92 4.29 -13.67
N ARG B 1650 -0.39 4.38 -13.57
CA ARG B 1650 -1.27 3.22 -13.89
C ARG B 1650 -1.06 2.84 -15.35
N GLN B 1651 -1.06 3.84 -16.23
CA GLN B 1651 -0.83 3.57 -17.68
C GLN B 1651 0.53 2.86 -17.84
N LEU B 1652 1.51 3.15 -16.98
CA LEU B 1652 2.79 2.48 -17.09
C LEU B 1652 2.76 1.10 -16.44
N SER B 1653 2.11 0.99 -15.28
CA SER B 1653 1.99 -0.31 -14.63
C SER B 1653 1.18 -1.29 -15.47
N LYS B 1654 0.08 -0.83 -16.06
CA LYS B 1654 -0.73 -1.72 -16.89
C LYS B 1654 0.01 -2.10 -18.18
N ALA B 1655 0.81 -1.18 -18.73
CA ALA B 1655 1.61 -1.52 -19.90
C ALA B 1655 2.69 -2.53 -19.56
N GLN B 1656 3.32 -2.37 -18.40
CA GLN B 1656 4.32 -3.34 -17.96
C GLN B 1656 3.70 -4.70 -17.74
N LYS B 1657 2.49 -4.74 -17.18
CA LYS B 1657 1.78 -6.01 -17.05
C LYS B 1657 1.47 -6.62 -18.41
N HIS B 1658 1.04 -5.80 -19.38
CA HIS B 1658 0.81 -6.30 -20.73
C HIS B 1658 2.13 -6.69 -21.39
N ARG B 1659 3.17 -5.88 -21.23
CA ARG B 1659 4.47 -6.17 -21.82
C ARG B 1659 5.38 -6.89 -20.82
N ASP B 1679 5.60 3.52 -24.32
CA ASP B 1679 5.94 3.91 -22.95
C ASP B 1679 6.87 5.12 -22.94
N VAL B 1680 7.57 5.33 -24.06
CA VAL B 1680 8.44 6.51 -24.17
C VAL B 1680 7.66 7.81 -24.05
N PRO B 1681 6.53 8.02 -24.76
CA PRO B 1681 5.75 9.24 -24.51
C PRO B 1681 5.27 9.36 -23.08
N LEU B 1682 4.90 8.24 -22.45
CA LEU B 1682 4.46 8.30 -21.06
C LEU B 1682 5.60 8.73 -20.14
N ALA B 1683 6.81 8.21 -20.37
CA ALA B 1683 7.96 8.63 -19.57
C ALA B 1683 8.27 10.10 -19.79
N ARG B 1684 8.15 10.58 -21.04
CA ARG B 1684 8.43 11.98 -21.30
C ARG B 1684 7.40 12.89 -20.63
N ILE B 1685 6.13 12.50 -20.65
CA ILE B 1685 5.11 13.29 -19.97
C ILE B 1685 5.32 13.26 -18.47
N GLN B 1686 5.76 12.12 -17.94
CA GLN B 1686 6.09 12.04 -16.51
C GLN B 1686 7.22 13.00 -16.16
N ARG B 1687 8.27 13.04 -16.99
CA ARG B 1687 9.35 14.00 -16.77
C ARG B 1687 8.86 15.44 -16.87
N LEU B 1688 7.94 15.69 -17.80
CA LEU B 1688 7.38 17.02 -17.97
C LEU B 1688 6.61 17.47 -16.73
N PHE B 1689 5.81 16.59 -16.16
CA PHE B 1689 4.96 16.92 -15.02
C PHE B 1689 5.62 16.67 -13.68
N SER B 1690 6.82 16.11 -13.66
CA SER B 1690 7.46 15.75 -12.40
C SER B 1690 7.86 16.98 -11.61
N PHE B 1691 7.79 16.86 -10.29
CA PHE B 1691 8.29 17.88 -9.38
C PHE B 1691 9.76 17.71 -9.07
N ARG B 1692 10.39 16.66 -9.57
CA ARG B 1692 11.77 16.33 -9.21
C ARG B 1692 12.66 16.19 -10.45
N ALA B 1693 12.30 16.87 -11.53
CA ALA B 1693 13.14 16.89 -12.73
C ALA B 1693 14.17 18.00 -12.70
N LEU B 1694 14.21 18.78 -11.62
CA LEU B 1694 15.14 19.89 -11.52
C LEU B 1694 16.57 19.40 -11.27
N GLU B 1695 17.52 20.27 -11.58
CA GLU B 1695 18.91 20.02 -11.24
C GLU B 1695 19.20 20.58 -9.85
N SER B 1696 20.45 20.48 -9.42
CA SER B 1696 20.84 20.95 -8.10
C SER B 1696 21.37 22.38 -8.19
N GLY B 1697 20.82 23.24 -7.33
CA GLY B 1697 21.27 24.64 -7.30
C GLY B 1697 20.43 25.50 -6.40
N HIS B 1698 20.64 26.81 -6.46
CA HIS B 1698 19.89 27.76 -5.61
C HIS B 1698 18.74 28.39 -6.40
N PHE B 1699 17.66 28.77 -5.71
CA PHE B 1699 16.45 29.33 -6.40
C PHE B 1699 16.74 30.69 -7.01
N PRO B 1700 16.39 30.99 -8.28
CA PRO B 1700 15.66 30.06 -9.13
C PRO B 1700 16.43 29.33 -10.17
N GLN B 1701 17.76 29.28 -10.06
CA GLN B 1701 18.59 28.68 -11.14
C GLN B 1701 17.97 27.37 -11.64
N PRO B 1702 17.85 26.29 -10.83
CA PRO B 1702 17.34 25.03 -11.35
C PRO B 1702 15.96 25.17 -11.97
N GLU B 1703 15.09 25.96 -11.35
CA GLU B 1703 13.69 26.11 -11.83
C GLU B 1703 13.69 26.88 -13.18
N LYS B 1704 14.64 27.79 -13.36
CA LYS B 1704 14.73 28.59 -14.61
C LYS B 1704 15.08 27.67 -15.80
N GLU B 1705 16.24 26.99 -15.78
CA GLU B 1705 16.53 26.18 -16.98
C GLU B 1705 15.40 25.24 -17.34
N SER B 1706 14.70 24.68 -16.35
CA SER B 1706 13.57 23.81 -16.67
C SER B 1706 12.49 24.57 -17.43
N PHE B 1707 12.15 25.78 -16.96
CA PHE B 1707 11.16 26.59 -17.66
C PHE B 1707 11.66 27.05 -19.00
N GLN B 1708 12.96 27.28 -19.16
CA GLN B 1708 13.49 27.67 -20.46
C GLN B 1708 13.36 26.53 -21.46
N GLU B 1709 13.61 25.29 -21.02
CA GLU B 1709 13.38 24.13 -21.89
C GLU B 1709 11.91 24.03 -22.27
N ARG B 1710 11.03 24.20 -21.29
CA ARG B 1710 9.59 24.12 -21.57
C ARG B 1710 9.17 25.19 -22.57
N LEU B 1711 9.71 26.40 -22.41
CA LEU B 1711 9.42 27.48 -23.37
C LEU B 1711 9.96 27.14 -24.75
N ALA B 1712 11.14 26.54 -24.82
CA ALA B 1712 11.68 26.11 -26.10
C ALA B 1712 10.83 25.03 -26.74
N LEU B 1713 10.00 24.34 -25.97
CA LEU B 1713 9.12 23.31 -26.52
C LEU B 1713 7.78 23.86 -27.03
N ILE B 1714 7.57 25.18 -27.00
CA ILE B 1714 6.27 25.74 -27.40
C ILE B 1714 6.05 25.52 -28.90
N PRO B 1715 4.86 25.12 -29.32
CA PRO B 1715 4.58 25.02 -30.76
C PRO B 1715 4.53 26.39 -31.41
N SER B 1716 4.84 26.42 -32.70
CA SER B 1716 4.84 27.68 -33.43
C SER B 1716 3.43 28.22 -33.60
N GLY B 1717 3.30 29.54 -33.55
CA GLY B 1717 2.01 30.19 -33.74
C GLY B 1717 0.99 29.91 -32.65
N VAL B 1718 1.43 29.83 -31.40
CA VAL B 1718 0.54 29.61 -30.26
C VAL B 1718 0.90 30.62 -29.18
N THR B 1719 -0.12 31.29 -28.65
CA THR B 1719 0.04 32.23 -27.56
C THR B 1719 -0.61 31.66 -26.31
N VAL B 1720 0.17 31.56 -25.23
CA VAL B 1720 -0.31 31.02 -23.96
C VAL B 1720 -0.37 32.18 -22.98
N CYS B 1721 -1.58 32.52 -22.54
CA CYS B 1721 -1.80 33.59 -21.58
C CYS B 1721 -2.38 32.98 -20.31
N VAL B 1722 -1.72 33.26 -19.18
CA VAL B 1722 -2.11 32.73 -17.88
C VAL B 1722 -2.67 33.88 -17.06
N LEU B 1723 -3.93 33.77 -16.67
CA LEU B 1723 -4.61 34.78 -15.85
C LEU B 1723 -4.84 34.19 -14.48
N ALA B 1724 -4.08 34.66 -13.50
CA ALA B 1724 -4.18 34.19 -12.13
C ALA B 1724 -4.40 35.38 -11.20
N LEU B 1725 -5.13 35.12 -10.12
CA LEU B 1725 -5.43 36.14 -9.12
C LEU B 1725 -4.49 35.99 -7.92
N ALA B 1726 -3.81 37.08 -7.59
CA ALA B 1726 -2.94 37.10 -6.43
C ALA B 1726 -3.75 37.41 -5.19
N THR B 1727 -3.67 36.53 -4.20
CA THR B 1727 -4.46 36.64 -2.98
C THR B 1727 -3.53 37.02 -1.82
N LEU B 1728 -3.88 38.10 -1.12
CA LEU B 1728 -3.09 38.60 -0.01
C LEU B 1728 -3.58 38.09 1.34
N GLN B 1729 -4.59 37.23 1.36
CA GLN B 1729 -5.08 36.63 2.59
C GLN B 1729 -5.74 35.29 2.23
N PRO B 1730 -5.06 34.17 2.46
CA PRO B 1730 -5.57 32.88 1.99
C PRO B 1730 -6.96 32.58 2.51
N GLY B 1731 -7.79 32.02 1.63
CA GLY B 1731 -9.20 31.84 1.90
C GLY B 1731 -10.08 32.92 1.33
N THR B 1732 -9.52 33.92 0.65
CA THR B 1732 -10.27 35.02 0.05
C THR B 1732 -9.90 35.10 -1.43
N VAL B 1733 -10.46 36.11 -2.09
CA VAL B 1733 -10.22 36.36 -3.51
C VAL B 1733 -9.59 37.74 -3.65
N GLY B 1734 -8.45 37.80 -4.35
CA GLY B 1734 -7.74 39.04 -4.50
C GLY B 1734 -8.22 39.85 -5.69
N ASN B 1735 -7.81 41.12 -5.71
CA ASN B 1735 -8.16 42.05 -6.78
C ASN B 1735 -6.99 42.38 -7.69
N THR B 1736 -5.92 41.60 -7.61
CA THR B 1736 -4.74 41.79 -8.45
C THR B 1736 -4.67 40.66 -9.46
N LEU B 1737 -4.66 41.00 -10.74
CA LEU B 1737 -4.63 40.03 -11.82
C LEU B 1737 -3.22 39.90 -12.37
N LEU B 1738 -2.69 38.69 -12.37
CA LEU B 1738 -1.37 38.40 -12.90
C LEU B 1738 -1.52 37.81 -14.29
N LEU B 1739 -0.99 38.50 -15.30
CA LEU B 1739 -1.07 38.07 -16.69
C LEU B 1739 0.33 37.78 -17.17
N THR B 1740 0.55 36.56 -17.69
CA THR B 1740 1.82 36.15 -18.25
C THR B 1740 1.60 35.61 -19.65
N ARG B 1741 2.27 36.19 -20.63
CA ARG B 1741 2.17 35.78 -22.02
C ARG B 1741 3.42 35.01 -22.42
N LEU B 1742 3.23 33.84 -23.00
CA LEU B 1742 4.33 32.97 -23.41
C LEU B 1742 4.19 32.65 -24.88
N GLU B 1743 5.28 32.81 -25.63
CA GLU B 1743 5.27 32.53 -27.06
C GLU B 1743 6.64 32.02 -27.46
N LYS B 1744 6.69 31.23 -28.52
CA LYS B 1744 7.95 30.65 -28.98
C LYS B 1744 8.86 31.75 -29.52
N ASP B 1745 10.15 31.65 -29.15
CA ASP B 1745 11.18 32.60 -29.57
C ASP B 1745 10.81 34.03 -29.17
N SER B 1746 10.21 34.17 -27.99
CA SER B 1746 9.88 35.47 -27.46
C SER B 1746 10.00 35.38 -25.94
N PRO B 1747 10.74 36.30 -25.32
CA PRO B 1747 10.85 36.30 -23.85
C PRO B 1747 9.49 36.46 -23.21
N PRO B 1748 9.24 35.79 -22.08
CA PRO B 1748 7.94 35.90 -21.42
C PRO B 1748 7.67 37.34 -20.98
N VAL B 1749 6.40 37.73 -21.09
CA VAL B 1749 5.96 39.07 -20.69
C VAL B 1749 4.93 38.90 -19.58
N SER B 1750 5.17 39.55 -18.44
CA SER B 1750 4.30 39.46 -17.29
C SER B 1750 3.87 40.86 -16.87
N VAL B 1751 2.64 40.96 -16.39
CA VAL B 1751 2.06 42.24 -15.99
C VAL B 1751 1.15 42.02 -14.79
N GLN B 1752 0.97 43.09 -14.02
CA GLN B 1752 0.13 43.09 -12.83
C GLN B 1752 -0.92 44.19 -12.97
N ILE B 1753 -2.18 43.84 -12.75
CA ILE B 1753 -3.29 44.78 -12.88
C ILE B 1753 -4.02 44.83 -11.54
N PRO B 1754 -3.72 45.83 -10.70
CA PRO B 1754 -4.46 46.01 -9.46
C PRO B 1754 -5.83 46.61 -9.73
N THR B 1755 -6.88 45.82 -9.52
CA THR B 1755 -8.25 46.25 -9.78
C THR B 1755 -8.99 46.68 -8.53
N GLY B 1756 -8.33 46.71 -7.37
CA GLY B 1756 -9.02 47.04 -6.13
C GLY B 1756 -9.20 48.52 -5.89
N GLN B 1757 -8.31 49.35 -6.45
CA GLN B 1757 -8.37 50.78 -6.15
C GLN B 1757 -9.54 51.45 -6.87
N ASN B 1758 -9.89 50.98 -8.06
CA ASN B 1758 -10.98 51.56 -8.82
C ASN B 1758 -12.25 50.75 -8.61
N LYS B 1759 -13.38 51.37 -8.92
CA LYS B 1759 -14.65 50.68 -8.86
C LYS B 1759 -14.69 49.55 -9.87
N LEU B 1760 -15.65 48.64 -9.73
CA LEU B 1760 -15.71 47.46 -10.64
C LEU B 1760 -14.39 46.66 -10.51
N HIS B 1761 -14.18 46.04 -9.34
CA HIS B 1761 -12.97 45.20 -9.14
C HIS B 1761 -13.30 43.77 -9.56
N LEU B 1762 -12.29 42.91 -9.69
CA LEU B 1762 -12.54 41.52 -10.19
C LEU B 1762 -13.44 40.76 -9.21
N ARG B 1763 -13.38 41.11 -7.92
CA ARG B 1763 -14.25 40.48 -6.93
C ARG B 1763 -15.70 40.87 -7.16
N SER B 1764 -15.95 42.14 -7.51
CA SER B 1764 -17.30 42.57 -7.84
C SER B 1764 -17.83 41.83 -9.06
N VAL B 1765 -16.99 41.63 -10.07
CA VAL B 1765 -17.41 40.90 -11.27
C VAL B 1765 -17.77 39.47 -10.92
N LEU B 1766 -16.96 38.80 -10.09
CA LEU B 1766 -17.27 37.44 -9.68
C LEU B 1766 -18.56 37.39 -8.88
N ASN B 1767 -18.77 38.36 -8.00
CA ASN B 1767 -20.01 38.41 -7.22
C ASN B 1767 -21.22 38.60 -8.14
N GLU B 1768 -21.10 39.47 -9.14
CA GLU B 1768 -22.21 39.70 -10.06
C GLU B 1768 -22.50 38.46 -10.90
N PHE B 1769 -21.46 37.74 -11.32
CA PHE B 1769 -21.67 36.49 -12.04
C PHE B 1769 -22.39 35.46 -11.18
N ASP B 1770 -21.99 35.34 -9.91
CA ASP B 1770 -22.66 34.43 -9.00
C ASP B 1770 -24.12 34.83 -8.78
N ALA B 1771 -24.37 36.13 -8.66
CA ALA B 1771 -25.74 36.61 -8.50
C ALA B 1771 -26.58 36.31 -9.74
N ILE B 1772 -25.99 36.45 -10.92
CA ILE B 1772 -26.71 36.13 -12.15
C ILE B 1772 -27.08 34.65 -12.18
N GLN B 1773 -26.14 33.78 -11.80
CA GLN B 1773 -26.44 32.35 -11.76
C GLN B 1773 -27.54 32.04 -10.75
N LYS B 1774 -27.48 32.65 -9.56
CA LYS B 1774 -28.50 32.41 -8.55
C LYS B 1774 -29.86 32.89 -9.01
N ALA B 1775 -29.92 34.08 -9.60
CA ALA B 1775 -31.19 34.61 -10.10
C ALA B 1775 -31.76 33.74 -11.22
N GLN B 1776 -30.89 33.24 -12.09
CA GLN B 1776 -31.34 32.31 -13.13
C GLN B 1776 -31.92 31.04 -12.52
N LYS B 1777 -31.26 30.50 -11.50
CA LYS B 1777 -31.81 29.30 -10.83
C LYS B 1777 -33.22 29.64 -10.33
N GLU B 1778 -33.35 30.73 -9.56
CA GLU B 1778 -34.68 31.04 -9.02
C GLU B 1778 -35.71 31.22 -10.12
N ASN B 1779 -35.34 31.89 -11.21
CA ASN B 1779 -36.30 32.18 -12.28
C ASN B 1779 -36.65 30.96 -13.10
N SER B 1780 -35.82 29.92 -13.07
CA SER B 1780 -36.10 28.73 -13.88
C SER B 1780 -37.37 28.01 -13.45
N SER B 1781 -37.83 28.21 -12.22
CA SER B 1781 -39.00 27.50 -11.70
C SER B 1781 -40.28 28.31 -11.80
N CYS B 1782 -40.25 29.50 -12.39
CA CYS B 1782 -41.44 30.33 -12.46
C CYS B 1782 -42.42 29.76 -13.48
N THR B 1783 -43.70 29.64 -13.07
CA THR B 1783 -44.72 29.06 -13.97
C THR B 1783 -45.18 30.09 -14.98
N ASP B 1784 -45.29 31.36 -14.58
CA ASP B 1784 -45.78 32.43 -15.49
C ASP B 1784 -44.85 32.54 -16.71
N LYS B 1785 -45.39 32.89 -17.87
CA LYS B 1785 -44.51 33.06 -19.06
C LYS B 1785 -44.10 34.53 -19.22
N ARG B 1786 -44.91 35.45 -18.70
CA ARG B 1786 -44.65 36.90 -18.95
C ARG B 1786 -43.61 37.40 -17.93
N GLU B 1787 -43.43 36.67 -16.83
CA GLU B 1787 -42.39 37.05 -15.88
C GLU B 1787 -41.08 36.33 -16.16
N TRP B 1788 -41.17 35.07 -16.60
CA TRP B 1788 -40.00 34.29 -16.94
C TRP B 1788 -39.18 34.98 -18.03
N TRP B 1789 -39.82 35.39 -19.10
CA TRP B 1789 -39.10 36.02 -20.21
C TRP B 1789 -38.49 37.36 -19.79
N THR B 1790 -39.21 38.14 -19.00
CA THR B 1790 -38.67 39.41 -18.53
C THR B 1790 -37.44 39.21 -17.66
N GLY B 1791 -37.49 38.23 -16.76
CA GLY B 1791 -36.32 37.93 -15.95
C GLY B 1791 -35.15 37.46 -16.79
N ARG B 1792 -35.42 36.63 -17.79
CA ARG B 1792 -34.35 36.16 -18.67
C ARG B 1792 -33.71 37.32 -19.43
N LEU B 1793 -34.52 38.25 -19.92
CA LEU B 1793 -33.98 39.41 -20.64
C LEU B 1793 -33.15 40.29 -19.73
N ALA B 1794 -33.62 40.53 -18.51
CA ALA B 1794 -32.83 41.31 -17.56
C ALA B 1794 -31.50 40.64 -17.26
N LEU B 1795 -31.51 39.31 -17.07
CA LEU B 1795 -30.27 38.60 -16.79
C LEU B 1795 -29.33 38.63 -17.98
N ASP B 1796 -29.86 38.53 -19.19
CA ASP B 1796 -29.02 38.64 -20.38
C ASP B 1796 -28.37 40.01 -20.46
N HIS B 1797 -29.12 41.07 -20.16
CA HIS B 1797 -28.52 42.41 -20.17
C HIS B 1797 -27.45 42.54 -19.11
N ARG B 1798 -27.70 42.00 -17.91
CA ARG B 1798 -26.69 42.04 -16.85
C ARG B 1798 -25.42 41.32 -17.28
N MET B 1799 -25.56 40.19 -17.95
CA MET B 1799 -24.38 39.43 -18.34
C MET B 1799 -23.63 40.12 -19.47
N GLU B 1800 -24.35 40.80 -20.36
CA GLU B 1800 -23.71 41.63 -21.37
C GLU B 1800 -22.88 42.73 -20.73
N VAL B 1801 -23.46 43.40 -19.73
CA VAL B 1801 -22.72 44.44 -19.00
C VAL B 1801 -21.50 43.82 -18.32
N LEU B 1802 -21.64 42.60 -17.81
CA LEU B 1802 -20.50 41.95 -17.16
C LEU B 1802 -19.37 41.68 -18.15
N ILE B 1803 -19.68 41.21 -19.35
CA ILE B 1803 -18.65 40.98 -20.36
C ILE B 1803 -17.99 42.29 -20.78
N ALA B 1804 -18.80 43.34 -20.95
CA ALA B 1804 -18.25 44.65 -21.27
C ALA B 1804 -17.30 45.13 -20.18
N SER B 1805 -17.67 44.91 -18.92
CA SER B 1805 -16.79 45.28 -17.81
C SER B 1805 -15.51 44.47 -17.84
N LEU B 1806 -15.60 43.17 -18.14
CA LEU B 1806 -14.42 42.32 -18.27
C LEU B 1806 -13.46 42.90 -19.30
N GLU B 1807 -13.98 43.35 -20.44
CA GLU B 1807 -13.12 43.90 -21.47
C GLU B 1807 -12.56 45.28 -21.08
N LYS B 1808 -13.36 46.10 -20.39
CA LYS B 1808 -13.02 47.50 -20.21
C LYS B 1808 -12.26 47.78 -18.91
N SER B 1809 -12.79 47.37 -17.77
CA SER B 1809 -12.25 47.74 -16.47
C SER B 1809 -11.30 46.71 -15.89
N VAL B 1810 -11.63 45.43 -15.97
CA VAL B 1810 -10.79 44.39 -15.37
C VAL B 1810 -9.43 44.33 -16.05
N LEU B 1811 -9.43 44.34 -17.39
CA LEU B 1811 -8.17 44.26 -18.13
C LEU B 1811 -7.63 45.65 -18.47
N GLY B 1812 -8.43 46.48 -19.13
CA GLY B 1812 -8.00 47.80 -19.50
C GLY B 1812 -7.07 47.81 -20.69
N CYS B 1813 -6.04 48.66 -20.65
CA CYS B 1813 -5.08 48.73 -21.74
C CYS B 1813 -4.43 47.38 -22.00
N TRP B 1814 -4.24 46.57 -20.96
CA TRP B 1814 -3.58 45.27 -21.10
C TRP B 1814 -4.58 44.21 -21.58
N LYS B 1815 -5.18 44.49 -22.74
CA LYS B 1815 -6.09 43.49 -23.37
C LYS B 1815 -5.39 43.04 -24.65
N GLY B 1816 -4.29 43.69 -25.01
CA GLY B 1816 -3.58 43.36 -26.26
C GLY B 1816 -2.54 42.30 -26.03
N LEU B 1817 -2.39 41.86 -24.78
CA LEU B 1817 -1.41 40.81 -24.45
C LEU B 1817 -2.04 39.46 -24.79
N LEU B 1818 -3.26 39.47 -25.34
CA LEU B 1818 -3.97 38.22 -25.67
C LEU B 1818 -4.18 38.16 -27.19
N LEU B 1819 -3.63 39.12 -27.93
CA LEU B 1819 -3.86 39.20 -29.40
C LEU B 1819 -2.60 38.72 -30.15
N PRO B 1820 -2.74 38.18 -31.38
CA PRO B 1820 -1.59 37.69 -32.12
C PRO B 1820 -0.58 38.78 -32.44
N SER B 1821 0.71 38.43 -32.39
CA SER B 1821 1.75 39.39 -32.69
C SER B 1821 1.89 39.57 -34.19
N SER B 1822 2.13 40.82 -34.61
CA SER B 1822 2.27 41.12 -36.03
C SER B 1822 3.56 40.54 -36.57
N GLU B 1823 3.47 39.89 -37.73
CA GLU B 1823 4.66 39.38 -38.41
C GLU B 1823 5.39 40.45 -39.19
N GLU B 1824 4.76 41.60 -39.42
CA GLU B 1824 5.44 42.70 -40.09
C GLU B 1824 6.52 43.29 -39.19
N PRO B 1825 7.59 43.84 -39.78
CA PRO B 1825 8.69 44.35 -38.95
C PRO B 1825 8.40 45.67 -38.25
N GLY B 1826 7.30 46.34 -38.58
CA GLY B 1826 7.02 47.66 -38.07
C GLY B 1826 7.03 47.78 -36.55
N PRO B 1827 6.28 46.91 -35.87
CA PRO B 1827 6.32 46.93 -34.40
C PRO B 1827 7.71 46.70 -33.82
N ALA B 1828 8.53 45.88 -34.47
CA ALA B 1828 9.88 45.63 -33.96
C ALA B 1828 10.72 46.90 -33.99
N GLN B 1829 10.72 47.61 -35.13
CA GLN B 1829 11.48 48.85 -35.22
C GLN B 1829 10.93 49.91 -34.28
N GLU B 1830 9.61 50.01 -34.18
CA GLU B 1830 9.03 51.00 -33.28
C GLU B 1830 9.41 50.71 -31.84
N ALA B 1831 9.40 49.44 -31.44
CA ALA B 1831 9.83 49.07 -30.10
C ALA B 1831 11.31 49.36 -29.90
N SER B 1832 12.13 49.11 -30.92
CA SER B 1832 13.56 49.36 -30.79
C SER B 1832 13.85 50.84 -30.56
N ARG B 1833 13.15 51.72 -31.27
CA ARG B 1833 13.32 53.16 -31.04
C ARG B 1833 12.75 53.55 -29.68
N LEU B 1834 11.55 53.08 -29.37
CA LEU B 1834 10.85 53.55 -28.19
C LEU B 1834 11.44 53.04 -26.89
N GLN B 1835 12.16 51.92 -26.91
CA GLN B 1835 12.82 51.47 -25.69
C GLN B 1835 13.83 52.49 -25.21
N GLU B 1836 14.73 52.91 -26.12
CA GLU B 1836 15.71 53.94 -25.78
C GLU B 1836 15.04 55.28 -25.54
N LEU B 1837 13.98 55.58 -26.29
CA LEU B 1837 13.33 56.88 -26.15
C LEU B 1837 12.46 56.98 -24.90
N LEU B 1838 12.04 55.86 -24.32
CA LEU B 1838 11.18 55.84 -23.14
C LEU B 1838 11.93 55.53 -21.86
N GLN B 1839 13.12 54.92 -21.95
CA GLN B 1839 13.95 54.77 -20.77
C GLN B 1839 14.27 56.12 -20.15
N ASP B 1840 14.28 57.18 -20.96
CA ASP B 1840 14.58 58.52 -20.47
C ASP B 1840 13.38 59.22 -19.85
N CYS B 1841 12.17 58.72 -20.09
CA CYS B 1841 10.95 59.34 -19.56
C CYS B 1841 10.51 58.73 -18.24
N GLY B 1842 11.22 57.76 -17.71
CA GLY B 1842 10.90 57.16 -16.44
C GLY B 1842 10.45 55.72 -16.48
N TRP B 1843 10.77 54.98 -17.54
CA TRP B 1843 10.42 53.57 -17.64
C TRP B 1843 11.51 52.75 -16.97
N LYS B 1844 11.19 52.23 -15.78
CA LYS B 1844 12.20 51.55 -14.97
C LYS B 1844 12.67 50.25 -15.62
N TYR B 1845 11.76 49.51 -16.24
CA TYR B 1845 12.05 48.17 -16.77
C TYR B 1845 11.69 48.15 -18.25
N PRO B 1846 12.61 48.54 -19.16
CA PRO B 1846 12.29 48.57 -20.58
C PRO B 1846 12.17 47.18 -21.15
N ASP B 1847 11.12 46.96 -21.96
CA ASP B 1847 10.90 45.62 -22.58
C ASP B 1847 10.47 45.82 -24.04
N ARG B 1848 11.31 45.38 -24.96
CA ARG B 1848 10.99 45.51 -26.40
C ARG B 1848 9.85 44.55 -26.73
N THR B 1849 9.86 43.36 -26.13
CA THR B 1849 8.83 42.35 -26.46
C THR B 1849 7.48 42.87 -26.03
N LEU B 1850 7.41 43.54 -24.89
CA LEU B 1850 6.10 44.14 -24.48
C LEU B 1850 5.66 45.14 -25.54
N LEU B 1851 6.54 46.09 -25.92
CA LEU B 1851 6.14 47.14 -26.88
C LEU B 1851 5.71 46.45 -28.20
N LYS B 1852 6.46 45.44 -28.64
CA LYS B 1852 6.12 44.79 -29.91
C LYS B 1852 4.70 44.23 -29.87
N ILE B 1853 4.38 43.49 -28.80
CA ILE B 1853 3.02 42.90 -28.65
C ILE B 1853 1.97 44.02 -28.60
N MET B 1854 2.18 45.05 -27.78
CA MET B 1854 1.14 46.10 -27.60
C MET B 1854 0.95 46.92 -28.90
N LEU B 1855 2.02 47.19 -29.64
CA LEU B 1855 1.94 47.99 -30.89
C LEU B 1855 1.41 47.13 -32.06
N SER B 1856 1.60 45.80 -32.02
CA SER B 1856 1.01 44.99 -33.07
C SER B 1856 -0.49 45.23 -33.22
N GLY B 1857 -1.13 45.86 -32.24
CA GLY B 1857 -2.53 46.18 -32.31
C GLY B 1857 -2.77 47.68 -32.28
N ALA B 1858 -1.96 48.43 -33.01
CA ALA B 1858 -2.08 49.89 -33.02
C ALA B 1858 -3.41 50.34 -33.60
N GLY B 1859 -4.02 49.52 -34.46
CA GLY B 1859 -5.31 49.88 -35.04
C GLY B 1859 -6.40 49.99 -33.99
N ALA B 1860 -6.38 49.09 -33.00
CA ALA B 1860 -7.41 49.04 -31.97
C ALA B 1860 -6.98 49.74 -30.69
N LEU B 1861 -5.88 50.49 -30.71
CA LEU B 1861 -5.39 51.19 -29.52
C LEU B 1861 -6.14 52.50 -29.38
N THR B 1862 -7.18 52.49 -28.56
CA THR B 1862 -7.95 53.70 -28.28
C THR B 1862 -7.07 54.71 -27.55
N PRO B 1863 -7.34 56.00 -27.69
CA PRO B 1863 -6.50 57.00 -27.02
C PRO B 1863 -6.54 56.89 -25.50
N GLN B 1864 -7.60 56.35 -24.93
CA GLN B 1864 -7.60 56.06 -23.49
C GLN B 1864 -6.58 54.98 -23.16
N ASP B 1865 -6.47 53.96 -24.02
CA ASP B 1865 -5.47 52.92 -23.79
C ASP B 1865 -4.06 53.49 -23.85
N ILE B 1866 -3.79 54.35 -24.84
CA ILE B 1866 -2.49 54.98 -24.94
C ILE B 1866 -2.22 55.87 -23.73
N GLN B 1867 -3.23 56.62 -23.29
CA GLN B 1867 -3.07 57.47 -22.12
C GLN B 1867 -2.73 56.65 -20.89
N ALA B 1868 -3.46 55.56 -20.66
CA ALA B 1868 -3.17 54.72 -19.49
C ALA B 1868 -1.78 54.10 -19.60
N LEU B 1869 -1.42 53.58 -20.78
CA LEU B 1869 -0.13 52.95 -20.95
C LEU B 1869 1.01 53.91 -20.69
N ALA B 1870 0.91 55.12 -21.25
CA ALA B 1870 1.98 56.11 -21.06
C ALA B 1870 2.03 56.60 -19.62
N TYR B 1871 0.86 56.92 -19.03
CA TYR B 1871 0.84 57.48 -17.69
C TYR B 1871 1.23 56.47 -16.62
N GLY B 1872 1.14 55.18 -16.93
CA GLY B 1872 1.60 54.19 -15.97
C GLY B 1872 3.04 53.75 -16.20
N LEU B 1873 3.40 53.54 -17.46
CA LEU B 1873 4.74 53.05 -17.78
C LEU B 1873 5.79 54.11 -17.54
N CYS B 1874 5.47 55.38 -17.80
CA CYS B 1874 6.40 56.50 -17.66
C CYS B 1874 5.75 57.58 -16.82
N PRO B 1875 5.82 57.46 -15.49
CA PRO B 1875 5.12 58.43 -14.64
C PRO B 1875 5.87 59.74 -14.43
N THR B 1876 7.19 59.77 -14.67
CA THR B 1876 7.93 61.01 -14.49
C THR B 1876 7.61 62.02 -15.59
N GLN B 1877 7.55 61.56 -16.84
CA GLN B 1877 7.19 62.40 -17.99
C GLN B 1877 6.04 61.72 -18.73
N PRO B 1878 4.81 61.91 -18.25
CA PRO B 1878 3.68 61.21 -18.90
C PRO B 1878 3.32 61.79 -20.25
N GLU B 1879 3.30 63.13 -20.37
CA GLU B 1879 2.88 63.76 -21.62
C GLU B 1879 3.80 63.38 -22.77
N ARG B 1880 5.11 63.41 -22.51
CA ARG B 1880 6.07 63.08 -23.57
C ARG B 1880 5.91 61.63 -24.00
N ALA B 1881 5.79 60.72 -23.04
CA ALA B 1881 5.60 59.30 -23.37
C ALA B 1881 4.33 59.11 -24.18
N GLN B 1882 3.26 59.83 -23.82
CA GLN B 1882 2.02 59.77 -24.60
C GLN B 1882 2.26 60.26 -26.02
N GLU B 1883 3.06 61.32 -26.18
CA GLU B 1883 3.31 61.86 -27.51
C GLU B 1883 4.04 60.84 -28.39
N LEU B 1884 5.11 60.24 -27.85
CA LEU B 1884 5.82 59.22 -28.63
C LEU B 1884 4.96 57.99 -28.91
N LEU B 1885 4.14 57.54 -27.94
CA LEU B 1885 3.29 56.39 -28.20
C LEU B 1885 2.24 56.72 -29.27
N ASN B 1886 1.68 57.92 -29.23
CA ASN B 1886 0.72 58.33 -30.25
C ASN B 1886 1.37 58.39 -31.62
N GLU B 1887 2.60 58.91 -31.69
CA GLU B 1887 3.30 58.97 -32.96
C GLU B 1887 3.60 57.57 -33.49
N ALA B 1888 3.98 56.65 -32.60
CA ALA B 1888 4.23 55.27 -33.03
C ALA B 1888 2.96 54.61 -33.53
N VAL B 1889 1.84 54.84 -32.86
CA VAL B 1889 0.57 54.28 -33.31
C VAL B 1889 0.19 54.86 -34.67
N GLY B 1890 0.38 56.16 -34.83
CA GLY B 1890 0.10 56.79 -36.12
C GLY B 1890 0.95 56.22 -37.24
N ARG B 1891 2.22 55.95 -36.96
CA ARG B 1891 3.07 55.34 -37.98
C ARG B 1891 2.68 53.90 -38.25
N LEU B 1892 2.18 53.18 -37.24
CA LEU B 1892 1.85 51.76 -37.37
C LEU B 1892 0.39 51.51 -37.71
N GLN B 1893 -0.45 52.54 -37.74
CA GLN B 1893 -1.86 52.34 -38.06
C GLN B 1893 -2.01 51.91 -39.51
N GLY B 1894 -2.77 50.85 -39.73
CA GLY B 1894 -2.99 50.35 -41.09
C GLY B 1894 -1.86 49.48 -41.60
N LEU B 1895 -0.61 49.86 -41.28
CA LEU B 1895 0.53 49.09 -41.75
C LEU B 1895 0.51 47.67 -41.22
N THR B 1896 0.17 47.51 -39.94
CA THR B 1896 0.03 46.17 -39.38
C THR B 1896 -1.19 45.48 -39.96
N VAL B 1897 -1.08 44.17 -40.16
CA VAL B 1897 -2.15 43.36 -40.72
C VAL B 1897 -2.42 42.19 -39.78
N PRO B 1898 -3.66 41.67 -39.72
CA PRO B 1898 -3.94 40.56 -38.82
C PRO B 1898 -3.13 39.32 -39.17
N SER B 1899 -2.72 38.58 -38.15
CA SER B 1899 -1.95 37.37 -38.32
C SER B 1899 -2.87 36.15 -38.29
N ASN B 1900 -2.27 34.96 -38.22
CA ASN B 1900 -3.02 33.70 -38.18
C ASN B 1900 -2.37 32.80 -37.14
N SER B 1901 -2.90 32.80 -35.92
CA SER B 1901 -2.35 32.00 -34.84
C SER B 1901 -3.49 31.58 -33.91
N HIS B 1902 -3.12 31.01 -32.77
CA HIS B 1902 -4.07 30.45 -31.82
C HIS B 1902 -3.74 30.93 -30.42
N LEU B 1903 -4.77 31.06 -29.60
CA LEU B 1903 -4.63 31.53 -28.22
C LEU B 1903 -5.12 30.47 -27.26
N VAL B 1904 -4.34 30.20 -26.22
CA VAL B 1904 -4.68 29.26 -25.17
C VAL B 1904 -4.83 30.03 -23.87
N LEU B 1905 -5.95 29.87 -23.19
CA LEU B 1905 -6.24 30.56 -21.95
C LEU B 1905 -6.04 29.61 -20.78
N VAL B 1906 -5.20 30.00 -19.83
CA VAL B 1906 -4.97 29.24 -18.61
C VAL B 1906 -5.43 30.10 -17.44
N LEU B 1907 -6.56 29.73 -16.85
CA LEU B 1907 -7.20 30.53 -15.82
C LEU B 1907 -7.24 29.75 -14.51
N ASP B 1908 -7.19 30.48 -13.41
CA ASP B 1908 -7.20 29.85 -12.09
C ASP B 1908 -8.63 29.47 -11.72
N LYS B 1909 -8.81 28.97 -10.48
CA LYS B 1909 -10.07 28.38 -10.08
C LYS B 1909 -11.21 29.39 -10.03
N ASP B 1910 -10.92 30.67 -9.96
CA ASP B 1910 -11.95 31.69 -9.89
C ASP B 1910 -12.31 32.28 -11.25
N LEU B 1911 -11.39 32.26 -12.20
CA LEU B 1911 -11.60 32.93 -13.48
C LEU B 1911 -12.18 32.03 -14.57
N GLN B 1912 -12.29 30.71 -14.37
CA GLN B 1912 -12.89 29.92 -15.43
C GLN B 1912 -14.38 30.19 -15.55
N LYS B 1913 -15.00 30.68 -14.48
CA LYS B 1913 -16.44 30.93 -14.51
C LYS B 1913 -16.79 32.02 -15.50
N LEU B 1914 -15.97 33.06 -15.59
CA LEU B 1914 -16.30 34.19 -16.44
C LEU B 1914 -16.10 33.83 -17.90
N PRO B 1915 -16.96 34.32 -18.79
CA PRO B 1915 -16.84 34.04 -20.25
C PRO B 1915 -15.86 34.98 -20.96
N TRP B 1916 -14.57 34.65 -20.84
CA TRP B 1916 -13.54 35.49 -21.43
C TRP B 1916 -13.57 35.46 -22.95
N GLU B 1917 -13.99 34.34 -23.54
CA GLU B 1917 -14.05 34.22 -24.99
C GLU B 1917 -15.10 35.13 -25.61
N SER B 1918 -16.02 35.65 -24.82
CA SER B 1918 -17.12 36.47 -25.32
C SER B 1918 -16.82 37.96 -25.24
N MET B 1919 -15.61 38.35 -24.84
CA MET B 1919 -15.24 39.75 -24.85
C MET B 1919 -15.16 40.26 -26.29
N PRO B 1920 -15.39 41.56 -26.51
CA PRO B 1920 -15.36 42.09 -27.87
C PRO B 1920 -14.05 41.87 -28.60
N SER B 1921 -12.92 41.93 -27.88
CA SER B 1921 -11.63 41.74 -28.53
C SER B 1921 -11.44 40.29 -28.99
N LEU B 1922 -11.94 39.34 -28.21
CA LEU B 1922 -11.72 37.92 -28.48
C LEU B 1922 -12.86 37.27 -29.26
N GLN B 1923 -13.84 38.05 -29.71
CA GLN B 1923 -15.01 37.48 -30.36
C GLN B 1923 -14.76 37.06 -31.80
N ALA B 1924 -13.59 37.37 -32.36
CA ALA B 1924 -13.25 37.00 -33.73
C ALA B 1924 -11.95 36.22 -33.81
N LEU B 1925 -11.58 35.53 -32.74
CA LEU B 1925 -10.32 34.80 -32.68
C LEU B 1925 -10.55 33.37 -32.25
N PRO B 1926 -9.68 32.44 -32.67
CA PRO B 1926 -9.71 31.07 -32.14
C PRO B 1926 -9.08 31.02 -30.76
N VAL B 1927 -9.91 30.83 -29.74
CA VAL B 1927 -9.49 30.81 -28.35
C VAL B 1927 -9.94 29.50 -27.72
N THR B 1928 -9.03 28.80 -27.05
CA THR B 1928 -9.34 27.60 -26.31
C THR B 1928 -8.80 27.73 -24.89
N ARG B 1929 -9.15 26.75 -24.06
CA ARG B 1929 -8.71 26.68 -22.68
C ARG B 1929 -7.93 25.40 -22.44
N LEU B 1930 -6.94 25.48 -21.55
CA LEU B 1930 -6.20 24.32 -21.11
C LEU B 1930 -5.95 24.44 -19.62
N PRO B 1931 -5.91 23.33 -18.90
CA PRO B 1931 -5.60 23.41 -17.46
C PRO B 1931 -4.24 24.03 -17.17
N SER B 1932 -3.24 23.76 -18.00
CA SER B 1932 -1.90 24.29 -17.79
C SER B 1932 -1.14 24.30 -19.10
N PHE B 1933 -0.02 25.03 -19.09
CA PHE B 1933 0.91 25.05 -20.21
C PHE B 1933 1.54 23.67 -20.45
N ARG B 1934 1.77 22.93 -19.36
CA ARG B 1934 2.30 21.57 -19.48
C ARG B 1934 1.36 20.70 -20.30
N PHE B 1935 0.06 20.99 -20.31
CA PHE B 1935 -0.85 20.19 -21.11
C PHE B 1935 -0.68 20.47 -22.60
N LEU B 1936 -0.39 21.72 -22.97
CA LEU B 1936 -0.06 22.02 -24.35
C LEU B 1936 1.21 21.30 -24.77
N LEU B 1937 2.21 21.28 -23.88
CA LEU B 1937 3.43 20.54 -24.18
C LEU B 1937 3.15 19.04 -24.33
N SER B 1938 2.28 18.50 -23.48
CA SER B 1938 1.91 17.08 -23.57
C SER B 1938 1.19 16.79 -24.88
N TYR B 1939 0.31 17.69 -25.31
CA TYR B 1939 -0.35 17.53 -26.61
C TYR B 1939 0.68 17.51 -27.73
N SER B 1940 1.67 18.39 -27.67
CA SER B 1940 2.72 18.39 -28.68
C SER B 1940 3.47 17.06 -28.69
N ILE B 1941 3.81 16.53 -27.51
CA ILE B 1941 4.53 15.26 -27.43
C ILE B 1941 3.71 14.13 -28.02
N ILE B 1942 2.42 14.06 -27.63
CA ILE B 1942 1.55 12.99 -28.12
C ILE B 1942 1.39 13.08 -29.63
N LYS B 1943 1.24 14.29 -30.16
CA LYS B 1943 1.16 14.47 -31.60
C LYS B 1943 2.45 14.04 -32.29
N GLU B 1944 3.60 14.31 -31.66
CA GLU B 1944 4.87 13.87 -32.21
C GLU B 1944 4.93 12.36 -32.30
N TYR B 1945 4.44 11.66 -31.27
CA TYR B 1945 4.46 10.20 -31.27
C TYR B 1945 3.26 9.58 -31.96
N GLY B 1946 2.38 10.38 -32.56
CA GLY B 1946 1.28 9.83 -33.35
C GLY B 1946 0.23 9.09 -32.56
N ALA B 1947 -0.14 9.59 -31.38
CA ALA B 1947 -1.17 8.97 -30.55
C ALA B 1947 -2.45 9.78 -30.52
N SER B 1948 -2.55 10.85 -31.32
CA SER B 1948 -3.74 11.70 -31.38
C SER B 1948 -4.13 11.85 -32.85
N PRO B 1949 -4.86 10.87 -33.40
CA PRO B 1949 -5.20 10.92 -34.83
C PRO B 1949 -6.02 12.15 -35.21
N VAL B 1950 -6.87 12.63 -34.31
CA VAL B 1950 -7.70 13.80 -34.62
C VAL B 1950 -6.85 15.04 -34.78
N LEU B 1951 -5.87 15.24 -33.89
CA LEU B 1951 -5.00 16.40 -33.97
C LEU B 1951 -4.04 16.33 -35.14
N SER B 1952 -3.82 15.14 -35.71
CA SER B 1952 -2.85 14.95 -36.78
C SER B 1952 -3.50 15.01 -38.16
N GLN B 1953 -4.50 14.16 -38.39
CA GLN B 1953 -5.17 14.10 -39.70
C GLN B 1953 -6.39 15.02 -39.74
N GLY B 1954 -7.34 14.81 -38.84
CA GLY B 1954 -8.54 15.61 -38.81
C GLY B 1954 -9.76 14.78 -38.45
N VAL B 1955 -10.88 15.46 -38.17
CA VAL B 1955 -12.11 14.77 -37.81
C VAL B 1955 -12.77 14.26 -39.08
N ASP B 1956 -13.04 12.95 -39.12
CA ASP B 1956 -13.79 12.37 -40.22
C ASP B 1956 -15.28 12.46 -39.92
N PRO B 1957 -16.06 13.20 -40.73
CA PRO B 1957 -17.48 13.39 -40.41
C PRO B 1957 -18.32 12.13 -40.58
N ARG B 1958 -17.76 11.04 -41.06
CA ARG B 1958 -18.48 9.79 -41.21
C ARG B 1958 -18.42 8.91 -39.97
N SER B 1959 -17.78 9.39 -38.90
CA SER B 1959 -17.61 8.63 -37.66
C SER B 1959 -18.08 9.50 -36.51
N THR B 1960 -19.36 9.38 -36.16
CA THR B 1960 -19.95 10.18 -35.09
C THR B 1960 -20.95 9.34 -34.32
N PHE B 1961 -20.88 9.43 -32.99
CA PHE B 1961 -21.80 8.76 -32.09
C PHE B 1961 -22.56 9.83 -31.32
N TYR B 1962 -23.89 9.77 -31.37
CA TYR B 1962 -24.73 10.78 -30.75
C TYR B 1962 -25.65 10.15 -29.71
N VAL B 1963 -25.76 10.82 -28.57
CA VAL B 1963 -26.69 10.44 -27.52
C VAL B 1963 -27.76 11.52 -27.44
N LEU B 1964 -29.01 11.13 -27.69
CA LEU B 1964 -30.12 12.07 -27.83
C LEU B 1964 -31.21 11.71 -26.83
N ASN B 1965 -31.47 12.62 -25.89
CA ASN B 1965 -32.59 12.52 -24.95
C ASN B 1965 -32.61 11.18 -24.25
N PRO B 1966 -31.69 10.92 -23.32
CA PRO B 1966 -31.59 9.58 -22.72
C PRO B 1966 -32.77 9.21 -21.84
N HIS B 1967 -33.18 10.11 -20.94
CA HIS B 1967 -34.19 9.79 -19.94
C HIS B 1967 -35.57 10.32 -20.30
N ASN B 1968 -35.75 10.83 -21.53
CA ASN B 1968 -37.06 11.26 -22.03
C ASN B 1968 -37.68 12.37 -21.18
N ASN B 1969 -36.86 13.35 -20.81
CA ASN B 1969 -37.37 14.57 -20.17
C ASN B 1969 -37.54 15.72 -21.14
N LEU B 1970 -36.95 15.65 -22.32
CA LEU B 1970 -36.99 16.73 -23.30
C LEU B 1970 -37.63 16.22 -24.57
N SER B 1971 -38.65 16.93 -25.05
CA SER B 1971 -39.33 16.58 -26.29
C SER B 1971 -38.99 17.51 -27.44
N SER B 1972 -38.74 18.79 -27.17
CA SER B 1972 -38.33 19.70 -28.23
C SER B 1972 -36.97 19.31 -28.80
N THR B 1973 -36.03 18.94 -27.93
CA THR B 1973 -34.70 18.55 -28.39
C THR B 1973 -34.77 17.33 -29.29
N GLU B 1974 -35.52 16.31 -28.89
CA GLU B 1974 -35.62 15.11 -29.69
C GLU B 1974 -36.29 15.40 -31.04
N GLU B 1975 -37.40 16.13 -31.01
CA GLU B 1975 -38.11 16.44 -32.25
C GLU B 1975 -37.30 17.35 -33.16
N GLN B 1976 -36.34 18.09 -32.61
CA GLN B 1976 -35.50 18.96 -33.42
C GLN B 1976 -34.28 18.24 -33.99
N PHE B 1977 -33.76 17.23 -33.28
CA PHE B 1977 -32.48 16.65 -33.66
C PHE B 1977 -32.55 15.24 -34.20
N ARG B 1978 -33.65 14.50 -33.98
CA ARG B 1978 -33.66 13.08 -34.30
C ARG B 1978 -33.51 12.84 -35.79
N ALA B 1979 -34.34 13.46 -36.61
CA ALA B 1979 -34.29 13.25 -38.05
C ALA B 1979 -32.98 13.76 -38.63
N ASN B 1980 -32.52 14.93 -38.16
CA ASN B 1980 -31.26 15.48 -38.65
C ASN B 1980 -30.09 14.57 -38.36
N PHE B 1981 -30.04 14.01 -37.15
CA PHE B 1981 -28.92 13.14 -36.78
C PHE B 1981 -29.00 11.80 -37.49
N SER B 1982 -30.20 11.23 -37.62
CA SER B 1982 -30.35 9.93 -38.28
C SER B 1982 -30.03 10.04 -39.76
N SER B 1983 -30.38 11.16 -40.40
CA SER B 1983 -30.19 11.30 -41.83
C SER B 1983 -28.71 11.39 -42.21
N GLU B 1984 -27.84 11.74 -41.28
CA GLU B 1984 -26.42 11.90 -41.59
C GLU B 1984 -25.79 10.56 -41.96
N ALA B 1985 -24.77 10.64 -42.82
CA ALA B 1985 -24.12 9.43 -43.32
C ALA B 1985 -23.09 8.92 -42.32
N GLY B 1986 -23.21 7.64 -41.96
CA GLY B 1986 -22.24 7.00 -41.09
C GLY B 1986 -22.38 7.32 -39.62
N TRP B 1987 -23.45 7.98 -39.20
CA TRP B 1987 -23.66 8.33 -37.81
C TRP B 1987 -24.51 7.27 -37.13
N ARG B 1988 -24.09 6.84 -35.95
CA ARG B 1988 -24.83 5.91 -35.12
C ARG B 1988 -25.01 6.53 -33.74
N GLY B 1989 -25.78 5.86 -32.90
CA GLY B 1989 -25.96 6.33 -31.54
C GLY B 1989 -27.28 5.86 -30.98
N VAL B 1990 -27.71 6.55 -29.92
CA VAL B 1990 -28.91 6.18 -29.19
C VAL B 1990 -29.86 7.37 -29.17
N VAL B 1991 -31.13 7.08 -28.91
CA VAL B 1991 -32.16 8.10 -28.78
C VAL B 1991 -33.34 7.55 -27.98
N GLY B 1992 -33.80 8.32 -27.00
CA GLY B 1992 -34.92 7.92 -26.18
C GLY B 1992 -34.61 6.88 -25.12
N GLU B 1993 -33.36 6.48 -24.98
CA GLU B 1993 -32.96 5.45 -24.03
C GLU B 1993 -31.58 5.78 -23.48
N VAL B 1994 -31.32 5.34 -22.26
CA VAL B 1994 -29.99 5.51 -21.68
C VAL B 1994 -29.01 4.59 -22.43
N PRO B 1995 -27.79 5.03 -22.69
CA PRO B 1995 -26.84 4.17 -23.41
C PRO B 1995 -25.98 3.34 -22.48
N ARG B 1996 -25.69 2.12 -22.94
CA ARG B 1996 -24.88 1.21 -22.16
C ARG B 1996 -23.44 1.71 -22.08
N PRO B 1997 -22.76 1.55 -20.94
CA PRO B 1997 -21.40 2.07 -20.81
C PRO B 1997 -20.41 1.53 -21.82
N GLU B 1998 -20.51 0.24 -22.18
CA GLU B 1998 -19.62 -0.29 -23.20
C GLU B 1998 -19.92 0.27 -24.57
N GLN B 1999 -21.10 0.86 -24.77
CA GLN B 1999 -21.35 1.60 -26.00
C GLN B 1999 -20.64 2.95 -26.00
N VAL B 2000 -20.68 3.67 -24.87
CA VAL B 2000 -20.12 5.01 -24.85
C VAL B 2000 -18.59 4.95 -24.78
N GLN B 2001 -18.02 3.89 -24.19
CA GLN B 2001 -16.57 3.73 -24.24
C GLN B 2001 -16.08 3.59 -25.68
N GLU B 2002 -16.78 2.76 -26.46
CA GLU B 2002 -16.46 2.63 -27.88
C GLU B 2002 -16.71 3.93 -28.61
N ALA B 2003 -17.75 4.68 -28.22
CA ALA B 2003 -18.02 5.96 -28.83
C ALA B 2003 -16.86 6.93 -28.64
N LEU B 2004 -16.29 6.97 -27.44
CA LEU B 2004 -15.18 7.88 -27.19
C LEU B 2004 -13.89 7.38 -27.83
N THR B 2005 -13.66 6.08 -27.85
CA THR B 2005 -12.36 5.57 -28.25
C THR B 2005 -12.23 5.29 -29.74
N LYS B 2006 -13.28 4.80 -30.39
CA LYS B 2006 -13.20 4.37 -31.78
C LYS B 2006 -13.93 5.31 -32.73
N HIS B 2007 -14.22 6.53 -32.31
CA HIS B 2007 -14.91 7.51 -33.14
C HIS B 2007 -14.18 8.84 -33.09
N ASP B 2008 -14.32 9.61 -34.16
CA ASP B 2008 -13.66 10.90 -34.26
C ASP B 2008 -14.50 12.04 -33.69
N LEU B 2009 -15.82 11.89 -33.66
CA LEU B 2009 -16.71 12.90 -33.11
C LEU B 2009 -17.69 12.24 -32.15
N TYR B 2010 -18.08 12.99 -31.13
CA TYR B 2010 -19.02 12.49 -30.13
C TYR B 2010 -19.92 13.66 -29.72
N ILE B 2011 -21.18 13.61 -30.15
CA ILE B 2011 -22.14 14.68 -29.90
C ILE B 2011 -23.10 14.20 -28.82
N TYR B 2012 -23.28 15.03 -27.80
CA TYR B 2012 -24.18 14.72 -26.70
C TYR B 2012 -25.18 15.86 -26.54
N ALA B 2013 -26.47 15.55 -26.72
CA ALA B 2013 -27.56 16.50 -26.58
C ALA B 2013 -28.49 15.97 -25.51
N GLY B 2014 -28.27 16.40 -24.27
CA GLY B 2014 -29.05 15.92 -23.15
C GLY B 2014 -28.81 16.70 -21.88
N HIS B 2015 -28.87 16.00 -20.75
CA HIS B 2015 -28.80 16.64 -19.44
C HIS B 2015 -27.40 16.50 -18.86
N GLY B 2016 -26.82 17.63 -18.47
CA GLY B 2016 -25.50 17.63 -17.89
C GLY B 2016 -24.43 17.21 -18.88
N ALA B 2017 -23.36 16.62 -18.36
CA ALA B 2017 -22.25 16.16 -19.17
C ALA B 2017 -22.33 14.67 -19.45
N GLY B 2018 -23.46 14.03 -19.18
CA GLY B 2018 -23.55 12.60 -19.34
C GLY B 2018 -22.84 11.81 -18.27
N ALA B 2019 -22.64 12.39 -17.09
CA ALA B 2019 -21.91 11.72 -16.03
C ALA B 2019 -22.64 10.51 -15.49
N ARG B 2020 -23.95 10.40 -15.72
CA ARG B 2020 -24.70 9.26 -15.20
C ARG B 2020 -24.24 7.95 -15.83
N PHE B 2021 -23.98 7.95 -17.14
CA PHE B 2021 -23.52 6.76 -17.83
C PHE B 2021 -22.06 6.83 -18.24
N LEU B 2022 -21.41 7.99 -18.12
CA LEU B 2022 -19.98 8.14 -18.41
C LEU B 2022 -19.36 8.95 -17.29
N ASP B 2023 -18.90 8.26 -16.25
CA ASP B 2023 -18.28 8.92 -15.12
C ASP B 2023 -16.87 9.38 -15.48
N GLY B 2024 -16.27 10.16 -14.59
CA GLY B 2024 -14.92 10.62 -14.80
C GLY B 2024 -13.91 9.48 -14.84
N GLN B 2025 -14.11 8.48 -13.98
CA GLN B 2025 -13.20 7.33 -13.96
C GLN B 2025 -13.30 6.54 -15.25
N ALA B 2026 -14.51 6.40 -15.80
CA ALA B 2026 -14.69 5.62 -17.03
C ALA B 2026 -13.94 6.25 -18.19
N VAL B 2027 -14.08 7.57 -18.37
CA VAL B 2027 -13.39 8.25 -19.47
C VAL B 2027 -11.88 8.28 -19.20
N LEU B 2028 -11.49 8.47 -17.93
CA LEU B 2028 -10.08 8.49 -17.59
C LEU B 2028 -9.42 7.13 -17.78
N ARG B 2029 -10.19 6.05 -17.79
CA ARG B 2029 -9.65 4.72 -17.98
C ARG B 2029 -9.47 4.35 -19.44
N LEU B 2030 -9.76 5.26 -20.36
CA LEU B 2030 -9.62 5.02 -21.79
C LEU B 2030 -8.92 6.21 -22.43
N SER B 2031 -8.51 6.02 -23.69
CA SER B 2031 -7.89 7.08 -24.47
C SER B 2031 -8.95 7.76 -25.31
N CYS B 2032 -9.05 9.08 -25.19
CA CYS B 2032 -10.07 9.84 -25.91
C CYS B 2032 -9.58 10.16 -27.32
N ARG B 2033 -10.26 9.60 -28.31
CA ARG B 2033 -9.95 9.82 -29.72
C ARG B 2033 -11.05 10.60 -30.43
N ALA B 2034 -11.97 11.20 -29.68
CA ALA B 2034 -13.11 11.90 -30.25
C ALA B 2034 -13.16 13.32 -29.73
N VAL B 2035 -13.83 14.19 -30.49
CA VAL B 2035 -14.09 15.56 -30.07
C VAL B 2035 -15.44 15.57 -29.35
N ALA B 2036 -15.40 15.80 -28.05
CA ALA B 2036 -16.59 15.70 -27.21
C ALA B 2036 -17.40 16.98 -27.31
N LEU B 2037 -18.57 16.89 -27.94
CA LEU B 2037 -19.51 18.01 -28.05
C LEU B 2037 -20.62 17.77 -27.04
N LEU B 2038 -20.42 18.23 -25.82
CA LEU B 2038 -21.37 18.04 -24.72
C LEU B 2038 -22.19 19.31 -24.58
N PHE B 2039 -23.44 19.25 -25.04
CA PHE B 2039 -24.34 20.41 -25.08
C PHE B 2039 -25.31 20.42 -23.90
N GLY B 2040 -24.92 19.86 -22.77
CA GLY B 2040 -25.75 19.91 -21.58
C GLY B 2040 -25.52 21.18 -20.81
N SER B 2041 -25.98 21.17 -19.56
CA SER B 2041 -25.85 22.32 -18.67
C SER B 2041 -24.63 22.14 -17.78
N SER B 2042 -23.79 23.17 -17.71
CA SER B 2042 -22.55 23.14 -16.93
C SER B 2042 -21.67 21.97 -17.30
N SER B 2043 -21.62 21.66 -18.60
CA SER B 2043 -20.81 20.53 -19.06
C SER B 2043 -19.32 20.83 -18.94
N ALA B 2044 -18.93 22.06 -19.19
CA ALA B 2044 -17.53 22.48 -19.12
C ALA B 2044 -17.29 23.42 -17.94
N ALA B 2045 -17.95 23.15 -16.82
CA ALA B 2045 -17.85 23.97 -15.62
C ALA B 2045 -17.07 23.22 -14.56
N LEU B 2046 -16.21 23.94 -13.84
CA LEU B 2046 -15.41 23.38 -12.76
C LEU B 2046 -16.01 23.85 -11.44
N ALA B 2047 -16.52 22.90 -10.66
CA ALA B 2047 -17.15 23.22 -9.38
C ALA B 2047 -16.07 23.55 -8.35
N VAL B 2048 -16.13 24.75 -7.80
CA VAL B 2048 -15.16 25.22 -6.81
C VAL B 2048 -15.83 25.12 -5.45
N HIS B 2049 -15.45 24.11 -4.68
CA HIS B 2049 -15.97 23.90 -3.33
C HIS B 2049 -14.91 24.36 -2.34
N GLY B 2050 -15.21 25.40 -1.58
CA GLY B 2050 -14.24 25.93 -0.65
C GLY B 2050 -13.03 26.49 -1.37
N ASN B 2051 -11.86 26.33 -0.75
CA ASN B 2051 -10.61 26.78 -1.34
C ASN B 2051 -10.02 25.75 -2.30
N LEU B 2052 -10.67 24.62 -2.48
CA LEU B 2052 -10.16 23.60 -3.39
C LEU B 2052 -10.25 24.07 -4.83
N GLU B 2053 -9.35 23.54 -5.66
CA GLU B 2053 -9.35 23.88 -7.07
C GLU B 2053 -10.59 23.31 -7.76
N GLY B 2054 -10.89 23.86 -8.92
CA GLY B 2054 -12.08 23.43 -9.65
C GLY B 2054 -11.99 21.96 -10.03
N ALA B 2055 -13.13 21.27 -9.95
CA ALA B 2055 -13.23 19.87 -10.30
C ALA B 2055 -14.35 19.70 -11.32
N GLY B 2056 -14.13 18.81 -12.29
CA GLY B 2056 -15.13 18.56 -13.30
C GLY B 2056 -14.71 17.42 -14.19
N ILE B 2057 -15.62 17.04 -15.10
CA ILE B 2057 -15.35 15.96 -16.03
C ILE B 2057 -14.51 16.43 -17.21
N VAL B 2058 -14.44 17.74 -17.45
CA VAL B 2058 -13.61 18.27 -18.53
C VAL B 2058 -12.14 17.94 -18.28
N LEU B 2059 -11.71 17.99 -17.02
CA LEU B 2059 -10.33 17.64 -16.71
C LEU B 2059 -10.07 16.17 -16.99
N LYS B 2060 -11.03 15.30 -16.69
CA LYS B 2060 -10.88 13.88 -17.03
C LYS B 2060 -10.77 13.69 -18.53
N TYR B 2061 -11.61 14.40 -19.29
CA TYR B 2061 -11.54 14.30 -20.75
C TYR B 2061 -10.18 14.77 -21.28
N ILE B 2062 -9.66 15.87 -20.74
CA ILE B 2062 -8.38 16.40 -21.21
C ILE B 2062 -7.24 15.46 -20.86
N MET B 2063 -7.22 14.96 -19.62
CA MET B 2063 -6.16 14.05 -19.21
C MET B 2063 -6.25 12.72 -19.95
N ALA B 2064 -7.45 12.35 -20.42
CA ALA B 2064 -7.60 11.17 -21.26
C ALA B 2064 -7.12 11.38 -22.68
N GLY B 2065 -6.82 12.61 -23.07
CA GLY B 2065 -6.32 12.90 -24.39
C GLY B 2065 -7.34 13.44 -25.38
N CYS B 2066 -8.40 14.09 -24.91
CA CYS B 2066 -9.41 14.63 -25.82
C CYS B 2066 -8.84 15.81 -26.57
N PRO B 2067 -8.91 15.82 -27.90
CA PRO B 2067 -8.39 16.95 -28.67
C PRO B 2067 -9.09 18.26 -28.35
N LEU B 2068 -10.42 18.29 -28.47
CA LEU B 2068 -11.20 19.46 -28.12
C LEU B 2068 -12.45 19.02 -27.36
N PHE B 2069 -12.81 19.79 -26.34
CA PHE B 2069 -13.99 19.53 -25.53
C PHE B 2069 -14.85 20.78 -25.54
N LEU B 2070 -16.05 20.67 -26.10
CA LEU B 2070 -16.98 21.79 -26.14
C LEU B 2070 -18.09 21.56 -25.12
N GLY B 2071 -18.28 22.54 -24.24
CA GLY B 2071 -19.29 22.41 -23.20
C GLY B 2071 -19.74 23.78 -22.72
N ASN B 2072 -20.86 23.76 -22.00
CA ASN B 2072 -21.47 24.98 -21.50
C ASN B 2072 -20.92 25.34 -20.13
N LEU B 2073 -20.66 26.63 -19.92
CA LEU B 2073 -20.08 27.08 -18.67
C LEU B 2073 -21.09 27.12 -17.54
N TRP B 2074 -22.32 27.53 -17.85
CA TRP B 2074 -23.38 27.64 -16.82
C TRP B 2074 -24.62 26.87 -17.27
N ASP B 2075 -25.63 26.80 -16.39
CA ASP B 2075 -26.87 26.04 -16.71
C ASP B 2075 -27.55 26.72 -17.90
N VAL B 2076 -28.11 25.92 -18.80
CA VAL B 2076 -28.73 26.48 -20.03
C VAL B 2076 -30.17 25.98 -20.16
N THR B 2077 -30.96 26.61 -21.03
CA THR B 2077 -32.34 26.14 -21.28
C THR B 2077 -32.28 25.16 -22.43
N ASP B 2078 -33.42 24.82 -23.03
CA ASP B 2078 -33.43 23.79 -24.06
C ASP B 2078 -33.53 24.34 -25.48
N ARG B 2079 -34.50 25.22 -25.75
CA ARG B 2079 -34.71 25.67 -27.13
C ARG B 2079 -33.53 26.50 -27.65
N ASP B 2080 -33.00 27.39 -26.81
CA ASP B 2080 -31.90 28.24 -27.26
C ASP B 2080 -30.63 27.44 -27.52
N ILE B 2081 -30.33 26.47 -26.66
CA ILE B 2081 -29.18 25.62 -26.89
C ILE B 2081 -29.43 24.70 -28.08
N ASP B 2082 -30.67 24.32 -28.32
CA ASP B 2082 -30.99 23.58 -29.55
C ASP B 2082 -30.67 24.43 -30.77
N ARG B 2083 -31.04 25.71 -30.73
CA ARG B 2083 -30.71 26.61 -31.84
C ARG B 2083 -29.20 26.72 -32.03
N TYR B 2084 -28.46 26.88 -30.93
CA TYR B 2084 -27.00 27.00 -31.04
C TYR B 2084 -26.40 25.72 -31.60
N THR B 2085 -26.85 24.57 -31.12
CA THR B 2085 -26.33 23.30 -31.62
C THR B 2085 -26.62 23.13 -33.11
N GLU B 2086 -27.84 23.46 -33.52
CA GLU B 2086 -28.18 23.36 -34.95
C GLU B 2086 -27.29 24.26 -35.78
N ALA B 2087 -27.12 25.51 -35.35
CA ALA B 2087 -26.29 26.46 -36.10
C ALA B 2087 -24.86 25.96 -36.20
N LEU B 2088 -24.29 25.52 -35.06
CA LEU B 2088 -22.91 25.06 -35.05
C LEU B 2088 -22.72 23.85 -35.96
N LEU B 2089 -23.59 22.86 -35.82
CA LEU B 2089 -23.45 21.64 -36.62
C LEU B 2089 -23.63 21.93 -38.10
N GLN B 2090 -24.64 22.72 -38.46
CA GLN B 2090 -24.85 23.03 -39.86
C GLN B 2090 -23.66 23.78 -40.45
N GLY B 2091 -23.18 24.80 -39.74
CA GLY B 2091 -22.05 25.57 -40.25
C GLY B 2091 -20.79 24.75 -40.39
N TRP B 2092 -20.49 23.92 -39.39
CA TRP B 2092 -19.24 23.17 -39.43
C TRP B 2092 -19.30 22.04 -40.46
N LEU B 2093 -20.40 21.28 -40.48
CA LEU B 2093 -20.47 20.14 -41.37
C LEU B 2093 -20.69 20.54 -42.83
N GLY B 2094 -21.37 21.67 -43.07
CA GLY B 2094 -21.57 22.13 -44.43
C GLY B 2094 -20.45 22.95 -44.99
N ALA B 2095 -19.38 23.16 -44.22
CA ALA B 2095 -18.25 23.97 -44.65
C ALA B 2095 -17.23 23.18 -45.45
N GLY B 2096 -17.43 21.88 -45.62
CA GLY B 2096 -16.51 21.07 -46.39
C GLY B 2096 -15.28 20.68 -45.59
N PRO B 2097 -14.34 20.01 -46.24
CA PRO B 2097 -13.11 19.60 -45.55
C PRO B 2097 -12.28 20.80 -45.12
N GLY B 2098 -11.49 20.58 -44.07
CA GLY B 2098 -10.59 21.61 -43.57
C GLY B 2098 -11.30 22.81 -42.96
N ALA B 2099 -12.33 22.58 -42.17
CA ALA B 2099 -13.08 23.65 -41.53
C ALA B 2099 -12.76 23.70 -40.05
N PRO B 2100 -12.12 24.76 -39.55
CA PRO B 2100 -11.90 24.87 -38.11
C PRO B 2100 -13.21 24.94 -37.35
N LEU B 2101 -13.26 24.25 -36.21
CA LEU B 2101 -14.49 24.21 -35.43
C LEU B 2101 -14.69 25.47 -34.60
N LEU B 2102 -13.61 26.11 -34.16
CA LEU B 2102 -13.74 27.25 -33.25
C LEU B 2102 -14.36 28.46 -33.95
N TYR B 2103 -14.04 28.67 -35.22
CA TYR B 2103 -14.65 29.76 -35.98
C TYR B 2103 -16.16 29.62 -36.00
N TYR B 2104 -16.64 28.40 -36.26
CA TYR B 2104 -18.07 28.18 -36.29
C TYR B 2104 -18.69 28.13 -34.91
N VAL B 2105 -17.90 27.83 -33.87
CA VAL B 2105 -18.39 28.00 -32.51
C VAL B 2105 -18.72 29.46 -32.24
N ASN B 2106 -17.77 30.34 -32.56
CA ASN B 2106 -18.00 31.77 -32.34
C ASN B 2106 -19.09 32.32 -33.26
N GLN B 2107 -19.23 31.75 -34.47
CA GLN B 2107 -20.28 32.18 -35.37
C GLN B 2107 -21.66 31.77 -34.85
N ALA B 2108 -21.81 30.51 -34.46
CA ALA B 2108 -23.06 30.01 -33.90
C ALA B 2108 -23.38 30.64 -32.56
N ARG B 2109 -22.42 31.30 -31.92
CA ARG B 2109 -22.72 32.07 -30.71
C ARG B 2109 -23.75 33.16 -30.96
N GLN B 2110 -23.93 33.60 -32.21
CA GLN B 2110 -24.92 34.62 -32.56
C GLN B 2110 -26.28 34.03 -32.89
N ALA B 2111 -26.45 32.71 -32.78
CA ALA B 2111 -27.71 32.04 -33.10
C ALA B 2111 -28.76 32.15 -31.99
N PRO B 2112 -28.41 31.94 -30.71
CA PRO B 2112 -29.46 31.92 -29.69
C PRO B 2112 -30.20 33.25 -29.58
N ARG B 2113 -31.42 33.22 -29.05
CA ARG B 2113 -32.17 34.48 -28.81
C ARG B 2113 -31.44 35.32 -27.74
N LEU B 2114 -31.33 34.80 -26.51
CA LEU B 2114 -30.54 35.51 -25.47
C LEU B 2114 -29.05 35.35 -25.84
N LYS B 2115 -28.52 36.24 -26.68
CA LYS B 2115 -27.15 36.11 -27.17
C LYS B 2115 -26.18 35.82 -26.03
N TYR B 2116 -26.21 36.64 -24.99
CA TYR B 2116 -25.18 36.58 -23.96
C TYR B 2116 -25.51 35.63 -22.82
N LEU B 2117 -26.79 35.33 -22.58
CA LEU B 2117 -27.12 34.40 -21.51
C LEU B 2117 -26.93 32.95 -21.94
N ILE B 2118 -27.11 32.64 -23.22
CA ILE B 2118 -27.00 31.28 -23.73
C ILE B 2118 -25.77 31.12 -24.62
N GLY B 2119 -25.60 32.01 -25.61
CA GLY B 2119 -24.50 31.87 -26.52
C GLY B 2119 -23.13 31.99 -25.87
N ALA B 2120 -23.03 32.79 -24.81
CA ALA B 2120 -21.75 32.93 -24.13
C ALA B 2120 -21.42 31.74 -23.25
N ALA B 2121 -22.37 30.83 -23.03
CA ALA B 2121 -22.10 29.65 -22.20
C ALA B 2121 -21.06 28.72 -22.79
N PRO B 2122 -21.13 28.32 -24.07
CA PRO B 2122 -20.15 27.36 -24.58
C PRO B 2122 -18.72 27.87 -24.51
N ILE B 2123 -17.81 26.97 -24.15
CA ILE B 2123 -16.37 27.23 -24.17
C ILE B 2123 -15.69 25.98 -24.73
N ALA B 2124 -14.42 26.13 -25.07
CA ALA B 2124 -13.64 25.07 -25.68
C ALA B 2124 -12.41 24.77 -24.85
N TYR B 2125 -12.16 23.49 -24.60
CA TYR B 2125 -10.98 23.01 -23.90
C TYR B 2125 -10.15 22.17 -24.85
N GLY B 2126 -8.87 22.51 -25.02
CA GLY B 2126 -8.00 21.73 -25.86
C GLY B 2126 -7.29 22.54 -26.94
N LEU B 2127 -7.21 21.96 -28.13
CA LEU B 2127 -6.52 22.53 -29.27
C LEU B 2127 -7.45 22.60 -30.46
N PRO B 2128 -7.22 23.52 -31.39
CA PRO B 2128 -8.12 23.65 -32.54
C PRO B 2128 -8.16 22.38 -33.38
N VAL B 2129 -9.33 22.09 -33.93
CA VAL B 2129 -9.56 20.92 -34.75
C VAL B 2129 -10.19 21.36 -36.06
N SER B 2130 -9.99 20.54 -37.10
CA SER B 2130 -10.60 20.79 -38.39
C SER B 2130 -10.87 19.46 -39.08
N LEU B 2131 -11.79 19.48 -40.04
CA LEU B 2131 -12.09 18.29 -40.82
C LEU B 2131 -10.93 17.98 -41.76
N ARG B 2132 -10.89 16.72 -42.21
CA ARG B 2132 -9.79 16.26 -43.04
C ARG B 2132 -9.93 16.69 -44.50
ZN ZN C . -8.70 10.88 31.09
#